data_9HRA
#
_entry.id   9HRA
#
_cell.length_a   105.199
_cell.length_b   101.203
_cell.length_c   115.683
_cell.angle_alpha   90.00
_cell.angle_beta   91.15
_cell.angle_gamma   90.00
#
_symmetry.space_group_name_H-M   'P 1 21 1'
#
loop_
_entity.id
_entity.type
_entity.pdbx_description
1 polymer '2-methylisocitrate lyase'
2 non-polymer 'SUCCINIC ACID'
3 non-polymer 'PYRUVIC ACID'
4 non-polymer 1,2-ETHANEDIOL
5 non-polymer 'MAGNESIUM ION'
6 non-polymer 'CHLORIDE ION'
7 non-polymer 'DIMETHYL SULFOXIDE'
8 non-polymer 'TRIETHYLENE GLYCOL'
9 non-polymer DI(HYDROXYETHYL)ETHER
10 water water
#
_entity_poly.entity_id   1
_entity_poly.type   'polypeptide(L)'
_entity_poly.pdbx_seq_one_letter_code
;QSMSPGKLFRQAVANEHPLQIVGAINAYCALLAENVGFKAIYLSGGGVANTLGLPDLGITDLHDVLEDARRITAATHLPL
LVDIDTGFGGAFTIARAIKEMERAQVAAVHMEDQVAQKRCGHRPGKELVNTNEMVDRIKAAVDVKSNDFVLIARTDAYAV
EGLKATIDRACTYVEAGADMIFAEALENINDYPTFCKAVKVPVLANMTEFGKTPLYTAAQLADHGVKMVLYPRSADRAMS
KAALAVYEDIKKHGVQTASLPFMQTREALYEVLNYHAYEDKLNQLFKR
;
_entity_poly.pdbx_strand_id   A,B,D,F,G,I,J,L
#
# COMPACT_ATOMS: atom_id res chain seq x y z
N SER A 2 -43.90 -24.94 10.91
CA SER A 2 -43.97 -26.42 11.11
C SER A 2 -44.12 -27.14 9.78
N MET A 3 -45.06 -26.66 8.96
CA MET A 3 -45.39 -27.20 7.65
C MET A 3 -44.73 -26.34 6.56
N SER A 4 -44.49 -26.94 5.39
CA SER A 4 -43.94 -26.26 4.24
C SER A 4 -45.01 -25.41 3.54
N PRO A 5 -44.63 -24.35 2.78
CA PRO A 5 -45.60 -23.50 2.10
C PRO A 5 -46.59 -24.30 1.24
N GLY A 6 -46.07 -25.26 0.47
CA GLY A 6 -46.89 -26.13 -0.34
C GLY A 6 -47.92 -26.88 0.49
N LYS A 7 -47.48 -27.41 1.64
CA LYS A 7 -48.35 -28.19 2.51
C LYS A 7 -49.47 -27.30 3.06
N LEU A 8 -49.12 -26.05 3.42
CA LEU A 8 -50.06 -25.10 3.97
C LEU A 8 -51.15 -24.78 2.94
N PHE A 9 -50.74 -24.60 1.68
CA PHE A 9 -51.66 -24.35 0.59
C PHE A 9 -52.59 -25.54 0.42
N ARG A 10 -52.00 -26.74 0.37
CA ARG A 10 -52.77 -27.97 0.19
C ARG A 10 -53.82 -28.08 1.29
N GLN A 11 -53.43 -27.73 2.51
CA GLN A 11 -54.31 -27.85 3.66
C GLN A 11 -55.44 -26.83 3.55
N ALA A 12 -55.13 -25.64 3.04
CA ALA A 12 -56.11 -24.57 2.89
C ALA A 12 -57.15 -24.97 1.85
N VAL A 13 -56.70 -25.66 0.79
CA VAL A 13 -57.57 -26.09 -0.28
C VAL A 13 -58.50 -27.20 0.23
N ALA A 14 -57.99 -28.01 1.16
CA ALA A 14 -58.75 -29.14 1.67
C ALA A 14 -59.84 -28.69 2.63
N ASN A 15 -59.53 -27.67 3.45
CA ASN A 15 -60.33 -27.33 4.62
C ASN A 15 -61.39 -26.29 4.28
N GLU A 16 -61.16 -25.48 3.25
CA GLU A 16 -62.07 -24.39 2.91
C GLU A 16 -63.03 -24.84 1.83
N HIS A 17 -64.25 -24.29 1.87
CA HIS A 17 -65.29 -24.68 0.91
C HIS A 17 -65.99 -23.43 0.38
N PRO A 18 -65.41 -22.72 -0.63
CA PRO A 18 -64.09 -23.05 -1.17
C PRO A 18 -63.00 -22.17 -0.54
N LEU A 19 -61.75 -22.39 -0.97
CA LEU A 19 -60.68 -21.48 -0.59
C LEU A 19 -60.75 -20.26 -1.52
N GLN A 20 -61.02 -19.09 -0.92
CA GLN A 20 -60.92 -17.85 -1.67
C GLN A 20 -59.45 -17.42 -1.63
N ILE A 21 -58.89 -17.18 -2.82
CA ILE A 21 -57.53 -16.71 -2.95
C ILE A 21 -57.59 -15.30 -3.53
N VAL A 22 -57.14 -14.32 -2.74
CA VAL A 22 -57.22 -12.92 -3.19
C VAL A 22 -55.86 -12.44 -3.67
N GLY A 23 -55.89 -11.66 -4.75
CA GLY A 23 -54.68 -11.03 -5.27
C GLY A 23 -54.20 -9.91 -4.33
N ALA A 24 -52.89 -9.85 -4.12
CA ALA A 24 -52.21 -8.76 -3.44
C ALA A 24 -50.99 -8.38 -4.27
N ILE A 25 -50.82 -7.09 -4.56
CA ILE A 25 -49.74 -6.68 -5.46
C ILE A 25 -48.45 -6.48 -4.69
N ASN A 26 -48.52 -6.32 -3.37
CA ASN A 26 -47.34 -6.06 -2.58
C ASN A 26 -47.52 -6.64 -1.17
N ALA A 27 -46.44 -6.56 -0.37
CA ALA A 27 -46.43 -7.19 0.95
C ALA A 27 -47.52 -6.60 1.83
N TYR A 28 -47.72 -5.27 1.73
CA TYR A 28 -48.68 -4.62 2.62
C TYR A 28 -50.10 -5.11 2.33
N CYS A 29 -50.44 -5.23 1.04
CA CYS A 29 -51.75 -5.73 0.66
C CYS A 29 -51.94 -7.14 1.21
N ALA A 30 -50.86 -7.94 1.18
CA ALA A 30 -50.90 -9.30 1.68
C ALA A 30 -51.29 -9.27 3.16
N LEU A 31 -50.72 -8.30 3.89
CA LEU A 31 -51.00 -8.19 5.30
C LEU A 31 -52.46 -7.80 5.52
N LEU A 32 -52.98 -6.86 4.71
CA LEU A 32 -54.38 -6.48 4.79
C LEU A 32 -55.27 -7.70 4.57
N ALA A 33 -54.94 -8.50 3.54
CA ALA A 33 -55.72 -9.69 3.24
C ALA A 33 -55.66 -10.66 4.41
N GLU A 34 -54.46 -10.86 4.97
CA GLU A 34 -54.26 -11.74 6.11
C GLU A 34 -55.13 -11.28 7.26
N ASN A 35 -55.19 -9.95 7.44
CA ASN A 35 -55.92 -9.32 8.53
C ASN A 35 -57.40 -9.62 8.43
N VAL A 36 -57.93 -9.58 7.19
CA VAL A 36 -59.35 -9.80 6.94
C VAL A 36 -59.68 -11.28 7.13
N GLY A 37 -58.66 -12.14 7.06
CA GLY A 37 -58.81 -13.53 7.46
C GLY A 37 -58.75 -14.51 6.29
N PHE A 38 -58.20 -14.10 5.15
CA PHE A 38 -58.03 -15.00 4.01
C PHE A 38 -56.94 -16.03 4.33
N LYS A 39 -57.06 -17.23 3.72
CA LYS A 39 -56.21 -18.34 4.09
C LYS A 39 -55.11 -18.54 3.03
N ALA A 40 -55.24 -17.84 1.90
CA ALA A 40 -54.26 -17.91 0.82
C ALA A 40 -54.29 -16.59 0.01
N ILE A 41 -53.15 -16.25 -0.60
CA ILE A 41 -53.02 -15.02 -1.36
C ILE A 41 -52.39 -15.31 -2.71
N TYR A 42 -52.47 -14.32 -3.61
CA TYR A 42 -52.16 -14.53 -5.01
C TYR A 42 -51.33 -13.38 -5.55
N LEU A 43 -50.29 -13.71 -6.34
CA LEU A 43 -49.51 -12.71 -7.05
C LEU A 43 -49.87 -12.79 -8.54
N SER A 44 -50.58 -11.76 -9.02
CA SER A 44 -51.07 -11.70 -10.38
C SER A 44 -49.93 -11.29 -11.33
N GLY A 45 -49.74 -12.09 -12.37
CA GLY A 45 -48.78 -11.79 -13.42
C GLY A 45 -49.11 -10.46 -14.12
N GLY A 46 -50.38 -10.25 -14.42
CA GLY A 46 -50.87 -8.98 -14.95
C GLY A 46 -50.60 -7.85 -13.98
N GLY A 47 -50.78 -8.12 -12.69
CA GLY A 47 -50.49 -7.17 -11.64
C GLY A 47 -49.00 -6.77 -11.65
N VAL A 48 -48.12 -7.78 -11.73
CA VAL A 48 -46.69 -7.54 -11.70
C VAL A 48 -46.31 -6.60 -12.85
N ALA A 49 -46.87 -6.88 -14.03
CA ALA A 49 -46.58 -6.14 -15.24
C ALA A 49 -47.16 -4.72 -15.16
N ASN A 50 -48.48 -4.64 -14.91
CA ASN A 50 -49.19 -3.36 -14.91
C ASN A 50 -48.59 -2.41 -13.88
N THR A 51 -48.15 -2.95 -12.74
CA THR A 51 -47.59 -2.12 -11.68
C THR A 51 -46.29 -1.47 -12.14
N LEU A 52 -45.56 -2.16 -13.02
CA LEU A 52 -44.34 -1.64 -13.63
C LEU A 52 -44.70 -0.68 -14.77
N GLY A 53 -45.99 -0.66 -15.14
CA GLY A 53 -46.46 0.14 -16.26
C GLY A 53 -46.35 -0.60 -17.59
N LEU A 54 -46.28 -1.93 -17.54
CA LEU A 54 -46.22 -2.74 -18.75
C LEU A 54 -47.55 -3.47 -18.93
N PRO A 55 -47.94 -3.77 -20.18
CA PRO A 55 -49.13 -4.60 -20.44
C PRO A 55 -48.83 -6.08 -20.16
N ASP A 56 -49.92 -6.83 -19.91
CA ASP A 56 -49.82 -8.24 -19.54
C ASP A 56 -49.57 -9.09 -20.79
N LEU A 57 -48.40 -8.93 -21.41
CA LEU A 57 -48.12 -9.57 -22.69
C LEU A 57 -46.88 -10.45 -22.62
N GLY A 58 -46.59 -10.99 -21.43
CA GLY A 58 -45.39 -11.80 -21.25
C GLY A 58 -44.10 -11.04 -21.56
N ILE A 59 -44.05 -9.75 -21.18
CA ILE A 59 -42.84 -8.97 -21.32
C ILE A 59 -41.96 -9.21 -20.09
N THR A 60 -42.61 -9.37 -18.94
CA THR A 60 -41.93 -9.63 -17.68
C THR A 60 -41.25 -10.99 -17.73
N ASP A 61 -40.20 -11.15 -16.92
CA ASP A 61 -39.44 -12.40 -16.86
C ASP A 61 -39.45 -12.94 -15.43
N LEU A 62 -38.70 -14.04 -15.21
CA LEU A 62 -38.68 -14.69 -13.92
C LEU A 62 -38.37 -13.69 -12.79
N HIS A 63 -37.48 -12.72 -13.06
CA HIS A 63 -36.98 -11.83 -12.02
C HIS A 63 -38.01 -10.80 -11.61
N ASP A 64 -38.78 -10.29 -12.58
CA ASP A 64 -39.84 -9.33 -12.28
C ASP A 64 -40.80 -9.94 -11.28
N VAL A 65 -41.19 -11.19 -11.52
CA VAL A 65 -42.20 -11.86 -10.71
C VAL A 65 -41.54 -12.31 -9.40
N LEU A 66 -40.35 -12.88 -9.51
CA LEU A 66 -39.66 -13.43 -8.35
C LEU A 66 -39.46 -12.36 -7.29
N GLU A 67 -39.08 -11.16 -7.72
CA GLU A 67 -38.82 -10.07 -6.78
C GLU A 67 -40.10 -9.74 -6.01
N ASP A 68 -41.22 -9.61 -6.73
CA ASP A 68 -42.49 -9.26 -6.12
C ASP A 68 -42.92 -10.38 -5.18
N ALA A 69 -42.62 -11.63 -5.54
CA ALA A 69 -43.02 -12.77 -4.74
C ALA A 69 -42.24 -12.80 -3.43
N ARG A 70 -40.92 -12.56 -3.55
CA ARG A 70 -40.04 -12.59 -2.39
C ARG A 70 -40.50 -11.57 -1.34
N ARG A 71 -40.83 -10.35 -1.81
CA ARG A 71 -41.27 -9.29 -0.93
C ARG A 71 -42.47 -9.74 -0.10
N ILE A 72 -43.43 -10.42 -0.75
CA ILE A 72 -44.65 -10.85 -0.11
C ILE A 72 -44.36 -11.96 0.91
N THR A 73 -43.64 -12.99 0.48
CA THR A 73 -43.42 -14.15 1.36
C THR A 73 -42.52 -13.76 2.53
N ALA A 74 -41.79 -12.64 2.38
CA ALA A 74 -40.95 -12.15 3.46
C ALA A 74 -41.80 -11.64 4.60
N ALA A 75 -43.05 -11.24 4.30
CA ALA A 75 -43.87 -10.49 5.22
C ALA A 75 -44.98 -11.34 5.83
N THR A 76 -45.28 -12.49 5.22
CA THR A 76 -46.36 -13.33 5.73
C THR A 76 -46.10 -14.79 5.37
N HIS A 77 -46.63 -15.69 6.20
CA HIS A 77 -46.53 -17.11 5.99
C HIS A 77 -47.77 -17.63 5.25
N LEU A 78 -48.74 -16.74 5.02
CA LEU A 78 -49.92 -17.11 4.24
C LEU A 78 -49.47 -17.70 2.91
N PRO A 79 -49.93 -18.92 2.54
CA PRO A 79 -49.48 -19.54 1.29
C PRO A 79 -49.83 -18.66 0.09
N LEU A 80 -48.82 -18.42 -0.74
CA LEU A 80 -48.93 -17.54 -1.90
C LEU A 80 -48.91 -18.37 -3.19
N LEU A 81 -49.92 -18.12 -4.04
CA LEU A 81 -49.95 -18.66 -5.39
C LEU A 81 -49.39 -17.59 -6.32
N VAL A 82 -48.43 -18.00 -7.17
CA VAL A 82 -47.74 -17.07 -8.04
C VAL A 82 -47.97 -17.45 -9.49
N ASP A 83 -48.32 -16.45 -10.30
CA ASP A 83 -48.57 -16.59 -11.72
C ASP A 83 -47.23 -16.55 -12.44
N ILE A 84 -46.87 -17.66 -13.12
CA ILE A 84 -45.63 -17.73 -13.87
C ILE A 84 -45.88 -17.77 -15.37
N ASP A 85 -47.05 -17.28 -15.80
CA ASP A 85 -47.36 -17.13 -17.22
C ASP A 85 -47.16 -18.47 -17.92
N THR A 86 -46.27 -18.49 -18.92
CA THR A 86 -46.03 -19.70 -19.69
C THR A 86 -44.71 -20.36 -19.29
N GLY A 87 -44.03 -19.79 -18.28
CA GLY A 87 -42.82 -20.39 -17.77
C GLY A 87 -41.55 -19.66 -18.21
N PHE A 88 -41.74 -18.53 -18.92
CA PHE A 88 -40.71 -17.53 -19.16
C PHE A 88 -39.71 -17.97 -20.23
N GLY A 89 -39.82 -19.21 -20.71
CA GLY A 89 -38.98 -19.70 -21.80
C GLY A 89 -39.17 -21.20 -22.00
N GLY A 90 -38.08 -21.89 -22.36
CA GLY A 90 -38.10 -23.32 -22.59
C GLY A 90 -38.03 -24.11 -21.29
N ALA A 91 -37.67 -25.39 -21.41
CA ALA A 91 -37.75 -26.34 -20.31
C ALA A 91 -36.80 -25.95 -19.17
N PHE A 92 -35.66 -25.35 -19.52
CA PHE A 92 -34.66 -25.03 -18.51
C PHE A 92 -35.10 -23.82 -17.69
N THR A 93 -35.74 -22.86 -18.36
CA THR A 93 -36.26 -21.66 -17.72
C THR A 93 -37.36 -22.05 -16.72
N ILE A 94 -38.24 -22.95 -17.14
CA ILE A 94 -39.32 -23.44 -16.31
C ILE A 94 -38.74 -24.09 -15.05
N ALA A 95 -37.74 -24.95 -15.23
CA ALA A 95 -37.10 -25.64 -14.12
C ALA A 95 -36.55 -24.60 -13.14
N ARG A 96 -35.92 -23.57 -13.69
CA ARG A 96 -35.33 -22.50 -12.89
C ARG A 96 -36.43 -21.79 -12.11
N ALA A 97 -37.53 -21.51 -12.80
CA ALA A 97 -38.66 -20.80 -12.21
C ALA A 97 -39.20 -21.58 -11.01
N ILE A 98 -39.35 -22.89 -11.18
CA ILE A 98 -39.88 -23.73 -10.12
C ILE A 98 -38.93 -23.67 -8.91
N LYS A 99 -37.64 -23.88 -9.19
CA LYS A 99 -36.65 -23.94 -8.13
C LYS A 99 -36.59 -22.60 -7.39
N GLU A 100 -36.66 -21.49 -8.14
CA GLU A 100 -36.52 -20.17 -7.56
C GLU A 100 -37.73 -19.81 -6.71
N MET A 101 -38.92 -20.22 -7.17
CA MET A 101 -40.15 -19.97 -6.45
C MET A 101 -40.16 -20.77 -5.15
N GLU A 102 -39.64 -22.00 -5.20
CA GLU A 102 -39.53 -22.83 -4.01
C GLU A 102 -38.61 -22.13 -3.01
N ARG A 103 -37.45 -21.68 -3.50
CA ARG A 103 -36.47 -20.99 -2.68
C ARG A 103 -37.08 -19.72 -2.10
N ALA A 104 -38.01 -19.10 -2.83
CA ALA A 104 -38.62 -17.85 -2.41
C ALA A 104 -39.77 -18.09 -1.44
N GLN A 105 -39.95 -19.35 -1.00
CA GLN A 105 -40.94 -19.72 0.01
C GLN A 105 -42.36 -19.58 -0.54
N VAL A 106 -42.52 -19.68 -1.87
CA VAL A 106 -43.81 -19.67 -2.53
C VAL A 106 -44.47 -21.03 -2.33
N ALA A 107 -45.81 -21.04 -2.31
CA ALA A 107 -46.55 -22.27 -2.04
C ALA A 107 -46.93 -22.96 -3.35
N ALA A 108 -47.29 -22.16 -4.37
CA ALA A 108 -47.88 -22.71 -5.58
C ALA A 108 -47.68 -21.75 -6.75
N VAL A 109 -47.59 -22.32 -7.95
CA VAL A 109 -47.55 -21.53 -9.17
C VAL A 109 -48.65 -22.01 -10.13
N HIS A 110 -49.09 -21.11 -11.03
CA HIS A 110 -49.88 -21.55 -12.16
C HIS A 110 -49.19 -21.20 -13.47
N MET A 111 -49.17 -22.18 -14.37
CA MET A 111 -48.59 -22.06 -15.70
C MET A 111 -49.66 -22.44 -16.71
N GLU A 112 -49.75 -21.70 -17.83
CA GLU A 112 -50.86 -21.84 -18.76
C GLU A 112 -50.40 -22.34 -20.13
N ASP A 113 -51.37 -22.68 -20.99
CA ASP A 113 -51.11 -23.36 -22.25
C ASP A 113 -51.26 -22.40 -23.44
N GLN A 114 -51.06 -21.09 -23.21
CA GLN A 114 -50.99 -20.14 -24.31
C GLN A 114 -49.61 -20.20 -24.93
N VAL A 115 -49.49 -19.67 -26.15
CA VAL A 115 -48.19 -19.48 -26.78
C VAL A 115 -47.49 -18.31 -26.11
N ALA A 116 -46.15 -18.34 -26.12
CA ALA A 116 -45.35 -17.28 -25.53
C ALA A 116 -45.03 -16.29 -26.65
N GLN A 117 -44.37 -16.77 -27.72
CA GLN A 117 -43.42 -15.98 -28.50
C GLN A 117 -44.09 -14.88 -29.34
N LYS A 118 -43.28 -13.90 -29.75
CA LYS A 118 -43.61 -12.87 -30.73
C LYS A 118 -42.36 -12.55 -31.56
N ARG A 119 -42.55 -12.17 -32.84
CA ARG A 119 -41.45 -11.80 -33.73
C ARG A 119 -40.57 -10.71 -33.11
N PRO A 124 -56.59 -14.13 -33.59
CA PRO A 124 -55.14 -14.33 -33.54
C PRO A 124 -54.54 -13.97 -32.18
N GLY A 125 -55.37 -13.42 -31.28
CA GLY A 125 -54.95 -12.96 -29.96
C GLY A 125 -54.66 -14.12 -29.00
N LYS A 126 -55.68 -14.96 -28.78
CA LYS A 126 -55.59 -16.11 -27.89
C LYS A 126 -55.33 -17.40 -28.68
N GLU A 127 -54.03 -17.72 -28.80
CA GLU A 127 -53.57 -18.95 -29.42
C GLU A 127 -52.99 -19.85 -28.34
N LEU A 128 -53.30 -21.15 -28.46
CA LEU A 128 -52.84 -22.13 -27.50
C LEU A 128 -51.73 -22.97 -28.12
N VAL A 129 -50.89 -23.54 -27.26
CA VAL A 129 -49.93 -24.53 -27.69
C VAL A 129 -50.67 -25.87 -27.82
N ASN A 130 -50.10 -26.74 -28.67
CA ASN A 130 -50.52 -28.12 -28.76
C ASN A 130 -50.45 -28.75 -27.37
N THR A 131 -51.37 -29.68 -27.09
CA THR A 131 -51.41 -30.38 -25.82
C THR A 131 -50.02 -30.91 -25.45
N ASN A 132 -49.29 -31.48 -26.42
CA ASN A 132 -48.00 -32.10 -26.18
C ASN A 132 -47.01 -31.08 -25.63
N GLU A 133 -47.04 -29.86 -26.18
CA GLU A 133 -46.12 -28.81 -25.76
C GLU A 133 -46.38 -28.43 -24.30
N MET A 134 -47.66 -28.37 -23.92
CA MET A 134 -48.02 -28.05 -22.55
C MET A 134 -47.57 -29.17 -21.61
N VAL A 135 -47.63 -30.42 -22.09
CA VAL A 135 -47.17 -31.56 -21.32
C VAL A 135 -45.67 -31.39 -21.09
N ASP A 136 -44.95 -30.94 -22.13
CA ASP A 136 -43.51 -30.72 -22.04
C ASP A 136 -43.22 -29.69 -20.96
N ARG A 137 -43.97 -28.58 -21.00
CA ARG A 137 -43.85 -27.54 -19.99
C ARG A 137 -44.07 -28.15 -18.61
N ILE A 138 -45.11 -28.95 -18.47
CA ILE A 138 -45.48 -29.52 -17.18
C ILE A 138 -44.37 -30.45 -16.69
N LYS A 139 -43.85 -31.29 -17.59
CA LYS A 139 -42.83 -32.26 -17.21
C LYS A 139 -41.58 -31.54 -16.69
N ALA A 140 -41.16 -30.51 -17.42
CA ALA A 140 -40.02 -29.69 -17.01
C ALA A 140 -40.20 -29.22 -15.57
N ALA A 141 -41.42 -28.77 -15.24
CA ALA A 141 -41.72 -28.25 -13.92
C ALA A 141 -41.74 -29.38 -12.89
N VAL A 142 -42.36 -30.51 -13.24
CA VAL A 142 -42.60 -31.58 -12.28
C VAL A 142 -41.28 -32.24 -11.90
N ASP A 143 -40.32 -32.26 -12.84
CA ASP A 143 -39.08 -33.00 -12.71
C ASP A 143 -38.20 -32.43 -11.61
N VAL A 144 -38.41 -31.15 -11.26
CA VAL A 144 -37.52 -30.50 -10.32
C VAL A 144 -38.31 -30.05 -9.09
N LYS A 145 -39.64 -30.25 -9.10
CA LYS A 145 -40.42 -29.72 -7.99
C LYS A 145 -40.41 -30.70 -6.83
N SER A 146 -40.43 -30.17 -5.60
CA SER A 146 -40.63 -31.01 -4.43
C SER A 146 -42.06 -31.52 -4.40
N ASN A 147 -42.34 -32.47 -3.49
CA ASN A 147 -43.65 -33.09 -3.40
C ASN A 147 -44.69 -32.09 -2.92
N ASP A 148 -44.35 -31.33 -1.87
CA ASP A 148 -45.30 -30.46 -1.20
C ASP A 148 -45.73 -29.31 -2.12
N PHE A 149 -44.78 -28.79 -2.91
CA PHE A 149 -45.01 -27.64 -3.75
C PHE A 149 -46.11 -27.93 -4.77
N VAL A 150 -46.93 -26.91 -5.05
CA VAL A 150 -48.13 -27.12 -5.85
C VAL A 150 -47.97 -26.49 -7.22
N LEU A 151 -48.09 -27.33 -8.25
CA LEU A 151 -48.19 -26.90 -9.64
C LEU A 151 -49.65 -26.92 -10.09
N ILE A 152 -50.19 -25.74 -10.39
CA ILE A 152 -51.50 -25.62 -10.99
C ILE A 152 -51.34 -25.41 -12.49
N ALA A 153 -51.85 -26.36 -13.27
CA ALA A 153 -51.88 -26.19 -14.72
C ALA A 153 -53.15 -25.42 -15.09
N ARG A 154 -52.96 -24.35 -15.86
CA ARG A 154 -54.05 -23.50 -16.30
C ARG A 154 -54.29 -23.73 -17.78
N THR A 155 -55.57 -23.95 -18.14
CA THR A 155 -55.94 -24.08 -19.53
C THR A 155 -56.81 -22.91 -19.97
N ASP A 156 -56.48 -22.36 -21.15
CA ASP A 156 -57.18 -21.23 -21.70
C ASP A 156 -58.06 -21.68 -22.87
N ALA A 157 -58.38 -22.97 -22.87
CA ALA A 157 -58.92 -23.65 -24.05
C ALA A 157 -60.43 -23.49 -24.18
N TYR A 158 -61.14 -23.18 -23.09
CA TYR A 158 -62.59 -23.17 -23.16
C TYR A 158 -63.11 -22.26 -24.27
N ALA A 159 -62.71 -20.99 -24.25
CA ALA A 159 -63.24 -20.01 -25.19
C ALA A 159 -62.95 -20.44 -26.63
N VAL A 160 -61.77 -21.04 -26.86
CA VAL A 160 -61.31 -21.32 -28.20
C VAL A 160 -61.86 -22.66 -28.69
N GLU A 161 -61.84 -23.69 -27.82
CA GLU A 161 -61.96 -25.07 -28.26
C GLU A 161 -63.17 -25.78 -27.66
N GLY A 162 -63.83 -25.15 -26.68
CA GLY A 162 -65.04 -25.70 -26.08
C GLY A 162 -64.77 -26.73 -24.98
N LEU A 163 -65.85 -27.11 -24.27
CA LEU A 163 -65.73 -27.75 -22.98
C LEU A 163 -65.00 -29.09 -23.05
N LYS A 164 -65.32 -29.88 -24.07
CA LYS A 164 -64.82 -31.25 -24.14
C LYS A 164 -63.31 -31.22 -24.35
N ALA A 165 -62.83 -30.38 -25.27
CA ALA A 165 -61.41 -30.28 -25.59
C ALA A 165 -60.63 -29.81 -24.37
N THR A 166 -61.25 -28.92 -23.59
CA THR A 166 -60.67 -28.32 -22.41
C THR A 166 -60.48 -29.38 -21.32
N ILE A 167 -61.53 -30.21 -21.14
CA ILE A 167 -61.49 -31.27 -20.15
C ILE A 167 -60.39 -32.27 -20.53
N ASP A 168 -60.29 -32.56 -21.83
CA ASP A 168 -59.30 -33.49 -22.36
C ASP A 168 -57.90 -33.01 -21.99
N ARG A 169 -57.62 -31.74 -22.29
CA ARG A 169 -56.33 -31.11 -21.97
C ARG A 169 -56.05 -31.22 -20.48
N ALA A 170 -57.00 -30.71 -19.67
CA ALA A 170 -56.82 -30.66 -18.23
C ALA A 170 -56.43 -32.05 -17.71
N CYS A 171 -57.10 -33.08 -18.24
CA CYS A 171 -56.90 -34.44 -17.77
C CYS A 171 -55.49 -34.90 -18.12
N THR A 172 -55.06 -34.61 -19.35
CA THR A 172 -53.71 -34.92 -19.80
C THR A 172 -52.70 -34.18 -18.92
N TYR A 173 -53.00 -32.93 -18.57
CA TYR A 173 -52.12 -32.13 -17.73
C TYR A 173 -51.95 -32.80 -16.37
N VAL A 174 -53.05 -33.33 -15.82
CA VAL A 174 -53.01 -33.98 -14.52
C VAL A 174 -52.15 -35.22 -14.62
N GLU A 175 -52.29 -35.96 -15.74
CA GLU A 175 -51.52 -37.18 -15.93
C GLU A 175 -50.05 -36.84 -16.11
N ALA A 176 -49.75 -35.63 -16.59
CA ALA A 176 -48.39 -35.20 -16.82
C ALA A 176 -47.72 -34.74 -15.52
N GLY A 177 -48.50 -34.60 -14.45
CA GLY A 177 -47.95 -34.34 -13.13
C GLY A 177 -48.53 -33.11 -12.43
N ALA A 178 -49.46 -32.40 -13.09
CA ALA A 178 -50.11 -31.23 -12.52
C ALA A 178 -50.89 -31.60 -11.27
N ASP A 179 -50.78 -30.77 -10.24
CA ASP A 179 -51.40 -31.04 -8.94
C ASP A 179 -52.85 -30.58 -8.94
N MET A 180 -53.13 -29.46 -9.62
CA MET A 180 -54.43 -28.82 -9.57
C MET A 180 -54.67 -28.13 -10.91
N ILE A 181 -55.93 -27.77 -11.18
CA ILE A 181 -56.31 -27.22 -12.49
C ILE A 181 -56.99 -25.87 -12.32
N PHE A 182 -56.57 -24.95 -13.20
CA PHE A 182 -57.10 -23.61 -13.30
C PHE A 182 -57.91 -23.55 -14.59
N ALA A 183 -59.24 -23.47 -14.42
CA ALA A 183 -60.18 -23.49 -15.53
C ALA A 183 -60.57 -22.07 -15.88
N GLU A 184 -59.88 -21.49 -16.87
CA GLU A 184 -60.07 -20.10 -17.23
C GLU A 184 -61.37 -19.90 -18.01
N ALA A 185 -62.26 -19.07 -17.46
CA ALA A 185 -63.39 -18.48 -18.16
C ALA A 185 -64.44 -19.50 -18.65
N LEU A 186 -64.83 -20.44 -17.80
CA LEU A 186 -66.04 -21.23 -18.08
C LEU A 186 -67.26 -20.31 -18.00
N GLU A 187 -68.15 -20.38 -18.97
CA GLU A 187 -69.23 -19.42 -19.12
C GLU A 187 -70.49 -19.89 -18.39
N ASN A 188 -70.61 -21.21 -18.17
CA ASN A 188 -71.84 -21.70 -17.58
C ASN A 188 -71.53 -22.47 -16.29
N ILE A 189 -72.13 -22.03 -15.18
CA ILE A 189 -71.87 -22.62 -13.87
C ILE A 189 -72.06 -24.14 -13.93
N ASN A 190 -72.97 -24.63 -14.79
CA ASN A 190 -73.31 -26.04 -14.75
C ASN A 190 -72.32 -26.88 -15.55
N ASP A 191 -71.27 -26.23 -16.06
CA ASP A 191 -70.16 -26.94 -16.67
C ASP A 191 -69.21 -27.46 -15.60
N TYR A 192 -69.14 -26.78 -14.45
CA TYR A 192 -68.12 -27.06 -13.45
C TYR A 192 -68.25 -28.48 -12.89
N PRO A 193 -69.45 -28.97 -12.50
CA PRO A 193 -69.56 -30.28 -11.86
C PRO A 193 -69.01 -31.38 -12.76
N THR A 194 -69.31 -31.31 -14.07
CA THR A 194 -68.77 -32.23 -15.04
C THR A 194 -67.24 -32.13 -15.06
N PHE A 195 -66.73 -30.89 -15.10
CA PHE A 195 -65.32 -30.60 -15.28
C PHE A 195 -64.53 -31.07 -14.05
N CYS A 196 -65.07 -30.78 -12.86
CA CYS A 196 -64.39 -31.11 -11.62
C CYS A 196 -64.33 -32.62 -11.44
N LYS A 197 -65.44 -33.30 -11.74
CA LYS A 197 -65.52 -34.75 -11.59
C LYS A 197 -64.53 -35.44 -12.53
N ALA A 198 -64.34 -34.84 -13.72
CA ALA A 198 -63.51 -35.42 -14.77
C ALA A 198 -62.04 -35.34 -14.38
N VAL A 199 -61.58 -34.17 -13.89
CA VAL A 199 -60.15 -33.98 -13.66
C VAL A 199 -59.69 -34.46 -12.29
N LYS A 200 -60.63 -34.77 -11.39
CA LYS A 200 -60.38 -35.41 -10.11
C LYS A 200 -59.68 -34.47 -9.13
N VAL A 201 -58.71 -33.69 -9.57
CA VAL A 201 -57.90 -32.87 -8.69
C VAL A 201 -58.65 -31.57 -8.37
N PRO A 202 -58.25 -30.82 -7.33
CA PRO A 202 -58.89 -29.52 -7.02
C PRO A 202 -58.84 -28.56 -8.22
N VAL A 203 -59.94 -27.83 -8.41
CA VAL A 203 -60.11 -26.92 -9.52
C VAL A 203 -60.23 -25.48 -9.00
N LEU A 204 -59.58 -24.57 -9.70
CA LEU A 204 -59.65 -23.14 -9.38
C LEU A 204 -60.48 -22.46 -10.44
N ALA A 205 -61.38 -21.58 -10.00
CA ALA A 205 -62.21 -20.77 -10.89
C ALA A 205 -61.78 -19.31 -10.75
N ASN A 206 -61.68 -18.62 -11.88
CA ASN A 206 -61.17 -17.26 -11.90
C ASN A 206 -62.34 -16.28 -11.95
N MET A 207 -62.64 -15.68 -10.79
CA MET A 207 -63.75 -14.75 -10.68
C MET A 207 -63.29 -13.31 -10.86
N THR A 208 -62.59 -13.04 -11.96
CA THR A 208 -62.17 -11.69 -12.28
C THR A 208 -63.37 -10.88 -12.77
N GLU A 209 -63.36 -9.56 -12.53
CA GLU A 209 -64.38 -8.63 -13.00
C GLU A 209 -64.05 -8.18 -14.41
N PHE A 210 -65.09 -7.67 -15.10
CA PHE A 210 -64.97 -7.04 -16.41
C PHE A 210 -64.43 -8.03 -17.43
N GLY A 211 -64.68 -9.33 -17.20
CA GLY A 211 -64.31 -10.38 -18.12
C GLY A 211 -65.50 -10.82 -18.98
N LYS A 212 -65.38 -11.99 -19.60
CA LYS A 212 -66.47 -12.55 -20.37
C LYS A 212 -67.36 -13.39 -19.46
N THR A 213 -66.72 -14.03 -18.47
CA THR A 213 -67.36 -14.79 -17.40
C THR A 213 -68.27 -13.87 -16.57
N PRO A 214 -69.46 -14.34 -16.11
CA PRO A 214 -70.25 -13.60 -15.13
C PRO A 214 -69.77 -13.93 -13.71
N LEU A 215 -70.20 -13.12 -12.74
CA LEU A 215 -69.77 -13.29 -11.36
C LEU A 215 -70.70 -14.23 -10.62
N TYR A 216 -70.12 -15.33 -10.12
CA TYR A 216 -70.80 -16.24 -9.21
C TYR A 216 -70.19 -16.08 -7.82
N THR A 217 -70.94 -16.53 -6.81
CA THR A 217 -70.45 -16.46 -5.44
C THR A 217 -69.54 -17.64 -5.16
N ALA A 218 -68.69 -17.47 -4.15
CA ALA A 218 -67.84 -18.55 -3.66
C ALA A 218 -68.69 -19.78 -3.37
N ALA A 219 -69.80 -19.57 -2.64
CA ALA A 219 -70.73 -20.62 -2.25
C ALA A 219 -71.25 -21.35 -3.48
N GLN A 220 -71.70 -20.59 -4.48
CA GLN A 220 -72.25 -21.14 -5.70
C GLN A 220 -71.22 -22.03 -6.38
N LEU A 221 -69.98 -21.56 -6.45
CA LEU A 221 -68.92 -22.27 -7.15
C LEU A 221 -68.53 -23.53 -6.37
N ALA A 222 -68.50 -23.44 -5.04
CA ALA A 222 -68.20 -24.59 -4.22
C ALA A 222 -69.27 -25.66 -4.45
N ASP A 223 -70.53 -25.24 -4.56
CA ASP A 223 -71.67 -26.12 -4.77
C ASP A 223 -71.53 -26.86 -6.08
N HIS A 224 -70.81 -26.27 -7.03
CA HIS A 224 -70.64 -26.87 -8.34
C HIS A 224 -69.28 -27.58 -8.46
N GLY A 225 -68.63 -27.79 -7.30
CA GLY A 225 -67.49 -28.69 -7.22
C GLY A 225 -66.14 -27.99 -7.24
N VAL A 226 -66.15 -26.65 -7.16
CA VAL A 226 -64.93 -25.86 -7.26
C VAL A 226 -64.28 -25.77 -5.88
N LYS A 227 -62.94 -25.89 -5.87
CA LYS A 227 -62.18 -25.94 -4.63
C LYS A 227 -61.55 -24.58 -4.30
N MET A 228 -61.21 -23.81 -5.34
CA MET A 228 -60.56 -22.52 -5.14
C MET A 228 -61.25 -21.48 -6.01
N VAL A 229 -61.47 -20.29 -5.43
CA VAL A 229 -61.92 -19.15 -6.20
C VAL A 229 -60.88 -18.04 -6.11
N LEU A 230 -60.49 -17.52 -7.28
CA LEU A 230 -59.46 -16.51 -7.41
C LEU A 230 -60.07 -15.13 -7.67
N TYR A 231 -59.56 -14.12 -6.97
CA TYR A 231 -59.95 -12.74 -7.14
C TYR A 231 -58.69 -11.96 -7.51
N PRO A 232 -58.23 -12.08 -8.77
CA PRO A 232 -56.85 -11.74 -9.13
C PRO A 232 -56.45 -10.27 -9.03
N ARG A 233 -57.40 -9.36 -9.34
CA ARG A 233 -57.09 -7.96 -9.50
C ARG A 233 -58.08 -7.05 -8.76
N SER A 234 -59.01 -7.65 -8.02
CA SER A 234 -60.09 -6.92 -7.37
C SER A 234 -59.56 -5.74 -6.57
N ALA A 235 -58.69 -6.00 -5.59
CA ALA A 235 -58.15 -4.94 -4.75
C ALA A 235 -57.39 -3.91 -5.59
N ASP A 236 -56.53 -4.40 -6.51
CA ASP A 236 -55.70 -3.54 -7.33
C ASP A 236 -56.56 -2.49 -8.06
N ARG A 237 -57.67 -2.93 -8.64
CA ARG A 237 -58.54 -2.05 -9.42
C ARG A 237 -59.13 -0.95 -8.56
N ALA A 238 -59.50 -1.30 -7.32
CA ALA A 238 -60.04 -0.32 -6.39
C ALA A 238 -58.95 0.65 -5.95
N MET A 239 -57.73 0.14 -5.77
CA MET A 239 -56.60 0.94 -5.35
C MET A 239 -56.32 1.99 -6.41
N SER A 240 -56.35 1.57 -7.67
CA SER A 240 -56.00 2.47 -8.77
C SER A 240 -56.98 3.63 -8.84
N LYS A 241 -58.28 3.33 -8.68
CA LYS A 241 -59.29 4.37 -8.73
C LYS A 241 -59.08 5.34 -7.56
N ALA A 242 -58.82 4.79 -6.37
CA ALA A 242 -58.70 5.58 -5.15
C ALA A 242 -57.49 6.51 -5.26
N ALA A 243 -56.39 5.99 -5.82
CA ALA A 243 -55.17 6.76 -5.99
C ALA A 243 -55.43 7.92 -6.95
N LEU A 244 -56.06 7.60 -8.09
CA LEU A 244 -56.36 8.59 -9.11
C LEU A 244 -57.21 9.71 -8.49
N ALA A 245 -58.19 9.33 -7.66
CA ALA A 245 -59.08 10.27 -7.00
C ALA A 245 -58.30 11.23 -6.11
N VAL A 246 -57.37 10.69 -5.31
CA VAL A 246 -56.53 11.51 -4.44
C VAL A 246 -55.73 12.50 -5.27
N TYR A 247 -55.10 11.99 -6.34
CA TYR A 247 -54.29 12.82 -7.23
C TYR A 247 -55.15 13.95 -7.80
N GLU A 248 -56.37 13.61 -8.23
CA GLU A 248 -57.26 14.58 -8.84
C GLU A 248 -57.67 15.63 -7.80
N ASP A 249 -57.99 15.18 -6.58
CA ASP A 249 -58.37 16.06 -5.49
C ASP A 249 -57.27 17.08 -5.24
N ILE A 250 -56.04 16.59 -5.02
CA ILE A 250 -54.90 17.44 -4.72
C ILE A 250 -54.67 18.43 -5.86
N LYS A 251 -54.84 17.96 -7.10
CA LYS A 251 -54.57 18.78 -8.26
C LYS A 251 -55.60 19.90 -8.37
N LYS A 252 -56.88 19.54 -8.20
CA LYS A 252 -57.98 20.46 -8.48
C LYS A 252 -58.14 21.46 -7.33
N HIS A 253 -57.81 21.05 -6.10
CA HIS A 253 -58.19 21.81 -4.92
C HIS A 253 -56.99 22.41 -4.18
N GLY A 254 -55.78 21.92 -4.47
CA GLY A 254 -54.56 22.47 -3.85
C GLY A 254 -54.34 21.94 -2.43
N VAL A 255 -55.16 20.95 -2.02
CA VAL A 255 -55.10 20.34 -0.71
C VAL A 255 -55.93 19.06 -0.77
N GLN A 256 -55.70 18.15 0.19
CA GLN A 256 -56.27 16.81 0.12
C GLN A 256 -57.43 16.65 1.11
N THR A 257 -57.98 17.76 1.60
CA THR A 257 -59.02 17.74 2.61
C THR A 257 -60.16 16.76 2.23
N ALA A 258 -60.56 16.80 0.96
CA ALA A 258 -61.70 16.03 0.49
C ALA A 258 -61.39 14.54 0.46
N SER A 259 -60.10 14.18 0.44
CA SER A 259 -59.66 12.79 0.32
C SER A 259 -59.53 12.13 1.70
N LEU A 260 -59.49 12.96 2.74
CA LEU A 260 -59.17 12.53 4.09
C LEU A 260 -60.09 11.40 4.57
N PRO A 261 -61.42 11.44 4.31
CA PRO A 261 -62.31 10.37 4.76
C PRO A 261 -62.04 9.03 4.06
N PHE A 262 -61.30 9.08 2.94
CA PHE A 262 -61.07 7.89 2.13
C PHE A 262 -59.70 7.27 2.42
N MET A 263 -58.99 7.85 3.40
CA MET A 263 -57.66 7.39 3.74
C MET A 263 -57.70 6.50 4.98
N GLN A 264 -56.82 5.51 5.01
CA GLN A 264 -56.64 4.69 6.20
C GLN A 264 -55.92 5.54 7.25
N THR A 265 -56.40 5.44 8.50
CA THR A 265 -55.83 6.19 9.62
C THR A 265 -54.41 5.73 9.90
N ARG A 266 -53.60 6.64 10.45
CA ARG A 266 -52.24 6.33 10.84
C ARG A 266 -52.26 5.20 11.88
N GLU A 267 -53.30 5.20 12.71
CA GLU A 267 -53.47 4.22 13.78
C GLU A 267 -53.61 2.82 13.19
N ALA A 268 -54.45 2.69 12.14
CA ALA A 268 -54.71 1.40 11.52
C ALA A 268 -53.44 0.87 10.86
N LEU A 269 -52.67 1.79 10.26
CA LEU A 269 -51.41 1.46 9.61
C LEU A 269 -50.47 0.79 10.61
N TYR A 270 -50.32 1.41 11.80
CA TYR A 270 -49.45 0.88 12.83
C TYR A 270 -49.92 -0.50 13.27
N GLU A 271 -51.25 -0.68 13.32
CA GLU A 271 -51.82 -1.95 13.74
C GLU A 271 -51.39 -3.04 12.75
N VAL A 272 -51.51 -2.74 11.44
CA VAL A 272 -51.27 -3.74 10.40
C VAL A 272 -49.79 -4.11 10.39
N LEU A 273 -48.92 -3.12 10.62
CA LEU A 273 -47.48 -3.31 10.62
C LEU A 273 -47.00 -3.98 11.90
N ASN A 274 -47.91 -4.14 12.87
CA ASN A 274 -47.58 -4.67 14.19
C ASN A 274 -46.49 -3.80 14.81
N TYR A 275 -46.67 -2.48 14.76
CA TYR A 275 -45.63 -1.48 15.01
C TYR A 275 -45.23 -1.48 16.48
N HIS A 276 -46.20 -1.76 17.36
CA HIS A 276 -45.96 -1.65 18.80
C HIS A 276 -44.95 -2.70 19.24
N ALA A 277 -44.87 -3.81 18.47
CA ALA A 277 -43.95 -4.91 18.76
C ALA A 277 -42.50 -4.50 18.51
N TYR A 278 -42.31 -3.44 17.69
CA TYR A 278 -40.99 -2.94 17.36
C TYR A 278 -40.51 -1.95 18.41
N GLU A 279 -41.45 -1.17 18.99
CA GLU A 279 -41.09 -0.21 20.01
C GLU A 279 -40.76 -0.94 21.31
N ASP A 280 -41.31 -2.17 21.46
CA ASP A 280 -41.10 -2.97 22.66
C ASP A 280 -39.64 -3.43 22.73
N LYS A 281 -39.11 -3.86 21.56
CA LYS A 281 -37.74 -4.34 21.51
C LYS A 281 -36.76 -3.18 21.43
N LEU A 282 -37.24 -2.01 21.00
CA LEU A 282 -36.43 -0.79 20.84
C LEU A 282 -36.10 -0.17 22.20
N ASN A 283 -36.85 -0.56 23.25
CA ASN A 283 -36.64 -0.03 24.59
C ASN A 283 -36.06 -1.12 25.50
N GLN A 284 -36.26 -2.41 25.13
CA GLN A 284 -35.80 -3.53 25.92
C GLN A 284 -34.28 -3.68 25.88
N LEU A 285 -33.68 -3.18 24.79
CA LEU A 285 -32.22 -3.25 24.64
C LEU A 285 -31.61 -1.91 25.05
N PHE A 286 -32.40 -0.83 24.96
CA PHE A 286 -31.97 0.52 25.28
C PHE A 286 -32.83 1.05 26.44
N SER B 2 -32.44 -35.31 3.39
CA SER B 2 -33.45 -34.21 3.53
C SER B 2 -33.15 -33.41 4.81
N MET B 3 -31.89 -32.98 4.91
CA MET B 3 -31.38 -32.18 6.02
C MET B 3 -31.36 -30.70 5.61
N SER B 4 -31.52 -29.82 6.61
CA SER B 4 -31.50 -28.38 6.41
C SER B 4 -30.06 -27.87 6.23
N PRO B 5 -29.84 -26.72 5.56
CA PRO B 5 -28.48 -26.20 5.35
C PRO B 5 -27.68 -26.10 6.65
N GLY B 6 -28.32 -25.56 7.70
CA GLY B 6 -27.70 -25.46 9.00
C GLY B 6 -27.24 -26.82 9.53
N LYS B 7 -28.10 -27.84 9.38
CA LYS B 7 -27.80 -29.17 9.88
C LYS B 7 -26.61 -29.74 9.13
N LEU B 8 -26.56 -29.49 7.81
CA LEU B 8 -25.49 -29.99 6.96
C LEU B 8 -24.15 -29.40 7.39
N PHE B 9 -24.16 -28.09 7.69
CA PHE B 9 -22.97 -27.40 8.16
C PHE B 9 -22.53 -28.00 9.49
N ARG B 10 -23.48 -28.15 10.43
CA ARG B 10 -23.19 -28.68 11.75
C ARG B 10 -22.55 -30.05 11.62
N GLN B 11 -23.06 -30.85 10.67
CA GLN B 11 -22.60 -32.21 10.50
C GLN B 11 -21.17 -32.19 9.93
N ALA B 12 -20.90 -31.23 9.04
CA ALA B 12 -19.60 -31.11 8.41
C ALA B 12 -18.55 -30.71 9.45
N VAL B 13 -18.95 -29.86 10.40
CA VAL B 13 -18.06 -29.39 11.45
C VAL B 13 -17.76 -30.55 12.40
N ALA B 14 -18.72 -31.45 12.59
CA ALA B 14 -18.58 -32.54 13.53
C ALA B 14 -17.66 -33.62 12.97
N ASN B 15 -17.78 -33.89 11.66
CA ASN B 15 -17.22 -35.08 11.03
C ASN B 15 -15.81 -34.85 10.51
N GLU B 16 -15.47 -33.59 10.19
CA GLU B 16 -14.16 -33.26 9.63
C GLU B 16 -13.21 -32.82 10.74
N HIS B 17 -11.92 -33.11 10.55
CA HIS B 17 -10.93 -32.77 11.55
C HIS B 17 -9.72 -32.13 10.88
N PRO B 18 -9.74 -30.81 10.56
CA PRO B 18 -10.93 -29.97 10.76
C PRO B 18 -11.72 -29.84 9.46
N LEU B 19 -12.83 -29.07 9.52
CA LEU B 19 -13.54 -28.71 8.32
C LEU B 19 -12.84 -27.54 7.64
N GLN B 20 -12.32 -27.78 6.43
CA GLN B 20 -11.82 -26.68 5.62
C GLN B 20 -13.00 -26.02 4.92
N ILE B 21 -13.12 -24.70 5.10
CA ILE B 21 -14.14 -23.92 4.42
C ILE B 21 -13.45 -22.96 3.46
N VAL B 22 -13.68 -23.14 2.16
CA VAL B 22 -13.00 -22.34 1.16
C VAL B 22 -13.91 -21.24 0.62
N GLY B 23 -13.35 -20.06 0.42
CA GLY B 23 -14.08 -18.96 -0.16
C GLY B 23 -14.29 -19.18 -1.65
N ALA B 24 -15.50 -18.84 -2.11
CA ALA B 24 -15.86 -18.79 -3.52
C ALA B 24 -16.61 -17.48 -3.76
N ILE B 25 -16.25 -16.72 -4.81
CA ILE B 25 -16.86 -15.42 -5.00
C ILE B 25 -18.17 -15.54 -5.78
N ASN B 26 -18.34 -16.65 -6.51
CA ASN B 26 -19.51 -16.80 -7.35
C ASN B 26 -19.89 -18.27 -7.44
N ALA B 27 -21.04 -18.54 -8.10
CA ALA B 27 -21.60 -19.88 -8.16
C ALA B 27 -20.60 -20.85 -8.81
N TYR B 28 -19.92 -20.38 -9.86
CA TYR B 28 -19.04 -21.27 -10.60
C TYR B 28 -17.88 -21.73 -9.73
N CYS B 29 -17.30 -20.79 -8.98
CA CYS B 29 -16.20 -21.12 -8.08
C CYS B 29 -16.68 -22.14 -7.05
N ALA B 30 -17.92 -21.98 -6.59
CA ALA B 30 -18.51 -22.90 -5.62
C ALA B 30 -18.51 -24.30 -6.22
N LEU B 31 -18.86 -24.39 -7.50
CA LEU B 31 -18.89 -25.67 -8.18
C LEU B 31 -17.48 -26.27 -8.26
N LEU B 32 -16.49 -25.43 -8.59
CA LEU B 32 -15.12 -25.90 -8.64
C LEU B 32 -14.72 -26.47 -7.28
N ALA B 33 -15.04 -25.74 -6.20
CA ALA B 33 -14.72 -26.17 -4.86
C ALA B 33 -15.41 -27.50 -4.55
N GLU B 34 -16.69 -27.61 -4.93
CA GLU B 34 -17.47 -28.81 -4.71
C GLU B 34 -16.80 -29.98 -5.42
N ASN B 35 -16.31 -29.69 -6.64
CA ASN B 35 -15.69 -30.69 -7.51
C ASN B 35 -14.44 -31.25 -6.84
N VAL B 36 -13.66 -30.37 -6.20
CA VAL B 36 -12.40 -30.75 -5.58
C VAL B 36 -12.68 -31.54 -4.31
N GLY B 37 -13.90 -31.41 -3.76
CA GLY B 37 -14.36 -32.28 -2.71
C GLY B 37 -14.48 -31.60 -1.34
N PHE B 38 -14.58 -30.26 -1.32
CA PHE B 38 -14.77 -29.54 -0.07
C PHE B 38 -16.18 -29.79 0.46
N LYS B 39 -16.34 -29.70 1.79
CA LYS B 39 -17.59 -30.07 2.44
C LYS B 39 -18.39 -28.82 2.81
N ALA B 40 -17.75 -27.64 2.72
CA ALA B 40 -18.38 -26.37 3.04
C ALA B 40 -17.71 -25.24 2.24
N ILE B 41 -18.46 -24.18 1.96
CA ILE B 41 -17.94 -23.05 1.19
C ILE B 41 -18.29 -21.76 1.91
N TYR B 42 -17.64 -20.67 1.46
CA TYR B 42 -17.67 -19.41 2.18
C TYR B 42 -17.86 -18.24 1.22
N LEU B 43 -18.74 -17.30 1.63
CA LEU B 43 -18.89 -16.05 0.91
C LEU B 43 -18.25 -14.92 1.72
N SER B 44 -17.12 -14.42 1.20
CA SER B 44 -16.31 -13.41 1.85
C SER B 44 -16.95 -12.03 1.67
N GLY B 45 -17.13 -11.33 2.79
CA GLY B 45 -17.61 -9.96 2.76
C GLY B 45 -16.68 -9.03 2.00
N GLY B 46 -15.37 -9.19 2.24
CA GLY B 46 -14.36 -8.48 1.49
C GLY B 46 -14.45 -8.81 0.00
N GLY B 47 -14.71 -10.10 -0.29
CA GLY B 47 -14.90 -10.56 -1.65
C GLY B 47 -16.08 -9.87 -2.32
N VAL B 48 -17.21 -9.82 -1.62
CA VAL B 48 -18.42 -9.23 -2.16
C VAL B 48 -18.14 -7.79 -2.55
N ALA B 49 -17.46 -7.06 -1.66
CA ALA B 49 -17.15 -5.66 -1.85
C ALA B 49 -16.13 -5.47 -2.98
N ASN B 50 -14.98 -6.14 -2.87
CA ASN B 50 -13.88 -5.95 -3.81
C ASN B 50 -14.33 -6.30 -5.22
N THR B 51 -15.20 -7.30 -5.35
CA THR B 51 -15.65 -7.73 -6.67
C THR B 51 -16.47 -6.62 -7.34
N LEU B 52 -17.17 -5.83 -6.51
CA LEU B 52 -17.93 -4.68 -6.96
C LEU B 52 -16.99 -3.50 -7.20
N GLY B 53 -15.73 -3.64 -6.76
CA GLY B 53 -14.74 -2.58 -6.84
C GLY B 53 -14.81 -1.64 -5.64
N LEU B 54 -15.35 -2.13 -4.52
CA LEU B 54 -15.41 -1.35 -3.29
C LEU B 54 -14.44 -1.93 -2.28
N PRO B 55 -13.89 -1.10 -1.36
CA PRO B 55 -13.06 -1.62 -0.26
C PRO B 55 -13.92 -2.28 0.81
N ASP B 56 -13.31 -3.16 1.60
CA ASP B 56 -13.99 -3.89 2.66
C ASP B 56 -14.19 -3.00 3.88
N LEU B 57 -15.03 -1.97 3.73
CA LEU B 57 -15.21 -0.98 4.80
C LEU B 57 -16.66 -0.91 5.27
N GLY B 58 -17.41 -2.01 5.12
CA GLY B 58 -18.82 -2.04 5.47
C GLY B 58 -19.64 -1.01 4.68
N ILE B 59 -19.30 -0.83 3.40
CA ILE B 59 -20.09 0.03 2.52
C ILE B 59 -21.24 -0.80 1.95
N THR B 60 -20.98 -2.09 1.71
CA THR B 60 -21.99 -3.02 1.21
C THR B 60 -23.09 -3.21 2.25
N ASP B 61 -24.29 -3.58 1.77
CA ASP B 61 -25.45 -3.77 2.64
C ASP B 61 -25.99 -5.20 2.48
N LEU B 62 -27.11 -5.49 3.16
CA LEU B 62 -27.68 -6.83 3.14
C LEU B 62 -27.88 -7.33 1.71
N HIS B 63 -28.27 -6.43 0.78
CA HIS B 63 -28.63 -6.83 -0.56
C HIS B 63 -27.41 -7.23 -1.41
N ASP B 64 -26.30 -6.50 -1.23
CA ASP B 64 -25.08 -6.81 -1.93
C ASP B 64 -24.67 -8.24 -1.64
N VAL B 65 -24.73 -8.60 -0.35
CA VAL B 65 -24.26 -9.91 0.11
C VAL B 65 -25.32 -10.95 -0.25
N LEU B 66 -26.59 -10.61 0.02
CA LEU B 66 -27.69 -11.54 -0.18
C LEU B 66 -27.72 -12.02 -1.63
N GLU B 67 -27.53 -11.09 -2.57
CA GLU B 67 -27.58 -11.43 -3.99
C GLU B 67 -26.49 -12.45 -4.31
N ASP B 68 -25.26 -12.20 -3.84
CA ASP B 68 -24.15 -13.08 -4.12
C ASP B 68 -24.38 -14.44 -3.47
N ALA B 69 -25.03 -14.44 -2.30
CA ALA B 69 -25.28 -15.68 -1.57
C ALA B 69 -26.32 -16.51 -2.32
N ARG B 70 -27.38 -15.84 -2.80
CA ARG B 70 -28.46 -16.51 -3.50
C ARG B 70 -27.92 -17.24 -4.73
N ARG B 71 -27.08 -16.54 -5.50
CA ARG B 71 -26.49 -17.10 -6.69
C ARG B 71 -25.77 -18.42 -6.39
N ILE B 72 -25.02 -18.44 -5.28
CA ILE B 72 -24.23 -19.61 -4.90
C ILE B 72 -25.15 -20.75 -4.47
N THR B 73 -26.09 -20.47 -3.56
CA THR B 73 -26.91 -21.54 -3.00
C THR B 73 -27.85 -22.09 -4.08
N ALA B 74 -28.05 -21.31 -5.15
CA ALA B 74 -28.88 -21.76 -6.25
C ALA B 74 -28.19 -22.90 -7.00
N ALA B 75 -26.86 -22.95 -6.90
CA ALA B 75 -26.04 -23.79 -7.78
C ALA B 75 -25.50 -25.01 -7.04
N THR B 76 -25.51 -25.00 -5.71
CA THR B 76 -24.99 -26.13 -4.95
C THR B 76 -25.67 -26.22 -3.59
N HIS B 77 -25.74 -27.44 -3.05
CA HIS B 77 -26.30 -27.69 -1.74
C HIS B 77 -25.21 -27.69 -0.67
N LEU B 78 -23.95 -27.55 -1.10
CA LEU B 78 -22.84 -27.44 -0.18
C LEU B 78 -23.14 -26.34 0.83
N PRO B 79 -23.07 -26.61 2.15
CA PRO B 79 -23.40 -25.59 3.16
C PRO B 79 -22.48 -24.37 3.00
N LEU B 80 -23.12 -23.20 2.93
CA LEU B 80 -22.42 -21.94 2.70
C LEU B 80 -22.42 -21.10 3.99
N LEU B 81 -21.21 -20.65 4.37
CA LEU B 81 -21.05 -19.68 5.44
C LEU B 81 -20.95 -18.30 4.79
N VAL B 82 -21.76 -17.36 5.31
CA VAL B 82 -21.83 -16.03 4.74
C VAL B 82 -21.41 -14.99 5.77
N ASP B 83 -20.53 -14.07 5.33
CA ASP B 83 -20.04 -12.98 6.12
C ASP B 83 -21.06 -11.85 6.12
N ILE B 84 -21.61 -11.52 7.29
CA ILE B 84 -22.58 -10.44 7.40
C ILE B 84 -22.00 -9.25 8.16
N ASP B 85 -20.66 -9.13 8.20
CA ASP B 85 -20.00 -7.96 8.76
C ASP B 85 -20.49 -7.72 10.19
N THR B 86 -21.08 -6.54 10.43
CA THR B 86 -21.55 -6.21 11.77
C THR B 86 -23.07 -6.32 11.86
N GLY B 87 -23.72 -6.74 10.77
CA GLY B 87 -25.15 -6.96 10.78
C GLY B 87 -25.91 -5.85 10.04
N PHE B 88 -25.16 -4.93 9.41
CA PHE B 88 -25.66 -3.98 8.42
C PHE B 88 -26.45 -2.84 9.05
N GLY B 89 -26.68 -2.91 10.37
CA GLY B 89 -27.36 -1.84 11.09
C GLY B 89 -27.68 -2.25 12.52
N GLY B 90 -28.82 -1.76 13.03
CA GLY B 90 -29.26 -2.07 14.38
C GLY B 90 -29.96 -3.42 14.47
N ALA B 91 -30.74 -3.61 15.53
CA ALA B 91 -31.29 -4.91 15.89
C ALA B 91 -32.25 -5.42 14.81
N PHE B 92 -32.96 -4.49 14.16
CA PHE B 92 -33.99 -4.86 13.21
C PHE B 92 -33.34 -5.34 11.91
N THR B 93 -32.24 -4.67 11.53
CA THR B 93 -31.49 -5.02 10.33
C THR B 93 -30.90 -6.41 10.48
N ILE B 94 -30.33 -6.68 11.66
CA ILE B 94 -29.73 -7.97 11.97
C ILE B 94 -30.80 -9.06 11.83
N ALA B 95 -31.97 -8.82 12.43
CA ALA B 95 -33.06 -9.80 12.38
C ALA B 95 -33.41 -10.09 10.92
N ARG B 96 -33.47 -9.03 10.12
CA ARG B 96 -33.80 -9.14 8.71
C ARG B 96 -32.73 -9.97 8.00
N ALA B 97 -31.47 -9.69 8.33
CA ALA B 97 -30.34 -10.36 7.71
C ALA B 97 -30.42 -11.86 7.99
N ILE B 98 -30.72 -12.22 9.23
CA ILE B 98 -30.80 -13.62 9.61
C ILE B 98 -31.92 -14.29 8.82
N LYS B 99 -33.10 -13.66 8.81
CA LYS B 99 -34.26 -14.23 8.16
C LYS B 99 -34.00 -14.39 6.66
N GLU B 100 -33.36 -13.39 6.05
CA GLU B 100 -33.15 -13.38 4.60
C GLU B 100 -32.13 -14.43 4.20
N MET B 101 -31.09 -14.60 5.04
CA MET B 101 -30.07 -15.59 4.78
C MET B 101 -30.66 -17.00 4.90
N GLU B 102 -31.55 -17.18 5.88
CA GLU B 102 -32.23 -18.47 6.04
C GLU B 102 -33.05 -18.74 4.79
N ARG B 103 -33.83 -17.74 4.35
CA ARG B 103 -34.67 -17.86 3.18
C ARG B 103 -33.81 -18.17 1.95
N ALA B 104 -32.58 -17.65 1.93
CA ALA B 104 -31.70 -17.81 0.78
C ALA B 104 -30.96 -19.15 0.84
N GLN B 105 -31.33 -20.02 1.79
CA GLN B 105 -30.82 -21.38 1.90
C GLN B 105 -29.35 -21.38 2.35
N VAL B 106 -28.94 -20.32 3.04
CA VAL B 106 -27.61 -20.22 3.64
C VAL B 106 -27.56 -21.10 4.89
N ALA B 107 -26.38 -21.63 5.21
CA ALA B 107 -26.21 -22.55 6.33
C ALA B 107 -25.78 -21.80 7.59
N ALA B 108 -24.95 -20.77 7.43
CA ALA B 108 -24.31 -20.13 8.58
C ALA B 108 -23.87 -18.72 8.22
N VAL B 109 -23.87 -17.84 9.22
CA VAL B 109 -23.33 -16.49 9.08
C VAL B 109 -22.29 -16.24 10.16
N HIS B 110 -21.38 -15.31 9.89
CA HIS B 110 -20.53 -14.77 10.94
C HIS B 110 -20.72 -13.26 11.06
N MET B 111 -20.86 -12.81 12.31
CA MET B 111 -21.06 -11.41 12.65
C MET B 111 -20.01 -11.04 13.69
N GLU B 112 -19.41 -9.84 13.57
CA GLU B 112 -18.24 -9.48 14.37
C GLU B 112 -18.53 -8.30 15.30
N ASP B 113 -17.58 -8.03 16.19
CA ASP B 113 -17.76 -7.08 17.29
C ASP B 113 -17.03 -5.76 17.04
N GLN B 114 -16.77 -5.44 15.75
CA GLN B 114 -16.23 -4.14 15.40
C GLN B 114 -17.34 -3.10 15.41
N VAL B 115 -16.96 -1.83 15.48
CA VAL B 115 -17.90 -0.73 15.30
C VAL B 115 -18.20 -0.65 13.80
N ALA B 116 -19.36 -0.07 13.45
CA ALA B 116 -19.66 0.27 12.06
C ALA B 116 -18.92 1.53 11.58
N GLN B 117 -19.20 2.67 12.26
CA GLN B 117 -18.47 3.92 12.06
C GLN B 117 -17.04 3.82 12.62
N LYS B 118 -16.18 4.77 12.24
CA LYS B 118 -14.82 4.87 12.76
C LYS B 118 -14.49 6.32 13.18
N PRO B 124 -5.60 3.20 11.45
CA PRO B 124 -4.46 2.27 11.55
C PRO B 124 -4.70 1.18 12.61
N GLY B 125 -5.95 1.06 13.07
CA GLY B 125 -6.35 0.05 14.04
C GLY B 125 -7.86 -0.22 14.02
N LYS B 126 -8.26 -1.22 14.79
CA LYS B 126 -9.64 -1.66 14.90
C LYS B 126 -10.25 -1.10 16.18
N GLU B 127 -11.48 -0.54 16.06
CA GLU B 127 -12.29 -0.23 17.23
C GLU B 127 -13.40 -1.26 17.40
N LEU B 128 -13.56 -1.72 18.65
CA LEU B 128 -14.56 -2.73 18.96
C LEU B 128 -15.72 -2.08 19.70
N VAL B 129 -16.89 -2.72 19.63
CA VAL B 129 -18.01 -2.34 20.48
C VAL B 129 -17.79 -2.96 21.85
N ASN B 130 -18.41 -2.34 22.86
CA ASN B 130 -18.47 -2.91 24.20
C ASN B 130 -19.08 -4.32 24.12
N THR B 131 -18.62 -5.21 24.99
CA THR B 131 -19.12 -6.58 25.06
C THR B 131 -20.66 -6.60 25.04
N ASN B 132 -21.29 -5.71 25.79
CA ASN B 132 -22.73 -5.67 25.94
C ASN B 132 -23.40 -5.43 24.60
N GLU B 133 -22.83 -4.52 23.80
CA GLU B 133 -23.38 -4.17 22.51
C GLU B 133 -23.35 -5.38 21.58
N MET B 134 -22.25 -6.16 21.63
CA MET B 134 -22.15 -7.36 20.80
C MET B 134 -23.16 -8.40 21.25
N VAL B 135 -23.43 -8.46 22.56
CA VAL B 135 -24.44 -9.36 23.07
C VAL B 135 -25.80 -8.95 22.49
N ASP B 136 -26.04 -7.64 22.42
CA ASP B 136 -27.27 -7.11 21.87
C ASP B 136 -27.42 -7.56 20.41
N ARG B 137 -26.34 -7.41 19.64
CA ARG B 137 -26.31 -7.85 18.27
C ARG B 137 -26.65 -9.34 18.20
N ILE B 138 -26.03 -10.14 19.08
CA ILE B 138 -26.21 -11.58 19.08
C ILE B 138 -27.66 -11.92 19.41
N LYS B 139 -28.23 -11.25 20.41
CA LYS B 139 -29.59 -11.54 20.85
C LYS B 139 -30.56 -11.27 19.70
N ALA B 140 -30.41 -10.12 19.04
CA ALA B 140 -31.22 -9.77 17.88
C ALA B 140 -31.22 -10.93 16.88
N ALA B 141 -30.04 -11.49 16.62
CA ALA B 141 -29.88 -12.57 15.67
C ALA B 141 -30.52 -13.87 16.18
N VAL B 142 -30.28 -14.17 17.46
CA VAL B 142 -30.69 -15.46 18.00
C VAL B 142 -32.21 -15.54 18.10
N ASP B 143 -32.86 -14.38 18.31
CA ASP B 143 -34.28 -14.31 18.61
C ASP B 143 -35.13 -14.73 17.41
N VAL B 144 -34.55 -14.66 16.21
CA VAL B 144 -35.33 -14.93 15.02
C VAL B 144 -34.74 -16.11 14.26
N LYS B 145 -33.63 -16.65 14.74
CA LYS B 145 -32.98 -17.71 13.98
C LYS B 145 -33.64 -19.05 14.31
N SER B 146 -33.72 -19.95 13.31
CA SER B 146 -34.12 -21.32 13.57
C SER B 146 -33.01 -22.03 14.35
N ASN B 147 -33.33 -23.24 14.82
CA ASN B 147 -32.40 -24.00 15.64
C ASN B 147 -31.21 -24.47 14.81
N ASP B 148 -31.50 -25.00 13.62
CA ASP B 148 -30.48 -25.63 12.78
C ASP B 148 -29.46 -24.61 12.30
N PHE B 149 -29.93 -23.40 11.97
CA PHE B 149 -29.10 -22.36 11.38
C PHE B 149 -27.98 -21.98 12.34
N VAL B 150 -26.81 -21.69 11.77
CA VAL B 150 -25.62 -21.51 12.59
C VAL B 150 -25.20 -20.04 12.61
N LEU B 151 -25.15 -19.47 13.82
CA LEU B 151 -24.59 -18.16 14.06
C LEU B 151 -23.18 -18.32 14.64
N ILE B 152 -22.20 -17.83 13.87
CA ILE B 152 -20.82 -17.76 14.33
C ILE B 152 -20.54 -16.33 14.78
N ALA B 153 -20.24 -16.15 16.07
CA ALA B 153 -19.82 -14.85 16.56
C ALA B 153 -18.31 -14.73 16.34
N ARG B 154 -17.92 -13.61 15.71
CA ARG B 154 -16.53 -13.34 15.40
C ARG B 154 -16.04 -12.23 16.31
N THR B 155 -14.88 -12.47 16.95
CA THR B 155 -14.28 -11.44 17.78
C THR B 155 -12.97 -10.96 17.17
N ASP B 156 -12.82 -9.64 17.11
CA ASP B 156 -11.65 -9.00 16.53
C ASP B 156 -10.75 -8.45 17.63
N ALA B 157 -10.93 -8.99 18.84
CA ALA B 157 -10.43 -8.39 20.07
C ALA B 157 -8.97 -8.77 20.34
N TYR B 158 -8.47 -9.85 19.72
CA TYR B 158 -7.12 -10.30 20.05
C TYR B 158 -6.10 -9.19 19.85
N ALA B 159 -6.05 -8.62 18.64
CA ALA B 159 -5.06 -7.62 18.28
C ALA B 159 -5.14 -6.43 19.23
N VAL B 160 -6.35 -6.05 19.62
CA VAL B 160 -6.58 -4.81 20.36
C VAL B 160 -6.39 -5.05 21.86
N GLU B 161 -6.91 -6.16 22.39
CA GLU B 161 -7.16 -6.30 23.82
C GLU B 161 -6.42 -7.49 24.42
N GLY B 162 -5.83 -8.36 23.58
CA GLY B 162 -5.08 -9.51 24.04
C GLY B 162 -5.95 -10.72 24.39
N LEU B 163 -5.31 -11.87 24.56
CA LEU B 163 -5.97 -13.17 24.53
C LEU B 163 -7.03 -13.31 25.62
N LYS B 164 -6.73 -12.83 26.83
CA LYS B 164 -7.65 -13.06 27.96
C LYS B 164 -8.97 -12.34 27.72
N ALA B 165 -8.90 -11.07 27.30
CA ALA B 165 -10.07 -10.23 27.06
C ALA B 165 -10.93 -10.84 25.95
N THR B 166 -10.26 -11.42 24.95
CA THR B 166 -10.85 -12.03 23.79
C THR B 166 -11.64 -13.29 24.21
N ILE B 167 -11.02 -14.10 25.06
CA ILE B 167 -11.65 -15.32 25.56
C ILE B 167 -12.90 -14.94 26.34
N ASP B 168 -12.79 -13.89 27.16
CA ASP B 168 -13.88 -13.41 27.99
C ASP B 168 -15.09 -13.08 27.10
N ARG B 169 -14.84 -12.26 26.06
CA ARG B 169 -15.85 -11.85 25.11
C ARG B 169 -16.49 -13.09 24.47
N ALA B 170 -15.66 -13.95 23.87
CA ALA B 170 -16.14 -15.11 23.15
C ALA B 170 -17.07 -15.93 24.04
N CYS B 171 -16.70 -16.07 25.32
CA CYS B 171 -17.47 -16.88 26.25
C CYS B 171 -18.84 -16.24 26.48
N THR B 172 -18.84 -14.91 26.67
CA THR B 172 -20.07 -14.16 26.84
C THR B 172 -20.94 -14.29 25.57
N TYR B 173 -20.29 -14.27 24.40
CA TYR B 173 -21.01 -14.40 23.14
C TYR B 173 -21.71 -15.76 23.07
N VAL B 174 -21.02 -16.80 23.54
CA VAL B 174 -21.60 -18.14 23.52
C VAL B 174 -22.81 -18.18 24.45
N GLU B 175 -22.68 -17.52 25.61
CA GLU B 175 -23.75 -17.49 26.59
C GLU B 175 -24.94 -16.71 26.02
N ALA B 176 -24.66 -15.76 25.12
CA ALA B 176 -25.70 -14.92 24.54
C ALA B 176 -26.44 -15.64 23.42
N GLY B 177 -25.93 -16.81 22.99
CA GLY B 177 -26.64 -17.66 22.05
C GLY B 177 -25.83 -18.04 20.81
N ALA B 178 -24.59 -17.56 20.71
CA ALA B 178 -23.73 -17.85 19.57
C ALA B 178 -23.44 -19.36 19.51
N ASP B 179 -23.49 -19.92 18.30
CA ASP B 179 -23.33 -21.34 18.11
C ASP B 179 -21.86 -21.72 18.05
N MET B 180 -21.05 -20.84 17.43
CA MET B 180 -19.65 -21.12 17.16
C MET B 180 -18.87 -19.81 17.21
N ILE B 181 -17.53 -19.91 17.30
CA ILE B 181 -16.70 -18.74 17.48
C ILE B 181 -15.64 -18.65 16.38
N PHE B 182 -15.49 -17.44 15.86
CA PHE B 182 -14.51 -17.08 14.85
C PHE B 182 -13.44 -16.25 15.55
N ALA B 183 -12.25 -16.84 15.70
CA ALA B 183 -11.15 -16.19 16.42
C ALA B 183 -10.21 -15.51 15.42
N GLU B 184 -10.44 -14.22 15.20
CA GLU B 184 -9.73 -13.49 14.16
C GLU B 184 -8.31 -13.14 14.61
N ALA B 185 -7.33 -13.63 13.85
CA ALA B 185 -5.95 -13.14 13.87
C ALA B 185 -5.25 -13.46 15.18
N LEU B 186 -5.42 -14.67 15.71
CA LEU B 186 -4.55 -15.17 16.77
C LEU B 186 -3.17 -15.37 16.14
N GLU B 187 -2.12 -14.87 16.80
CA GLU B 187 -0.80 -14.78 16.19
C GLU B 187 0.04 -16.00 16.51
N ASN B 188 -0.33 -16.74 17.55
CA ASN B 188 0.47 -17.86 18.01
C ASN B 188 -0.40 -19.12 18.07
N ILE B 189 0.05 -20.18 17.39
CA ILE B 189 -0.65 -21.45 17.35
C ILE B 189 -0.99 -21.92 18.77
N ASN B 190 -0.14 -21.60 19.76
CA ASN B 190 -0.31 -22.16 21.08
C ASN B 190 -1.35 -21.38 21.88
N ASP B 191 -1.97 -20.38 21.25
CA ASP B 191 -3.09 -19.67 21.85
C ASP B 191 -4.38 -20.48 21.69
N TYR B 192 -4.47 -21.27 20.62
CA TYR B 192 -5.71 -21.93 20.24
C TYR B 192 -6.18 -22.90 21.33
N PRO B 193 -5.32 -23.80 21.85
CA PRO B 193 -5.78 -24.82 22.80
C PRO B 193 -6.44 -24.21 24.03
N THR B 194 -5.84 -23.12 24.53
CA THR B 194 -6.40 -22.37 25.65
C THR B 194 -7.79 -21.86 25.26
N PHE B 195 -7.85 -21.24 24.07
CA PHE B 195 -9.02 -20.53 23.58
C PHE B 195 -10.17 -21.50 23.33
N CYS B 196 -9.84 -22.62 22.68
CA CYS B 196 -10.85 -23.61 22.30
C CYS B 196 -11.44 -24.26 23.54
N LYS B 197 -10.57 -24.59 24.51
CA LYS B 197 -11.00 -25.26 25.73
C LYS B 197 -11.94 -24.34 26.51
N ALA B 198 -11.66 -23.03 26.46
CA ALA B 198 -12.41 -22.03 27.22
C ALA B 198 -13.82 -21.86 26.65
N VAL B 199 -13.92 -21.69 25.33
CA VAL B 199 -15.19 -21.35 24.70
C VAL B 199 -15.55 -22.67 24.00
N LYS B 200 -16.38 -23.48 24.63
CA LYS B 200 -16.38 -24.92 24.49
C LYS B 200 -16.95 -25.33 23.10
N VAL B 201 -17.45 -24.32 22.39
CA VAL B 201 -18.11 -24.54 21.11
C VAL B 201 -17.05 -24.62 20.01
N PRO B 202 -17.39 -25.13 18.80
CA PRO B 202 -16.44 -25.17 17.69
C PRO B 202 -15.85 -23.79 17.36
N VAL B 203 -14.55 -23.78 17.05
CA VAL B 203 -13.82 -22.56 16.78
C VAL B 203 -13.32 -22.57 15.34
N LEU B 204 -13.44 -21.42 14.68
CA LEU B 204 -12.95 -21.25 13.32
C LEU B 204 -11.69 -20.40 13.38
N ALA B 205 -10.68 -20.83 12.60
CA ALA B 205 -9.44 -20.09 12.45
C ALA B 205 -9.35 -19.56 11.03
N ASN B 206 -8.92 -18.30 10.90
CA ASN B 206 -8.90 -17.64 9.61
C ASN B 206 -7.48 -17.70 9.04
N MET B 207 -7.27 -18.60 8.08
CA MET B 207 -5.95 -18.80 7.49
C MET B 207 -5.82 -17.99 6.20
N THR B 208 -6.09 -16.69 6.28
CA THR B 208 -5.91 -15.81 5.14
C THR B 208 -4.41 -15.56 4.91
N GLU B 209 -4.02 -15.34 3.64
CA GLU B 209 -2.65 -15.04 3.27
C GLU B 209 -2.40 -13.54 3.37
N PHE B 210 -1.11 -13.17 3.49
CA PHE B 210 -0.65 -11.78 3.45
C PHE B 210 -1.25 -10.98 4.60
N GLY B 211 -1.59 -11.66 5.70
CA GLY B 211 -2.18 -11.03 6.87
C GLY B 211 -1.14 -10.84 7.97
N LYS B 212 -1.62 -10.74 9.21
CA LYS B 212 -0.73 -10.61 10.36
C LYS B 212 -0.41 -12.01 10.87
N THR B 213 -1.40 -12.91 10.78
CA THR B 213 -1.32 -14.33 11.09
C THR B 213 -0.32 -15.01 10.15
N PRO B 214 0.49 -15.98 10.64
CA PRO B 214 1.25 -16.86 9.75
C PRO B 214 0.41 -18.06 9.31
N LEU B 215 0.87 -18.81 8.31
CA LEU B 215 0.09 -19.90 7.76
C LEU B 215 0.43 -21.21 8.47
N TYR B 216 -0.58 -21.82 9.08
CA TYR B 216 -0.50 -23.15 9.64
C TYR B 216 -1.33 -24.11 8.79
N THR B 217 -1.05 -25.41 8.93
CA THR B 217 -1.79 -26.41 8.19
C THR B 217 -3.10 -26.72 8.91
N ALA B 218 -4.06 -27.25 8.15
CA ALA B 218 -5.32 -27.72 8.71
C ALA B 218 -5.05 -28.68 9.87
N ALA B 219 -4.14 -29.65 9.62
CA ALA B 219 -3.76 -30.66 10.59
C ALA B 219 -3.24 -30.02 11.87
N GLN B 220 -2.32 -29.06 11.71
CA GLN B 220 -1.72 -28.35 12.83
C GLN B 220 -2.80 -27.69 13.67
N LEU B 221 -3.75 -27.03 12.99
CA LEU B 221 -4.78 -26.27 13.68
C LEU B 221 -5.76 -27.20 14.37
N ALA B 222 -6.07 -28.33 13.73
CA ALA B 222 -6.95 -29.32 14.34
C ALA B 222 -6.31 -29.83 15.63
N ASP B 223 -4.98 -30.05 15.59
CA ASP B 223 -4.22 -30.56 16.71
C ASP B 223 -4.27 -29.59 17.88
N HIS B 224 -4.49 -28.30 17.58
CA HIS B 224 -4.54 -27.28 18.61
C HIS B 224 -5.98 -26.92 18.98
N GLY B 225 -6.92 -27.77 18.54
CA GLY B 225 -8.29 -27.74 19.03
C GLY B 225 -9.28 -27.02 18.11
N VAL B 226 -8.82 -26.65 16.90
CA VAL B 226 -9.63 -25.89 15.96
C VAL B 226 -10.53 -26.84 15.17
N LYS B 227 -11.78 -26.41 14.96
CA LYS B 227 -12.79 -27.23 14.30
C LYS B 227 -12.97 -26.83 12.83
N MET B 228 -12.76 -25.55 12.51
CA MET B 228 -12.94 -25.06 11.15
C MET B 228 -11.74 -24.20 10.75
N VAL B 229 -11.25 -24.40 9.52
CA VAL B 229 -10.24 -23.53 8.95
C VAL B 229 -10.80 -22.86 7.71
N LEU B 230 -10.70 -21.53 7.67
CA LEU B 230 -11.25 -20.70 6.62
C LEU B 230 -10.13 -20.22 5.68
N TYR B 231 -10.39 -20.31 4.38
CA TYR B 231 -9.49 -19.84 3.33
C TYR B 231 -10.26 -18.80 2.52
N PRO B 232 -10.41 -17.57 3.05
CA PRO B 232 -11.46 -16.64 2.59
C PRO B 232 -11.29 -16.12 1.17
N ARG B 233 -10.03 -15.90 0.73
CA ARG B 233 -9.79 -15.18 -0.51
C ARG B 233 -8.75 -15.90 -1.39
N SER B 234 -8.32 -17.09 -0.98
CA SER B 234 -7.24 -17.81 -1.63
C SER B 234 -7.45 -17.91 -3.15
N ALA B 235 -8.57 -18.52 -3.57
CA ALA B 235 -8.87 -18.67 -4.98
C ALA B 235 -8.97 -17.31 -5.67
N ASP B 236 -9.68 -16.36 -5.05
CA ASP B 236 -9.92 -15.04 -5.62
C ASP B 236 -8.58 -14.38 -5.99
N ARG B 237 -7.59 -14.47 -5.10
CA ARG B 237 -6.30 -13.82 -5.29
C ARG B 237 -5.59 -14.40 -6.52
N ALA B 238 -5.68 -15.72 -6.67
CA ALA B 238 -5.05 -16.38 -7.80
C ALA B 238 -5.79 -16.01 -9.09
N MET B 239 -7.12 -15.89 -9.02
CA MET B 239 -7.93 -15.55 -10.16
C MET B 239 -7.52 -14.16 -10.67
N SER B 240 -7.35 -13.23 -9.73
CA SER B 240 -7.07 -11.85 -10.10
C SER B 240 -5.73 -11.77 -10.85
N LYS B 241 -4.72 -12.48 -10.35
CA LYS B 241 -3.42 -12.48 -10.98
C LYS B 241 -3.53 -13.08 -12.39
N ALA B 242 -4.25 -14.19 -12.51
CA ALA B 242 -4.39 -14.92 -13.77
C ALA B 242 -5.08 -14.06 -14.81
N ALA B 243 -6.13 -13.32 -14.37
CA ALA B 243 -6.88 -12.44 -15.23
C ALA B 243 -5.96 -11.33 -15.76
N LEU B 244 -5.23 -10.70 -14.82
CA LEU B 244 -4.34 -9.61 -15.17
C LEU B 244 -3.32 -10.07 -16.21
N ALA B 245 -2.80 -11.29 -16.02
CA ALA B 245 -1.82 -11.88 -16.92
C ALA B 245 -2.38 -12.01 -18.32
N VAL B 246 -3.63 -12.52 -18.42
CA VAL B 246 -4.27 -12.69 -19.73
C VAL B 246 -4.43 -11.31 -20.39
N TYR B 247 -4.92 -10.33 -19.63
CA TYR B 247 -5.11 -8.98 -20.13
C TYR B 247 -3.78 -8.43 -20.66
N GLU B 248 -2.70 -8.65 -19.89
CA GLU B 248 -1.40 -8.14 -20.29
C GLU B 248 -0.91 -8.83 -21.56
N ASP B 249 -1.10 -10.15 -21.63
CA ASP B 249 -0.72 -10.94 -22.80
C ASP B 249 -1.41 -10.39 -24.05
N ILE B 250 -2.74 -10.26 -23.98
CA ILE B 250 -3.54 -9.78 -25.11
C ILE B 250 -3.08 -8.39 -25.51
N LYS B 251 -2.76 -7.56 -24.52
CA LYS B 251 -2.40 -6.18 -24.77
C LYS B 251 -1.04 -6.12 -25.48
N LYS B 252 -0.07 -6.88 -24.96
CA LYS B 252 1.31 -6.79 -25.39
C LYS B 252 1.51 -7.49 -26.74
N HIS B 253 0.73 -8.55 -27.01
CA HIS B 253 1.04 -9.44 -28.11
C HIS B 253 -0.03 -9.39 -29.21
N GLY B 254 -1.21 -8.83 -28.92
CA GLY B 254 -2.27 -8.71 -29.93
C GLY B 254 -3.04 -10.03 -30.15
N VAL B 255 -2.75 -11.02 -29.29
CA VAL B 255 -3.38 -12.33 -29.35
C VAL B 255 -3.08 -13.04 -28.03
N GLN B 256 -3.88 -14.07 -27.71
CA GLN B 256 -3.83 -14.69 -26.39
C GLN B 256 -3.10 -16.04 -26.43
N THR B 257 -2.35 -16.30 -27.51
CA THR B 257 -1.69 -17.57 -27.72
C THR B 257 -0.91 -18.01 -26.46
N ALA B 258 -0.20 -17.05 -25.87
CA ALA B 258 0.69 -17.33 -24.74
C ALA B 258 -0.09 -17.72 -23.50
N SER B 259 -1.37 -17.34 -23.43
CA SER B 259 -2.20 -17.55 -22.26
C SER B 259 -2.91 -18.90 -22.32
N LEU B 260 -2.95 -19.49 -23.52
CA LEU B 260 -3.73 -20.70 -23.79
C LEU B 260 -3.42 -21.83 -22.81
N PRO B 261 -2.14 -22.09 -22.44
CA PRO B 261 -1.84 -23.18 -21.50
C PRO B 261 -2.40 -22.93 -20.10
N PHE B 262 -2.75 -21.68 -19.82
CA PHE B 262 -3.17 -21.27 -18.48
C PHE B 262 -4.69 -21.19 -18.38
N MET B 263 -5.38 -21.58 -19.47
CA MET B 263 -6.84 -21.48 -19.54
C MET B 263 -7.46 -22.86 -19.28
N GLN B 264 -8.62 -22.86 -18.63
CA GLN B 264 -9.40 -24.07 -18.49
C GLN B 264 -9.99 -24.43 -19.86
N THR B 265 -9.92 -25.70 -20.23
CA THR B 265 -10.42 -26.17 -21.51
C THR B 265 -11.94 -26.04 -21.54
N ARG B 266 -12.49 -25.89 -22.76
CA ARG B 266 -13.93 -25.83 -22.96
C ARG B 266 -14.56 -27.12 -22.45
N GLU B 267 -13.82 -28.23 -22.59
CA GLU B 267 -14.28 -29.55 -22.17
C GLU B 267 -14.49 -29.60 -20.67
N ALA B 268 -13.53 -29.06 -19.91
CA ALA B 268 -13.59 -29.07 -18.46
C ALA B 268 -14.76 -28.21 -17.97
N LEU B 269 -15.00 -27.10 -18.67
CA LEU B 269 -16.09 -26.18 -18.37
C LEU B 269 -17.42 -26.93 -18.44
N TYR B 270 -17.62 -27.68 -19.53
CA TYR B 270 -18.85 -28.45 -19.72
C TYR B 270 -19.01 -29.48 -18.62
N GLU B 271 -17.89 -30.07 -18.19
CA GLU B 271 -17.91 -31.07 -17.15
C GLU B 271 -18.44 -30.44 -15.86
N VAL B 272 -17.91 -29.26 -15.51
CA VAL B 272 -18.24 -28.62 -14.24
C VAL B 272 -19.71 -28.19 -14.24
N LEU B 273 -20.19 -27.73 -15.40
CA LEU B 273 -21.55 -27.26 -15.55
C LEU B 273 -22.53 -28.43 -15.64
N ASN B 274 -21.99 -29.66 -15.70
CA ASN B 274 -22.79 -30.87 -15.86
C ASN B 274 -23.63 -30.74 -17.12
N TYR B 275 -22.99 -30.37 -18.23
CA TYR B 275 -23.64 -29.93 -19.47
C TYR B 275 -24.40 -31.08 -20.14
N HIS B 276 -23.86 -32.30 -19.99
CA HIS B 276 -24.42 -33.50 -20.61
C HIS B 276 -25.84 -33.74 -20.09
N ALA B 277 -26.11 -33.30 -18.86
CA ALA B 277 -27.40 -33.49 -18.20
C ALA B 277 -28.46 -32.59 -18.83
N TYR B 278 -28.03 -31.55 -19.57
CA TYR B 278 -28.93 -30.64 -20.25
C TYR B 278 -29.30 -31.19 -21.63
N GLU B 279 -28.37 -31.89 -22.27
CA GLU B 279 -28.67 -32.52 -23.56
C GLU B 279 -29.58 -33.74 -23.36
N ASP B 280 -29.54 -34.31 -22.16
CA ASP B 280 -30.38 -35.43 -21.74
C ASP B 280 -31.85 -35.00 -21.69
N LYS B 281 -32.12 -33.80 -21.16
CA LYS B 281 -33.47 -33.27 -21.06
C LYS B 281 -33.92 -32.70 -22.40
N LEU B 282 -32.97 -32.34 -23.28
CA LEU B 282 -33.24 -31.79 -24.60
C LEU B 282 -33.76 -32.87 -25.55
N ASN B 283 -33.57 -34.14 -25.21
CA ASN B 283 -34.01 -35.26 -26.03
C ASN B 283 -35.19 -35.98 -25.35
N GLN B 284 -35.29 -35.86 -24.01
CA GLN B 284 -36.30 -36.53 -23.21
C GLN B 284 -37.69 -35.94 -23.45
N LEU B 285 -37.74 -34.67 -23.89
CA LEU B 285 -39.01 -34.01 -24.18
C LEU B 285 -39.16 -34.02 -25.71
N SER C 2 -18.67 13.67 -19.45
CA SER C 2 -18.91 14.72 -20.49
C SER C 2 -19.51 14.09 -21.74
N MET C 3 -18.90 12.99 -22.20
CA MET C 3 -19.33 12.23 -23.37
C MET C 3 -20.17 11.02 -22.95
N SER C 4 -21.12 10.63 -23.82
CA SER C 4 -22.03 9.54 -23.51
C SER C 4 -21.34 8.19 -23.73
N PRO C 5 -21.76 7.09 -23.05
CA PRO C 5 -21.10 5.80 -23.21
C PRO C 5 -21.01 5.36 -24.66
N GLY C 6 -22.13 5.52 -25.40
CA GLY C 6 -22.17 5.20 -26.81
C GLY C 6 -21.12 5.97 -27.60
N LYS C 7 -21.00 7.27 -27.30
CA LYS C 7 -20.07 8.14 -28.02
C LYS C 7 -18.64 7.68 -27.75
N LEU C 8 -18.36 7.30 -26.50
CA LEU C 8 -17.03 6.87 -26.09
C LEU C 8 -16.63 5.59 -26.84
N PHE C 9 -17.60 4.66 -26.96
CA PHE C 9 -17.37 3.43 -27.69
C PHE C 9 -17.08 3.75 -29.16
N ARG C 10 -17.93 4.61 -29.76
CA ARG C 10 -17.78 4.98 -31.16
C ARG C 10 -16.38 5.56 -31.38
N GLN C 11 -15.94 6.38 -30.43
CA GLN C 11 -14.67 7.07 -30.57
C GLN C 11 -13.52 6.07 -30.46
N ALA C 12 -13.69 5.05 -29.60
CA ALA C 12 -12.68 4.03 -29.40
C ALA C 12 -12.54 3.18 -30.67
N VAL C 13 -13.67 2.92 -31.34
CA VAL C 13 -13.68 2.13 -32.56
C VAL C 13 -13.01 2.92 -33.69
N ALA C 14 -13.15 4.25 -33.65
CA ALA C 14 -12.62 5.09 -34.70
C ALA C 14 -11.10 5.22 -34.58
N ASN C 15 -10.60 5.32 -33.34
CA ASN C 15 -9.24 5.75 -33.06
C ASN C 15 -8.27 4.58 -33.00
N GLU C 16 -8.78 3.38 -32.67
CA GLU C 16 -7.92 2.22 -32.48
C GLU C 16 -7.90 1.38 -33.77
N HIS C 17 -6.76 0.74 -34.02
CA HIS C 17 -6.59 -0.04 -35.24
C HIS C 17 -5.97 -1.39 -34.90
N PRO C 18 -6.76 -2.40 -34.44
CA PRO C 18 -8.18 -2.22 -34.17
C PRO C 18 -8.44 -1.97 -32.68
N LEU C 19 -9.72 -1.80 -32.31
CA LEU C 19 -10.09 -1.74 -30.91
C LEU C 19 -10.18 -3.17 -30.38
N GLN C 20 -9.31 -3.49 -29.43
CA GLN C 20 -9.43 -4.74 -28.70
C GLN C 20 -10.46 -4.55 -27.60
N ILE C 21 -11.47 -5.43 -27.57
CA ILE C 21 -12.47 -5.42 -26.53
C ILE C 21 -12.33 -6.72 -25.73
N VAL C 22 -11.98 -6.59 -24.45
CA VAL C 22 -11.73 -7.77 -23.63
C VAL C 22 -12.92 -8.03 -22.71
N GLY C 23 -13.25 -9.32 -22.55
CA GLY C 23 -14.29 -9.73 -21.64
C GLY C 23 -13.86 -9.58 -20.18
N ALA C 24 -14.77 -9.08 -19.34
CA ALA C 24 -14.61 -9.05 -17.90
C ALA C 24 -15.92 -9.54 -17.28
N ILE C 25 -15.84 -10.47 -16.33
CA ILE C 25 -17.07 -11.07 -15.80
C ILE C 25 -17.64 -10.23 -14.67
N ASN C 26 -16.82 -9.37 -14.06
CA ASN C 26 -17.27 -8.58 -12.92
C ASN C 26 -16.53 -7.25 -12.89
N ALA C 27 -16.92 -6.39 -11.96
CA ALA C 27 -16.40 -5.03 -11.88
C ALA C 27 -14.89 -5.05 -11.68
N TYR C 28 -14.40 -5.96 -10.85
CA TYR C 28 -12.98 -5.97 -10.51
C TYR C 28 -12.15 -6.30 -11.75
N CYS C 29 -12.61 -7.29 -12.54
CA CYS C 29 -11.91 -7.65 -13.76
C CYS C 29 -11.87 -6.45 -14.70
N ALA C 30 -12.97 -5.70 -14.74
CA ALA C 30 -13.06 -4.52 -15.57
C ALA C 30 -11.95 -3.54 -15.16
N LEU C 31 -11.75 -3.40 -13.86
CA LEU C 31 -10.73 -2.49 -13.34
C LEU C 31 -9.33 -2.98 -13.77
N LEU C 32 -9.10 -4.29 -13.66
CA LEU C 32 -7.83 -4.86 -14.08
C LEU C 32 -7.59 -4.53 -15.57
N ALA C 33 -8.63 -4.74 -16.39
CA ALA C 33 -8.52 -4.48 -17.83
C ALA C 33 -8.21 -3.00 -18.06
N GLU C 34 -8.93 -2.12 -17.34
CA GLU C 34 -8.74 -0.69 -17.45
C GLU C 34 -7.29 -0.34 -17.12
N ASN C 35 -6.77 -1.02 -16.09
CA ASN C 35 -5.43 -0.78 -15.57
C ASN C 35 -4.39 -1.11 -16.63
N VAL C 36 -4.61 -2.20 -17.36
CA VAL C 36 -3.69 -2.67 -18.38
C VAL C 36 -3.76 -1.76 -19.59
N GLY C 37 -4.85 -0.99 -19.72
CA GLY C 37 -4.92 0.09 -20.69
C GLY C 37 -5.87 -0.18 -21.85
N PHE C 38 -6.82 -1.12 -21.70
CA PHE C 38 -7.82 -1.36 -22.73
C PHE C 38 -8.79 -0.19 -22.81
N LYS C 39 -9.36 0.02 -24.01
CA LYS C 39 -10.19 1.19 -24.27
C LYS C 39 -11.67 0.83 -24.22
N ALA C 40 -11.97 -0.48 -24.20
CA ALA C 40 -13.34 -0.98 -24.16
C ALA C 40 -13.38 -2.36 -23.53
N ILE C 41 -14.51 -2.70 -22.89
CA ILE C 41 -14.66 -3.97 -22.20
C ILE C 41 -15.98 -4.61 -22.61
N TYR C 42 -16.12 -5.89 -22.26
CA TYR C 42 -17.18 -6.73 -22.80
C TYR C 42 -17.79 -7.58 -21.69
N LEU C 43 -19.12 -7.67 -21.70
CA LEU C 43 -19.85 -8.57 -20.82
C LEU C 43 -20.40 -9.73 -21.65
N SER C 44 -19.79 -10.91 -21.45
CA SER C 44 -20.12 -12.12 -22.19
C SER C 44 -21.40 -12.74 -21.63
N GLY C 45 -22.34 -13.00 -22.55
CA GLY C 45 -23.58 -13.68 -22.21
C GLY C 45 -23.32 -15.08 -21.66
N GLY C 46 -22.40 -15.80 -22.32
CA GLY C 46 -21.95 -17.10 -21.83
C GLY C 46 -21.32 -16.97 -20.44
N GLY C 47 -20.56 -15.89 -20.26
CA GLY C 47 -19.96 -15.59 -18.96
C GLY C 47 -21.01 -15.40 -17.87
N VAL C 48 -22.04 -14.60 -18.19
CA VAL C 48 -23.09 -14.31 -17.22
C VAL C 48 -23.74 -15.61 -16.78
N ALA C 49 -24.02 -16.49 -17.74
CA ALA C 49 -24.69 -17.76 -17.52
C ALA C 49 -23.79 -18.71 -16.74
N ASN C 50 -22.59 -18.98 -17.29
CA ASN C 50 -21.67 -19.95 -16.72
C ASN C 50 -21.30 -19.59 -15.28
N THR C 51 -21.19 -18.28 -15.00
CA THR C 51 -20.82 -17.83 -13.66
C THR C 51 -21.90 -18.19 -12.66
N LEU C 52 -23.16 -18.21 -13.13
CA LEU C 52 -24.30 -18.63 -12.33
C LEU C 52 -24.36 -20.15 -12.25
N GLY C 53 -23.55 -20.81 -13.08
CA GLY C 53 -23.56 -22.27 -13.20
C GLY C 53 -24.61 -22.75 -14.20
N LEU C 54 -25.00 -21.89 -15.13
CA LEU C 54 -25.96 -22.25 -16.17
C LEU C 54 -25.22 -22.35 -17.51
N PRO C 55 -25.69 -23.20 -18.43
CA PRO C 55 -25.12 -23.25 -19.79
C PRO C 55 -25.60 -22.07 -20.63
N ASP C 56 -24.82 -21.74 -21.67
CA ASP C 56 -25.09 -20.61 -22.52
C ASP C 56 -26.19 -20.95 -23.52
N LEU C 57 -27.42 -21.16 -23.03
CA LEU C 57 -28.51 -21.65 -23.87
C LEU C 57 -29.70 -20.70 -23.87
N GLY C 58 -29.45 -19.40 -23.64
CA GLY C 58 -30.51 -18.43 -23.52
C GLY C 58 -31.47 -18.75 -22.38
N ILE C 59 -30.94 -19.26 -21.26
CA ILE C 59 -31.75 -19.49 -20.06
C ILE C 59 -31.84 -18.19 -19.27
N THR C 60 -30.74 -17.42 -19.30
CA THR C 60 -30.68 -16.14 -18.62
C THR C 60 -31.65 -15.16 -19.27
N ASP C 61 -32.08 -14.15 -18.50
CA ASP C 61 -33.00 -13.13 -18.99
C ASP C 61 -32.37 -11.75 -18.85
N LEU C 62 -33.14 -10.71 -19.18
CA LEU C 62 -32.65 -9.35 -19.15
C LEU C 62 -32.02 -9.02 -17.79
N HIS C 63 -32.59 -9.54 -16.70
CA HIS C 63 -32.17 -9.16 -15.36
C HIS C 63 -30.82 -9.78 -14.99
N ASP C 64 -30.60 -11.03 -15.40
CA ASP C 64 -29.34 -11.69 -15.13
C ASP C 64 -28.19 -10.86 -15.71
N VAL C 65 -28.38 -10.40 -16.95
CA VAL C 65 -27.35 -9.69 -17.67
C VAL C 65 -27.28 -8.27 -17.14
N LEU C 66 -28.45 -7.64 -16.97
CA LEU C 66 -28.52 -6.25 -16.56
C LEU C 66 -27.79 -6.06 -15.23
N GLU C 67 -27.98 -6.98 -14.28
CA GLU C 67 -27.36 -6.87 -12.97
C GLU C 67 -25.83 -6.86 -13.12
N ASP C 68 -25.31 -7.81 -13.92
CA ASP C 68 -23.87 -7.92 -14.11
C ASP C 68 -23.34 -6.68 -14.81
N ALA C 69 -24.14 -6.11 -15.72
CA ALA C 69 -23.73 -4.94 -16.47
C ALA C 69 -23.66 -3.72 -15.56
N ARG C 70 -24.68 -3.57 -14.70
CA ARG C 70 -24.76 -2.45 -13.78
C ARG C 70 -23.54 -2.43 -12.87
N ARG C 71 -23.18 -3.60 -12.32
CA ARG C 71 -22.05 -3.71 -11.42
C ARG C 71 -20.78 -3.17 -12.09
N ILE C 72 -20.58 -3.52 -13.37
CA ILE C 72 -19.39 -3.11 -14.09
C ILE C 72 -19.40 -1.61 -14.36
N THR C 73 -20.51 -1.09 -14.90
CA THR C 73 -20.56 0.31 -15.28
C THR C 73 -20.52 1.20 -14.05
N ALA C 74 -20.84 0.63 -12.89
CA ALA C 74 -20.79 1.37 -11.65
C ALA C 74 -19.34 1.68 -11.27
N ALA C 75 -18.41 0.85 -11.78
CA ALA C 75 -17.04 0.86 -11.30
C ALA C 75 -16.09 1.51 -12.30
N THR C 76 -16.51 1.65 -13.56
CA THR C 76 -15.64 2.22 -14.58
C THR C 76 -16.46 2.86 -15.68
N HIS C 77 -15.89 3.90 -16.30
CA HIS C 77 -16.52 4.61 -17.39
C HIS C 77 -16.06 4.05 -18.73
N LEU C 78 -15.14 3.07 -18.69
CA LEU C 78 -14.73 2.38 -19.89
C LEU C 78 -15.97 1.87 -20.61
N PRO C 79 -16.15 2.18 -21.92
CA PRO C 79 -17.34 1.74 -22.65
C PRO C 79 -17.46 0.22 -22.64
N LEU C 80 -18.64 -0.26 -22.22
CA LEU C 80 -18.94 -1.68 -22.09
C LEU C 80 -19.86 -2.13 -23.21
N LEU C 81 -19.46 -3.20 -23.91
CA LEU C 81 -20.30 -3.91 -24.85
C LEU C 81 -20.96 -5.07 -24.12
N VAL C 82 -22.29 -5.18 -24.24
CA VAL C 82 -23.04 -6.19 -23.52
C VAL C 82 -23.76 -7.12 -24.50
N ASP C 83 -23.61 -8.42 -24.25
CA ASP C 83 -24.22 -9.48 -25.04
C ASP C 83 -25.66 -9.65 -24.58
N ILE C 84 -26.63 -9.39 -25.48
CA ILE C 84 -28.04 -9.54 -25.16
C ILE C 84 -28.66 -10.70 -25.92
N ASP C 85 -27.82 -11.67 -26.34
CA ASP C 85 -28.30 -12.91 -26.93
C ASP C 85 -29.24 -12.58 -28.10
N THR C 86 -30.48 -13.06 -28.02
CA THR C 86 -31.45 -12.83 -29.10
C THR C 86 -32.45 -11.74 -28.74
N GLY C 87 -32.28 -11.13 -27.56
CA GLY C 87 -33.13 -10.02 -27.16
C GLY C 87 -34.16 -10.44 -26.10
N PHE C 88 -34.06 -11.69 -25.63
CA PHE C 88 -34.72 -12.18 -24.42
C PHE C 88 -36.21 -12.43 -24.63
N GLY C 89 -36.73 -12.09 -25.81
CA GLY C 89 -38.12 -12.35 -26.15
C GLY C 89 -38.52 -11.67 -27.45
N GLY C 90 -39.78 -11.21 -27.52
CA GLY C 90 -40.31 -10.52 -28.67
C GLY C 90 -39.87 -9.05 -28.74
N ALA C 91 -40.58 -8.28 -29.57
CA ALA C 91 -40.20 -6.92 -29.89
C ALA C 91 -40.23 -6.03 -28.65
N PHE C 92 -41.14 -6.32 -27.71
CA PHE C 92 -41.33 -5.48 -26.55
C PHE C 92 -40.19 -5.69 -25.56
N THR C 93 -39.75 -6.95 -25.44
CA THR C 93 -38.65 -7.34 -24.58
C THR C 93 -37.36 -6.68 -25.06
N ILE C 94 -37.14 -6.71 -26.38
CA ILE C 94 -35.98 -6.11 -27.00
C ILE C 94 -35.95 -4.61 -26.67
N ALA C 95 -37.10 -3.95 -26.86
CA ALA C 95 -37.19 -2.52 -26.60
C ALA C 95 -36.81 -2.24 -25.15
N ARG C 96 -37.31 -3.08 -24.24
CA ARG C 96 -37.05 -2.95 -22.83
C ARG C 96 -35.54 -3.12 -22.57
N ALA C 97 -34.96 -4.12 -23.22
CA ALA C 97 -33.55 -4.44 -23.07
C ALA C 97 -32.70 -3.24 -23.46
N ILE C 98 -33.04 -2.62 -24.60
CA ILE C 98 -32.28 -1.48 -25.09
C ILE C 98 -32.38 -0.34 -24.08
N LYS C 99 -33.61 -0.04 -23.64
CA LYS C 99 -33.84 1.07 -22.73
C LYS C 99 -33.09 0.84 -21.41
N GLU C 100 -33.12 -0.40 -20.91
CA GLU C 100 -32.55 -0.73 -19.61
C GLU C 100 -31.02 -0.67 -19.66
N MET C 101 -30.46 -1.13 -20.79
CA MET C 101 -29.03 -1.09 -20.98
C MET C 101 -28.54 0.35 -21.07
N GLU C 102 -29.33 1.20 -21.75
CA GLU C 102 -29.01 2.62 -21.83
C GLU C 102 -29.00 3.21 -20.44
N ARG C 103 -30.05 2.92 -19.67
CA ARG C 103 -30.20 3.42 -18.31
C ARG C 103 -29.04 2.93 -17.46
N ALA C 104 -28.52 1.73 -17.76
CA ALA C 104 -27.46 1.13 -16.98
C ALA C 104 -26.09 1.64 -17.42
N GLN C 105 -26.07 2.67 -18.29
CA GLN C 105 -24.85 3.35 -18.71
C GLN C 105 -23.97 2.44 -19.58
N VAL C 106 -24.62 1.48 -20.26
CA VAL C 106 -23.95 0.59 -21.21
C VAL C 106 -23.70 1.37 -22.50
N ALA C 107 -22.63 1.00 -23.22
CA ALA C 107 -22.24 1.72 -24.42
C ALA C 107 -22.82 1.05 -25.66
N ALA C 108 -22.86 -0.29 -25.66
CA ALA C 108 -23.21 -1.04 -26.85
C ALA C 108 -23.74 -2.43 -26.49
N VAL C 109 -24.62 -2.96 -27.34
CA VAL C 109 -25.08 -4.33 -27.21
C VAL C 109 -24.86 -5.07 -28.53
N HIS C 110 -24.75 -6.40 -28.45
CA HIS C 110 -24.84 -7.22 -29.64
C HIS C 110 -26.00 -8.21 -29.51
N MET C 111 -26.79 -8.30 -30.60
CA MET C 111 -27.94 -9.18 -30.69
C MET C 111 -27.76 -10.01 -31.97
N GLU C 112 -28.09 -11.31 -31.88
CA GLU C 112 -27.76 -12.25 -32.95
C GLU C 112 -29.02 -12.85 -33.61
N ASP C 113 -28.80 -13.57 -34.72
CA ASP C 113 -29.89 -14.03 -35.58
C ASP C 113 -30.15 -15.52 -35.41
N GLN C 114 -29.80 -16.07 -34.24
CA GLN C 114 -30.17 -17.45 -33.91
C GLN C 114 -31.62 -17.48 -33.47
N VAL C 115 -32.22 -18.68 -33.48
CA VAL C 115 -33.53 -18.88 -32.88
C VAL C 115 -33.35 -18.89 -31.36
N ALA C 116 -34.41 -18.56 -30.63
CA ALA C 116 -34.42 -18.65 -29.17
C ALA C 116 -34.63 -20.07 -28.68
N GLN C 117 -35.77 -20.69 -29.09
CA GLN C 117 -36.11 -22.07 -28.75
C GLN C 117 -36.26 -22.90 -30.03
N LYS C 118 -35.71 -24.14 -30.04
CA LYS C 118 -35.49 -24.87 -31.29
C LYS C 118 -35.75 -26.36 -31.10
N ARG C 119 -36.25 -27.01 -32.17
CA ARG C 119 -36.41 -28.45 -32.37
C ARG C 119 -36.85 -29.18 -31.09
N CYS C 120 -36.25 -30.35 -30.86
CA CYS C 120 -36.38 -31.05 -29.59
C CYS C 120 -35.01 -31.65 -29.23
N GLY C 125 -26.94 -28.56 -36.20
CA GLY C 125 -26.02 -27.93 -35.24
C GLY C 125 -26.61 -26.68 -34.59
N LYS C 126 -27.24 -25.81 -35.39
CA LYS C 126 -27.54 -24.43 -35.02
C LYS C 126 -28.51 -23.82 -36.03
N GLU C 127 -29.60 -23.22 -35.51
CA GLU C 127 -30.69 -22.75 -36.36
C GLU C 127 -30.73 -21.23 -36.33
N LEU C 128 -30.92 -20.63 -37.50
CA LEU C 128 -31.04 -19.19 -37.61
C LEU C 128 -32.49 -18.82 -37.89
N VAL C 129 -32.86 -17.58 -37.53
CA VAL C 129 -34.13 -17.02 -37.94
C VAL C 129 -34.00 -16.54 -39.38
N ASN C 130 -35.14 -16.47 -40.06
CA ASN C 130 -35.24 -15.86 -41.38
C ASN C 130 -34.72 -14.42 -41.27
N THR C 131 -34.10 -13.94 -42.35
CA THR C 131 -33.62 -12.57 -42.43
C THR C 131 -34.66 -11.57 -41.92
N ASN C 132 -35.91 -11.77 -42.32
CA ASN C 132 -36.99 -10.84 -42.01
C ASN C 132 -37.16 -10.71 -40.49
N GLU C 133 -37.09 -11.86 -39.80
CA GLU C 133 -37.28 -11.90 -38.36
C GLU C 133 -36.18 -11.12 -37.66
N MET C 134 -34.93 -11.26 -38.16
CA MET C 134 -33.82 -10.52 -37.59
C MET C 134 -33.98 -9.02 -37.82
N VAL C 135 -34.55 -8.66 -38.97
CA VAL C 135 -34.82 -7.26 -39.27
C VAL C 135 -35.83 -6.74 -38.23
N ASP C 136 -36.83 -7.57 -37.92
CA ASP C 136 -37.85 -7.21 -36.95
C ASP C 136 -37.20 -6.94 -35.61
N ARG C 137 -36.30 -7.86 -35.19
CA ARG C 137 -35.56 -7.71 -33.96
C ARG C 137 -34.81 -6.38 -33.98
N ILE C 138 -34.14 -6.10 -35.10
CA ILE C 138 -33.31 -4.90 -35.21
C ILE C 138 -34.19 -3.66 -35.11
N LYS C 139 -35.33 -3.67 -35.81
CA LYS C 139 -36.20 -2.51 -35.84
C LYS C 139 -36.69 -2.19 -34.44
N ALA C 140 -37.14 -3.23 -33.72
CA ALA C 140 -37.59 -3.09 -32.34
C ALA C 140 -36.52 -2.36 -31.52
N ALA C 141 -35.26 -2.74 -31.70
CA ALA C 141 -34.15 -2.16 -30.96
C ALA C 141 -33.91 -0.71 -31.41
N VAL C 142 -33.93 -0.48 -32.73
CA VAL C 142 -33.52 0.81 -33.27
C VAL C 142 -34.55 1.88 -32.92
N ASP C 143 -35.82 1.46 -32.79
CA ASP C 143 -36.93 2.38 -32.64
C ASP C 143 -36.88 3.10 -31.29
N VAL C 144 -36.17 2.54 -30.32
CA VAL C 144 -36.17 3.10 -28.99
C VAL C 144 -34.75 3.51 -28.59
N LYS C 145 -33.76 3.24 -29.45
CA LYS C 145 -32.39 3.51 -29.05
C LYS C 145 -32.05 4.97 -29.32
N SER C 146 -31.22 5.56 -28.45
CA SER C 146 -30.68 6.88 -28.72
C SER C 146 -29.69 6.80 -29.88
N ASN C 147 -29.26 7.98 -30.37
CA ASN C 147 -28.35 8.05 -31.49
C ASN C 147 -26.98 7.50 -31.12
N ASP C 148 -26.47 7.92 -29.95
CA ASP C 148 -25.11 7.61 -29.53
C ASP C 148 -24.94 6.12 -29.29
N PHE C 149 -25.96 5.49 -28.71
CA PHE C 149 -25.90 4.10 -28.30
C PHE C 149 -25.67 3.20 -29.50
N VAL C 150 -24.88 2.14 -29.30
CA VAL C 150 -24.42 1.33 -30.41
C VAL C 150 -25.10 -0.03 -30.39
N LEU C 151 -25.80 -0.33 -31.49
CA LEU C 151 -26.34 -1.65 -31.74
C LEU C 151 -25.43 -2.39 -32.73
N ILE C 152 -24.85 -3.49 -32.25
CA ILE C 152 -24.10 -4.39 -33.11
C ILE C 152 -24.99 -5.58 -33.45
N ALA C 153 -25.28 -5.74 -34.74
CA ALA C 153 -26.00 -6.93 -35.18
C ALA C 153 -24.98 -8.05 -35.44
N ARG C 154 -25.26 -9.20 -34.83
CA ARG C 154 -24.38 -10.35 -34.94
C ARG C 154 -25.05 -11.39 -35.83
N THR C 155 -24.31 -11.91 -36.81
CA THR C 155 -24.81 -12.97 -37.65
C THR C 155 -24.03 -14.25 -37.40
N ASP C 156 -24.77 -15.35 -37.26
CA ASP C 156 -24.20 -16.66 -36.99
C ASP C 156 -24.29 -17.51 -38.26
N ALA C 157 -24.44 -16.83 -39.40
CA ALA C 157 -24.85 -17.47 -40.64
C ALA C 157 -23.68 -18.10 -41.41
N TYR C 158 -22.45 -17.70 -41.12
CA TYR C 158 -21.32 -18.19 -41.91
C TYR C 158 -21.28 -19.72 -41.91
N ALA C 159 -21.25 -20.32 -40.71
CA ALA C 159 -21.09 -21.77 -40.59
C ALA C 159 -22.22 -22.49 -41.33
N VAL C 160 -23.43 -21.93 -41.26
CA VAL C 160 -24.62 -22.62 -41.75
C VAL C 160 -24.81 -22.37 -43.24
N GLU C 161 -24.61 -21.13 -43.69
CA GLU C 161 -25.13 -20.68 -44.98
C GLU C 161 -24.03 -20.20 -45.92
N GLY C 162 -22.80 -20.04 -45.40
CA GLY C 162 -21.66 -19.63 -46.22
C GLY C 162 -21.57 -18.12 -46.43
N LEU C 163 -20.42 -17.68 -46.95
CA LEU C 163 -20.00 -16.28 -46.86
C LEU C 163 -20.99 -15.34 -47.57
N LYS C 164 -21.47 -15.73 -48.74
CA LYS C 164 -22.28 -14.81 -49.52
C LYS C 164 -23.62 -14.52 -48.83
N ALA C 165 -24.26 -15.57 -48.31
CA ALA C 165 -25.54 -15.45 -47.62
C ALA C 165 -25.39 -14.58 -46.37
N THR C 166 -24.24 -14.71 -45.71
CA THR C 166 -23.90 -14.00 -44.49
C THR C 166 -23.74 -12.52 -44.78
N ILE C 167 -23.04 -12.21 -45.88
CA ILE C 167 -22.83 -10.83 -46.29
C ILE C 167 -24.18 -10.19 -46.60
N ASP C 168 -25.06 -10.95 -47.28
CA ASP C 168 -26.38 -10.49 -47.64
C ASP C 168 -27.14 -10.07 -46.39
N ARG C 169 -27.19 -10.97 -45.40
CA ARG C 169 -27.84 -10.73 -44.13
C ARG C 169 -27.28 -9.46 -43.48
N ALA C 170 -25.95 -9.44 -43.29
CA ALA C 170 -25.29 -8.35 -42.60
C ALA C 170 -25.69 -7.02 -43.23
N CYS C 171 -25.74 -7.00 -44.56
CA CYS C 171 -26.03 -5.78 -45.30
C CYS C 171 -27.46 -5.33 -45.02
N THR C 172 -28.39 -6.29 -45.05
CA THR C 172 -29.78 -6.04 -44.72
C THR C 172 -29.89 -5.52 -43.29
N TYR C 173 -29.10 -6.10 -42.37
CA TYR C 173 -29.12 -5.70 -40.98
C TYR C 173 -28.70 -4.23 -40.86
N VAL C 174 -27.68 -3.84 -41.64
CA VAL C 174 -27.19 -2.47 -41.61
C VAL C 174 -28.29 -1.53 -42.10
N GLU C 175 -28.99 -1.96 -43.15
CA GLU C 175 -30.07 -1.17 -43.73
C GLU C 175 -31.22 -1.05 -42.73
N ALA C 176 -31.36 -2.05 -41.86
CA ALA C 176 -32.45 -2.09 -40.89
C ALA C 176 -32.15 -1.20 -39.69
N GLY C 177 -30.89 -0.72 -39.58
CA GLY C 177 -30.54 0.27 -38.58
C GLY C 177 -29.36 -0.12 -37.69
N ALA C 178 -28.77 -1.30 -37.94
CA ALA C 178 -27.62 -1.78 -37.18
C ALA C 178 -26.44 -0.85 -37.37
N ASP C 179 -25.73 -0.55 -36.28
CA ASP C 179 -24.62 0.39 -36.31
C ASP C 179 -23.34 -0.30 -36.75
N MET C 180 -23.17 -1.56 -36.33
CA MET C 180 -21.93 -2.30 -36.55
C MET C 180 -22.29 -3.78 -36.67
N ILE C 181 -21.33 -4.57 -37.19
CA ILE C 181 -21.58 -5.97 -37.48
C ILE C 181 -20.57 -6.87 -36.77
N PHE C 182 -21.11 -7.94 -36.19
CA PHE C 182 -20.36 -8.97 -35.49
C PHE C 182 -20.41 -10.20 -36.39
N ALA C 183 -19.25 -10.53 -36.97
CA ALA C 183 -19.13 -11.63 -37.91
C ALA C 183 -18.61 -12.87 -37.19
N GLU C 184 -19.55 -13.71 -36.75
CA GLU C 184 -19.21 -14.85 -35.90
C GLU C 184 -18.61 -15.98 -36.73
N ALA C 185 -17.36 -16.34 -36.37
CA ALA C 185 -16.73 -17.60 -36.77
C ALA C 185 -16.45 -17.65 -38.27
N LEU C 186 -15.95 -16.56 -38.86
CA LEU C 186 -15.34 -16.63 -40.18
C LEU C 186 -14.06 -17.44 -40.04
N GLU C 187 -13.88 -18.42 -40.93
CA GLU C 187 -12.84 -19.43 -40.74
C GLU C 187 -11.55 -19.02 -41.44
N ASN C 188 -11.66 -18.12 -42.42
CA ASN C 188 -10.51 -17.76 -43.23
C ASN C 188 -10.28 -16.26 -43.17
N ILE C 189 -9.07 -15.85 -42.78
CA ILE C 189 -8.69 -14.45 -42.67
C ILE C 189 -9.05 -13.69 -43.95
N ASN C 190 -8.97 -14.37 -45.11
CA ASN C 190 -9.09 -13.66 -46.37
C ASN C 190 -10.56 -13.47 -46.74
N ASP C 191 -11.48 -13.88 -45.84
CA ASP C 191 -12.88 -13.59 -46.00
C ASP C 191 -13.18 -12.15 -45.55
N TYR C 192 -12.40 -11.65 -44.59
CA TYR C 192 -12.72 -10.40 -43.91
C TYR C 192 -12.72 -9.22 -44.88
N PRO C 193 -11.69 -9.04 -45.74
CA PRO C 193 -11.62 -7.83 -46.57
C PRO C 193 -12.85 -7.70 -47.47
N THR C 194 -13.29 -8.82 -48.03
CA THR C 194 -14.51 -8.85 -48.84
C THR C 194 -15.70 -8.43 -47.98
N PHE C 195 -15.79 -9.01 -46.78
CA PHE C 195 -16.92 -8.86 -45.88
C PHE C 195 -16.99 -7.42 -45.38
N CYS C 196 -15.85 -6.87 -44.99
CA CYS C 196 -15.79 -5.54 -44.42
C CYS C 196 -16.15 -4.49 -45.47
N LYS C 197 -15.62 -4.67 -46.68
CA LYS C 197 -15.88 -3.75 -47.78
C LYS C 197 -17.38 -3.74 -48.12
N ALA C 198 -18.00 -4.92 -48.03
CA ALA C 198 -19.39 -5.09 -48.39
C ALA C 198 -20.33 -4.40 -47.40
N VAL C 199 -20.10 -4.62 -46.11
CA VAL C 199 -21.01 -4.14 -45.07
C VAL C 199 -20.19 -3.00 -44.46
N LYS C 200 -20.45 -1.79 -44.89
CA LYS C 200 -19.47 -0.70 -44.92
C LYS C 200 -19.16 -0.22 -43.50
N VAL C 201 -19.95 -0.72 -42.54
CA VAL C 201 -19.85 -0.28 -41.15
C VAL C 201 -18.73 -1.05 -40.45
N PRO C 202 -18.27 -0.59 -39.26
CA PRO C 202 -17.25 -1.32 -38.49
C PRO C 202 -17.65 -2.77 -38.22
N VAL C 203 -16.66 -3.66 -38.32
CA VAL C 203 -16.88 -5.10 -38.16
C VAL C 203 -16.08 -5.59 -36.95
N LEU C 204 -16.72 -6.46 -36.17
CA LEU C 204 -16.10 -7.07 -35.02
C LEU C 204 -15.80 -8.53 -35.36
N ALA C 205 -14.59 -8.96 -34.99
CA ALA C 205 -14.18 -10.35 -35.15
C ALA C 205 -14.04 -10.98 -33.76
N ASN C 206 -14.53 -12.22 -33.64
CA ASN C 206 -14.56 -12.89 -32.36
C ASN C 206 -13.38 -13.84 -32.25
N MET C 207 -12.34 -13.42 -31.50
CA MET C 207 -11.13 -14.22 -31.35
C MET C 207 -11.19 -15.08 -30.09
N THR C 208 -12.27 -15.87 -29.96
CA THR C 208 -12.39 -16.78 -28.83
C THR C 208 -11.48 -17.99 -29.04
N GLU C 209 -11.00 -18.58 -27.93
CA GLU C 209 -10.19 -19.79 -27.93
C GLU C 209 -11.09 -21.02 -27.98
N PHE C 210 -10.52 -22.15 -28.43
CA PHE C 210 -11.17 -23.45 -28.41
C PHE C 210 -12.44 -23.44 -29.27
N GLY C 211 -12.46 -22.57 -30.28
CA GLY C 211 -13.58 -22.46 -31.20
C GLY C 211 -13.27 -23.18 -32.51
N LYS C 212 -14.02 -22.83 -33.56
CA LYS C 212 -13.77 -23.37 -34.89
C LYS C 212 -12.74 -22.48 -35.59
N THR C 213 -12.82 -21.17 -35.30
CA THR C 213 -11.90 -20.14 -35.76
C THR C 213 -10.49 -20.41 -35.22
N PRO C 214 -9.42 -20.16 -36.02
CA PRO C 214 -8.06 -20.11 -35.50
C PRO C 214 -7.74 -18.71 -34.98
N LEU C 215 -6.62 -18.57 -34.25
CA LEU C 215 -6.28 -17.30 -33.62
C LEU C 215 -5.41 -16.47 -34.55
N TYR C 216 -5.91 -15.27 -34.88
CA TYR C 216 -5.14 -14.27 -35.60
C TYR C 216 -4.83 -13.12 -34.65
N THR C 217 -3.83 -12.30 -35.02
CA THR C 217 -3.46 -11.17 -34.19
C THR C 217 -4.38 -10.00 -34.50
N ALA C 218 -4.46 -9.07 -33.54
CA ALA C 218 -5.18 -7.81 -33.72
C ALA C 218 -4.72 -7.14 -35.01
N ALA C 219 -3.38 -7.04 -35.15
CA ALA C 219 -2.74 -6.40 -36.29
C ALA C 219 -3.19 -7.06 -37.60
N GLN C 220 -3.14 -8.40 -37.62
CA GLN C 220 -3.52 -9.17 -38.80
C GLN C 220 -4.96 -8.85 -39.19
N LEU C 221 -5.84 -8.82 -38.19
CA LEU C 221 -7.27 -8.64 -38.43
C LEU C 221 -7.53 -7.20 -38.89
N ALA C 222 -6.82 -6.23 -38.31
CA ALA C 222 -6.96 -4.85 -38.73
C ALA C 222 -6.57 -4.71 -40.20
N ASP C 223 -5.50 -5.43 -40.59
CA ASP C 223 -4.96 -5.40 -41.94
C ASP C 223 -5.98 -5.96 -42.93
N HIS C 224 -6.89 -6.81 -42.44
CA HIS C 224 -7.91 -7.40 -43.28
C HIS C 224 -9.25 -6.67 -43.14
N GLY C 225 -9.21 -5.48 -42.53
CA GLY C 225 -10.32 -4.54 -42.57
C GLY C 225 -11.19 -4.55 -41.32
N VAL C 226 -10.76 -5.28 -40.28
CA VAL C 226 -11.54 -5.45 -39.05
C VAL C 226 -11.30 -4.25 -38.13
N LYS C 227 -12.39 -3.77 -37.50
CA LYS C 227 -12.34 -2.59 -36.66
C LYS C 227 -12.28 -2.96 -35.16
N MET C 228 -12.88 -4.09 -34.79
CA MET C 228 -12.91 -4.51 -33.40
C MET C 228 -12.54 -5.98 -33.30
N VAL C 229 -11.71 -6.32 -32.30
CA VAL C 229 -11.43 -7.69 -31.97
C VAL C 229 -11.89 -7.99 -30.54
N LEU C 230 -12.66 -9.05 -30.39
CA LEU C 230 -13.27 -9.44 -29.13
C LEU C 230 -12.54 -10.64 -28.53
N TYR C 231 -12.27 -10.56 -27.22
CA TYR C 231 -11.65 -11.64 -26.46
C TYR C 231 -12.62 -12.02 -25.35
N PRO C 232 -13.70 -12.75 -25.67
CA PRO C 232 -14.88 -12.82 -24.80
C PRO C 232 -14.69 -13.51 -23.45
N ARG C 233 -13.85 -14.55 -23.39
CA ARG C 233 -13.78 -15.40 -22.22
C ARG C 233 -12.34 -15.68 -21.80
N SER C 234 -11.38 -15.01 -22.44
CA SER C 234 -9.96 -15.29 -22.23
C SER C 234 -9.59 -15.24 -20.75
N ALA C 235 -9.85 -14.08 -20.10
CA ALA C 235 -9.56 -13.91 -18.69
C ALA C 235 -10.30 -14.96 -17.84
N ASP C 236 -11.60 -15.12 -18.10
CA ASP C 236 -12.46 -16.02 -17.34
C ASP C 236 -11.85 -17.43 -17.28
N ARG C 237 -11.38 -17.92 -18.45
CA ARG C 237 -10.86 -19.27 -18.56
C ARG C 237 -9.62 -19.45 -17.70
N ALA C 238 -8.77 -18.41 -17.67
CA ALA C 238 -7.55 -18.45 -16.87
C ALA C 238 -7.90 -18.41 -15.39
N MET C 239 -8.92 -17.60 -15.05
CA MET C 239 -9.37 -17.47 -13.67
C MET C 239 -9.84 -18.83 -13.15
N SER C 240 -10.61 -19.52 -13.99
CA SER C 240 -11.22 -20.77 -13.56
C SER C 240 -10.13 -21.81 -13.24
N LYS C 241 -9.12 -21.87 -14.11
CA LYS C 241 -8.04 -22.82 -13.90
C LYS C 241 -7.29 -22.48 -12.61
N ALA C 242 -7.01 -21.19 -12.42
CA ALA C 242 -6.23 -20.72 -11.28
C ALA C 242 -6.97 -21.02 -9.97
N ALA C 243 -8.30 -20.81 -9.97
CA ALA C 243 -9.13 -21.07 -8.82
C ALA C 243 -9.10 -22.55 -8.47
N LEU C 244 -9.29 -23.39 -9.50
CA LEU C 244 -9.30 -24.83 -9.34
C LEU C 244 -7.98 -25.28 -8.70
N ALA C 245 -6.88 -24.71 -9.19
CA ALA C 245 -5.54 -25.04 -8.72
C ALA C 245 -5.41 -24.75 -7.23
N VAL C 246 -5.87 -23.55 -6.81
CA VAL C 246 -5.81 -23.16 -5.42
C VAL C 246 -6.61 -24.14 -4.58
N TYR C 247 -7.85 -24.44 -5.01
CA TYR C 247 -8.71 -25.37 -4.31
C TYR C 247 -8.01 -26.72 -4.15
N GLU C 248 -7.38 -27.20 -5.24
CA GLU C 248 -6.73 -28.50 -5.21
C GLU C 248 -5.54 -28.47 -4.25
N ASP C 249 -4.75 -27.38 -4.29
CA ASP C 249 -3.59 -27.20 -3.42
C ASP C 249 -4.03 -27.29 -1.96
N ILE C 250 -5.03 -26.48 -1.58
CA ILE C 250 -5.51 -26.43 -0.22
C ILE C 250 -6.01 -27.82 0.21
N LYS C 251 -6.68 -28.50 -0.72
CA LYS C 251 -7.28 -29.79 -0.40
C LYS C 251 -6.19 -30.84 -0.16
N LYS C 252 -5.20 -30.88 -1.06
CA LYS C 252 -4.20 -31.93 -1.08
C LYS C 252 -3.17 -31.71 0.03
N HIS C 253 -2.88 -30.45 0.37
CA HIS C 253 -1.72 -30.14 1.18
C HIS C 253 -2.09 -29.58 2.56
N GLY C 254 -3.34 -29.15 2.76
CA GLY C 254 -3.79 -28.67 4.06
C GLY C 254 -3.35 -27.24 4.35
N VAL C 255 -2.78 -26.59 3.32
CA VAL C 255 -2.28 -25.22 3.40
C VAL C 255 -2.04 -24.74 1.98
N GLN C 256 -1.98 -23.41 1.80
CA GLN C 256 -1.99 -22.84 0.47
C GLN C 256 -0.60 -22.34 0.07
N THR C 257 0.43 -22.79 0.79
CA THR C 257 1.80 -22.31 0.59
C THR C 257 2.18 -22.35 -0.88
N ALA C 258 1.83 -23.46 -1.57
CA ALA C 258 2.26 -23.70 -2.93
C ALA C 258 1.58 -22.74 -3.90
N SER C 259 0.44 -22.16 -3.49
CA SER C 259 -0.36 -21.32 -4.36
C SER C 259 0.07 -19.85 -4.24
N LEU C 260 0.82 -19.54 -3.17
CA LEU C 260 1.17 -18.16 -2.82
C LEU C 260 1.84 -17.42 -3.98
N PRO C 261 2.76 -18.02 -4.76
CA PRO C 261 3.41 -17.32 -5.87
C PRO C 261 2.43 -16.94 -6.98
N PHE C 262 1.25 -17.58 -6.99
CA PHE C 262 0.29 -17.43 -8.07
C PHE C 262 -0.82 -16.47 -7.66
N MET C 263 -0.70 -15.88 -6.48
CA MET C 263 -1.71 -14.98 -5.95
C MET C 263 -1.30 -13.52 -6.15
N GLN C 264 -2.29 -12.66 -6.39
CA GLN C 264 -2.07 -11.24 -6.41
C GLN C 264 -1.80 -10.78 -4.99
N THR C 265 -0.79 -9.91 -4.83
CA THR C 265 -0.41 -9.39 -3.52
C THR C 265 -1.52 -8.48 -3.00
N ARG C 266 -1.60 -8.38 -1.67
CA ARG C 266 -2.55 -7.49 -1.02
C ARG C 266 -2.27 -6.05 -1.46
N GLU C 267 -1.01 -5.74 -1.71
CA GLU C 267 -0.57 -4.41 -2.12
C GLU C 267 -1.18 -4.06 -3.48
N ALA C 268 -1.15 -5.01 -4.43
CA ALA C 268 -1.64 -4.77 -5.78
C ALA C 268 -3.16 -4.55 -5.73
N LEU C 269 -3.83 -5.33 -4.85
CA LEU C 269 -5.27 -5.23 -4.67
C LEU C 269 -5.64 -3.81 -4.27
N TYR C 270 -4.92 -3.25 -3.27
CA TYR C 270 -5.20 -1.91 -2.78
C TYR C 270 -4.98 -0.90 -3.90
N GLU C 271 -3.97 -1.14 -4.74
CA GLU C 271 -3.67 -0.24 -5.83
C GLU C 271 -4.87 -0.18 -6.79
N VAL C 272 -5.40 -1.36 -7.15
CA VAL C 272 -6.45 -1.45 -8.15
C VAL C 272 -7.72 -0.80 -7.61
N LEU C 273 -7.98 -0.97 -6.32
CA LEU C 273 -9.18 -0.45 -5.68
C LEU C 273 -9.03 1.04 -5.39
N ASN C 274 -7.83 1.60 -5.64
CA ASN C 274 -7.53 2.99 -5.34
C ASN C 274 -7.80 3.26 -3.86
N TYR C 275 -7.26 2.38 -3.00
CA TYR C 275 -7.62 2.29 -1.59
C TYR C 275 -7.16 3.52 -0.81
N HIS C 276 -6.06 4.14 -1.25
CA HIS C 276 -5.49 5.29 -0.57
C HIS C 276 -6.47 6.46 -0.55
N ALA C 277 -7.37 6.51 -1.54
CA ALA C 277 -8.38 7.56 -1.66
C ALA C 277 -9.43 7.46 -0.54
N TYR C 278 -9.54 6.25 0.03
CA TYR C 278 -10.51 5.97 1.08
C TYR C 278 -9.89 6.27 2.45
N GLU C 279 -8.58 6.10 2.60
CA GLU C 279 -7.88 6.44 3.83
C GLU C 279 -7.79 7.96 3.97
N ASP C 280 -7.87 8.67 2.84
CA ASP C 280 -7.87 10.13 2.78
C ASP C 280 -9.13 10.69 3.43
N LYS C 281 -10.29 10.07 3.15
CA LYS C 281 -11.57 10.49 3.70
C LYS C 281 -11.73 9.98 5.14
N LEU C 282 -11.00 8.91 5.50
CA LEU C 282 -11.03 8.29 6.82
C LEU C 282 -10.31 9.16 7.86
N ASN C 283 -9.49 10.10 7.40
CA ASN C 283 -8.73 10.99 8.27
C ASN C 283 -9.29 12.42 8.18
N GLN C 284 -9.96 12.74 7.05
CA GLN C 284 -10.58 14.04 6.84
C GLN C 284 -11.84 14.19 7.71
N LEU C 285 -12.42 13.08 8.19
CA LEU C 285 -13.64 13.11 8.96
C LEU C 285 -13.33 13.25 10.46
N MET D 3 -33.02 17.52 -21.70
CA MET D 3 -32.67 18.01 -20.35
C MET D 3 -32.51 16.83 -19.40
N SER D 4 -31.59 16.98 -18.43
CA SER D 4 -31.31 15.95 -17.44
C SER D 4 -32.41 15.92 -16.36
N PRO D 5 -32.62 14.80 -15.66
CA PRO D 5 -33.64 14.72 -14.61
C PRO D 5 -33.55 15.84 -13.59
N GLY D 6 -32.32 16.12 -13.12
CA GLY D 6 -32.06 17.21 -12.20
C GLY D 6 -32.56 18.55 -12.75
N LYS D 7 -32.24 18.79 -14.02
CA LYS D 7 -32.57 20.06 -14.66
C LYS D 7 -34.09 20.19 -14.76
N LEU D 8 -34.77 19.08 -15.07
CA LEU D 8 -36.23 19.06 -15.22
C LEU D 8 -36.88 19.41 -13.88
N PHE D 9 -36.35 18.84 -12.79
CA PHE D 9 -36.85 19.12 -11.45
C PHE D 9 -36.64 20.61 -11.14
N ARG D 10 -35.43 21.11 -11.40
CA ARG D 10 -35.10 22.50 -11.12
C ARG D 10 -36.07 23.41 -11.87
N GLN D 11 -36.39 23.03 -13.10
CA GLN D 11 -37.24 23.85 -13.95
C GLN D 11 -38.66 23.85 -13.41
N ALA D 12 -39.10 22.69 -12.89
CA ALA D 12 -40.43 22.54 -12.34
C ALA D 12 -40.58 23.38 -11.08
N VAL D 13 -39.52 23.45 -10.28
CA VAL D 13 -39.51 24.23 -9.05
C VAL D 13 -39.56 25.72 -9.37
N ALA D 14 -38.94 26.10 -10.50
CA ALA D 14 -38.86 27.50 -10.87
C ALA D 14 -40.20 28.00 -11.42
N ASN D 15 -40.89 27.15 -12.19
CA ASN D 15 -42.01 27.58 -13.04
C ASN D 15 -43.34 27.44 -12.32
N GLU D 16 -43.43 26.55 -11.31
CA GLU D 16 -44.68 26.31 -10.60
C GLU D 16 -44.70 27.14 -9.32
N HIS D 17 -45.90 27.55 -8.91
CA HIS D 17 -46.06 28.40 -7.74
C HIS D 17 -47.19 27.88 -6.86
N PRO D 18 -46.96 26.86 -6.01
CA PRO D 18 -45.69 26.15 -5.95
C PRO D 18 -45.71 24.86 -6.77
N LEU D 19 -44.59 24.13 -6.77
CA LEU D 19 -44.58 22.80 -7.35
C LEU D 19 -45.16 21.82 -6.34
N GLN D 20 -46.29 21.21 -6.71
CA GLN D 20 -46.82 20.10 -5.93
C GLN D 20 -46.09 18.82 -6.34
N ILE D 21 -45.52 18.13 -5.35
CA ILE D 21 -44.86 16.86 -5.56
C ILE D 21 -45.67 15.78 -4.86
N VAL D 22 -46.23 14.85 -5.63
CA VAL D 22 -47.08 13.81 -5.04
C VAL D 22 -46.32 12.51 -4.93
N GLY D 23 -46.55 11.81 -3.81
CA GLY D 23 -45.97 10.50 -3.60
C GLY D 23 -46.66 9.45 -4.47
N ALA D 24 -45.86 8.56 -5.06
CA ALA D 24 -46.31 7.40 -5.80
C ALA D 24 -45.47 6.21 -5.35
N ILE D 25 -46.11 5.10 -4.98
CA ILE D 25 -45.36 3.98 -4.40
C ILE D 25 -44.81 3.07 -5.49
N ASN D 26 -45.37 3.16 -6.70
CA ASN D 26 -44.94 2.28 -7.78
C ASN D 26 -45.10 3.01 -9.11
N ALA D 27 -44.64 2.34 -10.18
CA ALA D 27 -44.61 2.93 -11.50
C ALA D 27 -46.01 3.32 -11.96
N TYR D 28 -47.00 2.46 -11.66
CA TYR D 28 -48.35 2.70 -12.14
C TYR D 28 -48.93 3.96 -11.51
N CYS D 29 -48.71 4.13 -10.19
CA CYS D 29 -49.18 5.31 -9.50
C CYS D 29 -48.54 6.56 -10.12
N ALA D 30 -47.26 6.43 -10.49
CA ALA D 30 -46.54 7.54 -11.11
C ALA D 30 -47.24 7.93 -12.40
N LEU D 31 -47.69 6.93 -13.16
CA LEU D 31 -48.39 7.19 -14.40
C LEU D 31 -49.72 7.90 -14.13
N LEU D 32 -50.44 7.45 -13.11
CA LEU D 32 -51.69 8.09 -12.74
C LEU D 32 -51.44 9.56 -12.41
N ALA D 33 -50.39 9.83 -11.62
CA ALA D 33 -50.04 11.18 -11.24
C ALA D 33 -49.71 12.01 -12.47
N GLU D 34 -48.92 11.42 -13.38
CA GLU D 34 -48.52 12.07 -14.62
C GLU D 34 -49.77 12.44 -15.40
N ASN D 35 -50.74 11.52 -15.41
CA ASN D 35 -51.97 11.65 -16.16
C ASN D 35 -52.77 12.85 -15.66
N VAL D 36 -52.80 13.03 -14.33
CA VAL D 36 -53.55 14.10 -13.70
C VAL D 36 -52.86 15.44 -13.97
N GLY D 37 -51.57 15.40 -14.29
CA GLY D 37 -50.86 16.57 -14.77
C GLY D 37 -49.84 17.13 -13.78
N PHE D 38 -49.40 16.32 -12.79
CA PHE D 38 -48.36 16.75 -11.87
C PHE D 38 -47.02 16.83 -12.59
N LYS D 39 -46.13 17.73 -12.10
CA LYS D 39 -44.90 18.04 -12.79
C LYS D 39 -43.72 17.32 -12.14
N ALA D 40 -43.94 16.77 -10.94
CA ALA D 40 -42.92 16.04 -10.20
C ALA D 40 -43.57 15.00 -9.31
N ILE D 41 -42.83 13.92 -9.05
CA ILE D 41 -43.34 12.83 -8.23
C ILE D 41 -42.31 12.47 -7.16
N TYR D 42 -42.75 11.69 -6.18
CA TYR D 42 -41.99 11.47 -4.97
C TYR D 42 -42.02 10.00 -4.57
N LEU D 43 -40.85 9.49 -4.17
CA LEU D 43 -40.75 8.15 -3.60
C LEU D 43 -40.51 8.26 -2.11
N SER D 44 -41.54 7.91 -1.34
CA SER D 44 -41.55 8.02 0.11
C SER D 44 -40.75 6.86 0.72
N GLY D 45 -39.81 7.23 1.59
CA GLY D 45 -39.04 6.24 2.34
C GLY D 45 -39.93 5.38 3.23
N GLY D 46 -40.88 6.03 3.91
CA GLY D 46 -41.89 5.33 4.69
C GLY D 46 -42.71 4.41 3.80
N GLY D 47 -43.03 4.89 2.59
CA GLY D 47 -43.74 4.10 1.60
C GLY D 47 -42.97 2.83 1.23
N VAL D 48 -41.67 3.00 0.94
CA VAL D 48 -40.84 1.89 0.52
C VAL D 48 -40.86 0.82 1.61
N ALA D 49 -40.72 1.26 2.86
CA ALA D 49 -40.64 0.38 4.02
C ALA D 49 -41.99 -0.29 4.25
N ASN D 50 -43.05 0.52 4.42
CA ASN D 50 -44.36 0.02 4.78
C ASN D 50 -44.87 -0.95 3.72
N THR D 51 -44.54 -0.72 2.45
CA THR D 51 -45.01 -1.57 1.37
C THR D 51 -44.39 -2.96 1.50
N LEU D 52 -43.17 -3.02 2.05
CA LEU D 52 -42.48 -4.27 2.33
C LEU D 52 -43.04 -4.89 3.62
N GLY D 53 -43.82 -4.10 4.36
CA GLY D 53 -44.34 -4.52 5.65
C GLY D 53 -43.37 -4.20 6.79
N LEU D 54 -42.47 -3.23 6.56
CA LEU D 54 -41.54 -2.80 7.59
C LEU D 54 -41.93 -1.41 8.08
N PRO D 55 -41.64 -1.08 9.35
CA PRO D 55 -41.84 0.27 9.85
C PRO D 55 -40.77 1.24 9.33
N ASP D 56 -41.11 2.54 9.32
CA ASP D 56 -40.25 3.57 8.79
C ASP D 56 -39.17 3.92 9.82
N LEU D 57 -38.25 2.97 10.08
CA LEU D 57 -37.26 3.14 11.13
C LEU D 57 -35.84 3.04 10.57
N GLY D 58 -35.66 3.36 9.28
CA GLY D 58 -34.37 3.21 8.63
C GLY D 58 -33.85 1.77 8.67
N ILE D 59 -34.76 0.80 8.49
CA ILE D 59 -34.36 -0.59 8.37
C ILE D 59 -33.98 -0.88 6.92
N THR D 60 -34.67 -0.22 5.99
CA THR D 60 -34.40 -0.33 4.56
C THR D 60 -33.02 0.24 4.25
N ASP D 61 -32.42 -0.26 3.15
CA ASP D 61 -31.10 0.17 2.71
C ASP D 61 -31.19 0.74 1.30
N LEU D 62 -30.02 1.10 0.74
CA LEU D 62 -29.96 1.72 -0.57
C LEU D 62 -30.73 0.90 -1.60
N HIS D 63 -30.66 -0.43 -1.51
CA HIS D 63 -31.21 -1.31 -2.54
C HIS D 63 -32.74 -1.36 -2.50
N ASP D 64 -33.31 -1.35 -1.30
CA ASP D 64 -34.75 -1.33 -1.14
C ASP D 64 -35.32 -0.12 -1.88
N VAL D 65 -34.69 1.03 -1.68
CA VAL D 65 -35.18 2.28 -2.22
C VAL D 65 -34.84 2.34 -3.72
N LEU D 66 -33.59 1.97 -4.03
CA LEU D 66 -33.09 2.06 -5.40
C LEU D 66 -33.98 1.25 -6.34
N GLU D 67 -34.38 0.05 -5.91
CA GLU D 67 -35.19 -0.82 -6.74
C GLU D 67 -36.52 -0.13 -7.07
N ASP D 68 -37.17 0.43 -6.03
CA ASP D 68 -38.46 1.08 -6.20
C ASP D 68 -38.31 2.30 -7.09
N ALA D 69 -37.16 2.98 -6.98
CA ALA D 69 -36.91 4.19 -7.75
C ALA D 69 -36.73 3.85 -9.23
N ARG D 70 -35.96 2.79 -9.49
CA ARG D 70 -35.67 2.35 -10.84
C ARG D 70 -36.97 2.03 -11.57
N ARG D 71 -37.85 1.29 -10.90
CA ARG D 71 -39.13 0.88 -11.47
C ARG D 71 -39.91 2.12 -11.94
N ILE D 72 -39.93 3.17 -11.13
CA ILE D 72 -40.68 4.38 -11.44
C ILE D 72 -40.03 5.12 -12.62
N THR D 73 -38.72 5.36 -12.55
CA THR D 73 -38.07 6.17 -13.58
C THR D 73 -38.06 5.42 -14.90
N ALA D 74 -38.25 4.10 -14.85
CA ALA D 74 -38.32 3.30 -16.06
C ALA D 74 -39.60 3.62 -16.83
N ALA D 75 -40.62 4.12 -16.13
CA ALA D 75 -41.97 4.21 -16.66
C ALA D 75 -42.35 5.65 -17.00
N THR D 76 -41.62 6.62 -16.45
CA THR D 76 -41.95 8.02 -16.70
C THR D 76 -40.70 8.89 -16.62
N HIS D 77 -40.73 10.01 -17.36
CA HIS D 77 -39.64 10.98 -17.36
C HIS D 77 -39.92 12.09 -16.35
N LEU D 78 -41.11 12.04 -15.73
CA LEU D 78 -41.45 13.00 -14.69
C LEU D 78 -40.33 13.00 -13.64
N PRO D 79 -39.75 14.16 -13.29
CA PRO D 79 -38.69 14.19 -12.29
C PRO D 79 -39.15 13.61 -10.95
N LEU D 80 -38.36 12.65 -10.44
CA LEU D 80 -38.67 11.95 -9.21
C LEU D 80 -37.74 12.41 -8.08
N LEU D 81 -38.35 12.80 -6.95
CA LEU D 81 -37.63 13.06 -5.71
C LEU D 81 -37.66 11.78 -4.87
N VAL D 82 -36.50 11.36 -4.39
CA VAL D 82 -36.36 10.11 -3.67
C VAL D 82 -35.85 10.37 -2.26
N ASP D 83 -36.51 9.76 -1.29
CA ASP D 83 -36.18 9.85 0.13
C ASP D 83 -35.06 8.86 0.43
N ILE D 84 -33.89 9.38 0.84
CA ILE D 84 -32.76 8.53 1.17
C ILE D 84 -32.47 8.55 2.68
N ASP D 85 -33.48 8.90 3.49
CA ASP D 85 -33.37 8.82 4.93
C ASP D 85 -32.13 9.59 5.40
N THR D 86 -31.22 8.89 6.07
CA THR D 86 -30.02 9.53 6.60
C THR D 86 -28.79 9.23 5.74
N GLY D 87 -28.99 8.48 4.64
CA GLY D 87 -27.91 8.20 3.71
C GLY D 87 -27.40 6.77 3.83
N PHE D 88 -28.05 5.98 4.68
CA PHE D 88 -27.92 4.52 4.71
C PHE D 88 -26.63 4.07 5.40
N GLY D 89 -25.75 5.02 5.75
CA GLY D 89 -24.53 4.70 6.46
C GLY D 89 -23.60 5.90 6.57
N GLY D 90 -22.28 5.64 6.52
CA GLY D 90 -21.28 6.70 6.58
C GLY D 90 -21.09 7.39 5.23
N ALA D 91 -19.95 8.08 5.10
CA ALA D 91 -19.70 8.97 3.97
C ALA D 91 -19.65 8.21 2.65
N PHE D 92 -19.17 6.97 2.69
CA PHE D 92 -18.98 6.20 1.48
C PHE D 92 -20.32 5.68 0.97
N THR D 93 -21.20 5.31 1.91
CA THR D 93 -22.54 4.84 1.59
C THR D 93 -23.34 5.97 0.93
N ILE D 94 -23.22 7.18 1.50
CA ILE D 94 -23.91 8.35 0.98
C ILE D 94 -23.45 8.59 -0.47
N ALA D 95 -22.14 8.55 -0.68
CA ALA D 95 -21.59 8.79 -2.00
C ALA D 95 -22.17 7.78 -2.99
N ARG D 96 -22.24 6.52 -2.55
CA ARG D 96 -22.77 5.44 -3.36
C ARG D 96 -24.24 5.72 -3.70
N ALA D 97 -24.99 6.15 -2.68
CA ALA D 97 -26.40 6.43 -2.82
C ALA D 97 -26.63 7.51 -3.88
N ILE D 98 -25.82 8.57 -3.82
CA ILE D 98 -25.96 9.67 -4.75
C ILE D 98 -25.69 9.16 -6.16
N LYS D 99 -24.57 8.45 -6.32
CA LYS D 99 -24.16 7.97 -7.63
C LYS D 99 -25.21 7.03 -8.20
N GLU D 100 -25.76 6.15 -7.36
CA GLU D 100 -26.70 5.12 -7.81
C GLU D 100 -28.03 5.75 -8.22
N MET D 101 -28.45 6.76 -7.45
CA MET D 101 -29.69 7.47 -7.75
C MET D 101 -29.56 8.23 -9.08
N GLU D 102 -28.37 8.82 -9.30
CA GLU D 102 -28.10 9.51 -10.55
C GLU D 102 -28.20 8.52 -11.70
N ARG D 103 -27.54 7.37 -11.54
CA ARG D 103 -27.53 6.32 -12.54
C ARG D 103 -28.95 5.85 -12.80
N ALA D 104 -29.79 5.86 -11.77
CA ALA D 104 -31.16 5.37 -11.87
C ALA D 104 -32.10 6.43 -12.45
N GLN D 105 -31.54 7.55 -12.93
CA GLN D 105 -32.28 8.60 -13.61
C GLN D 105 -33.21 9.35 -12.65
N VAL D 106 -32.85 9.35 -11.37
CA VAL D 106 -33.55 10.12 -10.34
C VAL D 106 -33.18 11.60 -10.49
N ALA D 107 -34.09 12.49 -10.11
CA ALA D 107 -33.89 13.92 -10.27
C ALA D 107 -33.33 14.53 -8.99
N ALA D 108 -33.79 14.05 -7.83
CA ALA D 108 -33.48 14.69 -6.57
C ALA D 108 -33.63 13.71 -5.41
N VAL D 109 -32.85 13.94 -4.36
CA VAL D 109 -32.98 13.18 -3.12
C VAL D 109 -33.15 14.15 -1.95
N HIS D 110 -33.76 13.66 -0.86
CA HIS D 110 -33.70 14.38 0.40
C HIS D 110 -33.06 13.50 1.48
N MET D 111 -32.15 14.11 2.24
CA MET D 111 -31.42 13.47 3.32
C MET D 111 -31.60 14.34 4.56
N GLU D 112 -31.80 13.70 5.73
CA GLU D 112 -32.20 14.43 6.93
C GLU D 112 -31.14 14.34 8.04
N ASP D 113 -31.35 15.12 9.11
CA ASP D 113 -30.34 15.31 10.15
C ASP D 113 -30.71 14.55 11.43
N GLN D 114 -31.50 13.48 11.30
CA GLN D 114 -31.76 12.59 12.43
C GLN D 114 -30.58 11.64 12.61
N VAL D 115 -30.48 11.04 13.80
CA VAL D 115 -29.51 9.98 14.03
C VAL D 115 -30.01 8.72 13.32
N ALA D 116 -29.07 7.83 12.96
CA ALA D 116 -29.41 6.56 12.33
C ALA D 116 -29.76 5.52 13.39
N GLN D 117 -31.01 5.07 13.39
CA GLN D 117 -31.53 3.96 14.19
C GLN D 117 -31.38 4.14 15.71
N LYS D 118 -31.08 5.38 16.14
CA LYS D 118 -30.98 5.76 17.55
C LYS D 118 -30.78 4.54 18.45
N ARG D 123 -34.18 6.19 24.96
CA ARG D 123 -35.18 7.26 25.27
C ARG D 123 -35.92 7.62 23.98
N PRO D 124 -37.20 7.20 23.81
CA PRO D 124 -37.96 7.48 22.58
C PRO D 124 -38.20 8.96 22.24
N GLY D 125 -38.01 9.32 20.96
CA GLY D 125 -38.32 10.65 20.44
C GLY D 125 -37.68 10.89 19.07
N LYS D 126 -37.51 12.17 18.69
CA LYS D 126 -36.63 12.53 17.58
C LYS D 126 -35.30 13.02 18.15
N GLU D 127 -34.20 12.36 17.78
CA GLU D 127 -32.87 12.81 18.15
C GLU D 127 -32.14 13.23 16.90
N LEU D 128 -31.45 14.37 16.95
CA LEU D 128 -30.77 14.90 15.77
C LEU D 128 -29.28 14.73 15.94
N VAL D 129 -28.57 14.70 14.80
CA VAL D 129 -27.12 14.77 14.83
C VAL D 129 -26.73 16.23 15.02
N ASN D 130 -25.51 16.42 15.54
CA ASN D 130 -24.88 17.72 15.62
C ASN D 130 -24.83 18.31 14.20
N THR D 131 -24.96 19.63 14.12
CA THR D 131 -24.89 20.36 12.86
C THR D 131 -23.70 19.88 12.02
N ASN D 132 -22.53 19.70 12.66
CA ASN D 132 -21.30 19.36 11.97
C ASN D 132 -21.45 18.02 11.26
N GLU D 133 -22.10 17.06 11.93
CA GLU D 133 -22.27 15.72 11.38
C GLU D 133 -23.13 15.78 10.12
N MET D 134 -24.19 16.62 10.15
CA MET D 134 -25.04 16.78 8.99
C MET D 134 -24.27 17.43 7.84
N VAL D 135 -23.36 18.34 8.17
CA VAL D 135 -22.52 18.97 7.17
C VAL D 135 -21.66 17.89 6.52
N ASP D 136 -21.16 16.96 7.34
CA ASP D 136 -20.33 15.87 6.86
C ASP D 136 -21.13 15.03 5.86
N ARG D 137 -22.36 14.70 6.25
CA ARG D 137 -23.26 13.96 5.38
C ARG D 137 -23.44 14.70 4.07
N ILE D 138 -23.66 16.03 4.16
CA ILE D 138 -23.93 16.84 2.98
C ILE D 138 -22.70 16.85 2.08
N LYS D 139 -21.52 17.03 2.67
CA LYS D 139 -20.28 17.13 1.91
C LYS D 139 -20.06 15.83 1.13
N ALA D 140 -20.23 14.69 1.81
CA ALA D 140 -20.10 13.38 1.19
C ALA D 140 -20.97 13.33 -0.08
N ALA D 141 -22.20 13.83 0.02
CA ALA D 141 -23.14 13.81 -1.08
C ALA D 141 -22.71 14.78 -2.18
N VAL D 142 -22.30 15.98 -1.79
CA VAL D 142 -22.05 17.05 -2.75
C VAL D 142 -20.80 16.72 -3.57
N ASP D 143 -19.86 16.00 -2.97
CA ASP D 143 -18.54 15.75 -3.56
C ASP D 143 -18.64 14.86 -4.79
N VAL D 144 -19.73 14.10 -4.91
CA VAL D 144 -19.84 13.15 -6.00
C VAL D 144 -21.04 13.49 -6.87
N LYS D 145 -21.82 14.51 -6.49
CA LYS D 145 -23.04 14.76 -7.24
C LYS D 145 -22.73 15.62 -8.45
N SER D 146 -23.45 15.40 -9.55
CA SER D 146 -23.37 16.28 -10.70
C SER D 146 -24.02 17.61 -10.36
N ASN D 147 -23.86 18.61 -11.24
CA ASN D 147 -24.36 19.95 -11.00
C ASN D 147 -25.89 19.95 -11.05
N ASP D 148 -26.45 19.29 -12.06
CA ASP D 148 -27.89 19.33 -12.32
C ASP D 148 -28.67 18.64 -11.20
N PHE D 149 -28.13 17.54 -10.68
CA PHE D 149 -28.80 16.72 -9.68
C PHE D 149 -29.07 17.54 -8.41
N VAL D 150 -30.22 17.29 -7.79
CA VAL D 150 -30.68 18.14 -6.71
C VAL D 150 -30.58 17.40 -5.38
N LEU D 151 -29.81 18.00 -4.46
CA LEU D 151 -29.76 17.56 -3.08
C LEU D 151 -30.62 18.48 -2.21
N ILE D 152 -31.68 17.91 -1.63
CA ILE D 152 -32.49 18.61 -0.67
C ILE D 152 -32.06 18.16 0.73
N ALA D 153 -31.56 19.11 1.52
CA ALA D 153 -31.27 18.82 2.92
C ALA D 153 -32.54 19.03 3.74
N ARG D 154 -32.87 18.00 4.53
CA ARG D 154 -34.06 18.02 5.36
C ARG D 154 -33.63 18.20 6.82
N THR D 155 -34.28 19.15 7.51
CA THR D 155 -34.02 19.33 8.93
C THR D 155 -35.26 18.98 9.74
N ASP D 156 -35.04 18.20 10.80
CA ASP D 156 -36.10 17.74 11.67
C ASP D 156 -36.06 18.51 12.99
N ALA D 157 -35.43 19.69 12.94
CA ALA D 157 -35.00 20.40 14.14
C ALA D 157 -36.09 21.26 14.76
N TYR D 158 -37.13 21.59 13.98
CA TYR D 158 -38.14 22.51 14.49
C TYR D 158 -38.74 22.01 15.80
N ALA D 159 -39.27 20.78 15.77
CA ALA D 159 -39.98 20.23 16.92
C ALA D 159 -39.07 20.21 18.16
N VAL D 160 -37.79 19.90 17.94
CA VAL D 160 -36.87 19.65 19.04
C VAL D 160 -36.28 20.97 19.54
N GLU D 161 -35.87 21.85 18.61
CA GLU D 161 -34.94 22.92 18.93
C GLU D 161 -35.52 24.31 18.66
N GLY D 162 -36.68 24.37 17.98
CA GLY D 162 -37.36 25.64 17.72
C GLY D 162 -36.82 26.36 16.48
N LEU D 163 -37.56 27.38 16.04
CA LEU D 163 -37.42 27.94 14.71
C LEU D 163 -36.02 28.51 14.45
N LYS D 164 -35.45 29.20 15.44
CA LYS D 164 -34.20 29.90 15.20
C LYS D 164 -33.07 28.89 14.95
N ALA D 165 -33.00 27.84 15.78
CA ALA D 165 -31.98 26.81 15.68
C ALA D 165 -32.08 26.09 14.33
N THR D 166 -33.32 25.92 13.87
CA THR D 166 -33.66 25.23 12.62
C THR D 166 -33.16 26.04 11.43
N ILE D 167 -33.40 27.35 11.48
CA ILE D 167 -32.98 28.26 10.42
C ILE D 167 -31.45 28.24 10.36
N ASP D 168 -30.81 28.24 11.53
CA ASP D 168 -29.35 28.23 11.63
C ASP D 168 -28.79 27.01 10.90
N ARG D 169 -29.33 25.84 11.23
CA ARG D 169 -28.95 24.57 10.62
C ARG D 169 -29.12 24.66 9.11
N ALA D 170 -30.35 24.98 8.68
CA ALA D 170 -30.68 25.01 7.26
C ALA D 170 -29.68 25.86 6.50
N CYS D 171 -29.32 27.01 7.09
CA CYS D 171 -28.42 27.96 6.44
C CYS D 171 -27.04 27.33 6.28
N THR D 172 -26.57 26.68 7.35
CA THR D 172 -25.29 25.96 7.33
C THR D 172 -25.33 24.86 6.29
N TYR D 173 -26.48 24.18 6.17
CA TYR D 173 -26.63 23.10 5.20
C TYR D 173 -26.48 23.65 3.79
N VAL D 174 -27.06 24.84 3.55
CA VAL D 174 -26.98 25.45 2.24
C VAL D 174 -25.54 25.80 1.93
N GLU D 175 -24.83 26.30 2.95
CA GLU D 175 -23.43 26.68 2.79
C GLU D 175 -22.59 25.43 2.51
N ALA D 176 -23.04 24.27 3.02
CA ALA D 176 -22.30 23.03 2.88
C ALA D 176 -22.52 22.41 1.50
N GLY D 177 -23.48 22.94 0.73
CA GLY D 177 -23.66 22.56 -0.66
C GLY D 177 -25.09 22.11 -1.01
N ALA D 178 -25.99 22.11 -0.02
CA ALA D 178 -27.38 21.72 -0.23
C ALA D 178 -28.06 22.65 -1.23
N ASP D 179 -28.84 22.08 -2.15
CA ASP D 179 -29.47 22.85 -3.21
C ASP D 179 -30.78 23.46 -2.72
N MET D 180 -31.50 22.72 -1.87
CA MET D 180 -32.84 23.10 -1.44
C MET D 180 -33.06 22.57 -0.04
N ILE D 181 -34.09 23.08 0.64
CA ILE D 181 -34.32 22.76 2.04
C ILE D 181 -35.74 22.21 2.25
N PHE D 182 -35.79 21.12 3.03
CA PHE D 182 -37.01 20.45 3.43
C PHE D 182 -37.23 20.79 4.90
N ALA D 183 -38.26 21.62 5.17
CA ALA D 183 -38.55 22.10 6.51
C ALA D 183 -39.63 21.24 7.15
N GLU D 184 -39.22 20.22 7.90
CA GLU D 184 -40.14 19.20 8.39
C GLU D 184 -40.91 19.74 9.60
N ALA D 185 -42.24 19.76 9.46
CA ALA D 185 -43.19 19.89 10.54
C ALA D 185 -43.10 21.27 11.22
N LEU D 186 -43.00 22.35 10.41
CA LEU D 186 -43.29 23.69 10.91
C LEU D 186 -44.77 23.71 11.22
N GLU D 187 -45.12 24.21 12.43
CA GLU D 187 -46.46 24.07 12.94
C GLU D 187 -47.30 25.29 12.58
N ASN D 188 -46.63 26.40 12.27
CA ASN D 188 -47.34 27.64 12.03
C ASN D 188 -46.97 28.19 10.65
N ILE D 189 -47.99 28.44 9.84
CA ILE D 189 -47.83 28.97 8.49
C ILE D 189 -46.93 30.22 8.52
N ASN D 190 -46.99 31.01 9.60
CA ASN D 190 -46.32 32.30 9.61
C ASN D 190 -44.84 32.14 9.97
N ASP D 191 -44.38 30.90 10.13
CA ASP D 191 -42.97 30.62 10.30
C ASP D 191 -42.26 30.63 8.94
N TYR D 192 -43.00 30.26 7.89
CA TYR D 192 -42.39 29.99 6.59
C TYR D 192 -41.73 31.25 6.02
N PRO D 193 -42.40 32.43 6.00
CA PRO D 193 -41.83 33.60 5.34
C PRO D 193 -40.46 33.97 5.92
N THR D 194 -40.35 33.90 7.26
CA THR D 194 -39.08 34.13 7.93
C THR D 194 -38.05 33.12 7.44
N PHE D 195 -38.45 31.85 7.43
CA PHE D 195 -37.58 30.72 7.16
C PHE D 195 -37.10 30.75 5.71
N CYS D 196 -38.03 31.03 4.78
CA CYS D 196 -37.72 31.01 3.37
C CYS D 196 -36.78 32.16 3.03
N LYS D 197 -37.04 33.34 3.60
CA LYS D 197 -36.23 34.52 3.34
C LYS D 197 -34.79 34.28 3.84
N ALA D 198 -34.67 33.57 4.96
CA ALA D 198 -33.40 33.33 5.60
C ALA D 198 -32.53 32.37 4.78
N VAL D 199 -33.11 31.26 4.31
CA VAL D 199 -32.31 30.22 3.67
C VAL D 199 -32.10 30.45 2.17
N LYS D 200 -32.84 31.40 1.59
CA LYS D 200 -32.63 31.88 0.22
C LYS D 200 -33.01 30.83 -0.83
N VAL D 201 -32.69 29.56 -0.62
CA VAL D 201 -32.91 28.53 -1.63
C VAL D 201 -34.37 28.07 -1.57
N PRO D 202 -34.88 27.38 -2.60
CA PRO D 202 -36.24 26.82 -2.56
C PRO D 202 -36.48 25.95 -1.33
N VAL D 203 -37.68 26.08 -0.75
CA VAL D 203 -38.06 25.36 0.45
C VAL D 203 -39.24 24.44 0.14
N LEU D 204 -39.17 23.22 0.70
CA LEU D 204 -40.24 22.25 0.55
C LEU D 204 -40.98 22.16 1.89
N ALA D 205 -42.31 22.13 1.80
CA ALA D 205 -43.16 21.95 2.95
C ALA D 205 -43.87 20.61 2.82
N ASN D 206 -43.93 19.89 3.95
CA ASN D 206 -44.46 18.54 3.97
C ASN D 206 -45.91 18.57 4.44
N MET D 207 -46.84 18.46 3.50
CA MET D 207 -48.27 18.50 3.80
C MET D 207 -48.83 17.09 3.97
N THR D 208 -48.21 16.31 4.86
CA THR D 208 -48.72 14.99 5.18
C THR D 208 -49.95 15.12 6.08
N GLU D 209 -50.88 14.15 5.95
CA GLU D 209 -52.10 14.11 6.76
C GLU D 209 -51.81 13.37 8.05
N PHE D 210 -52.67 13.60 9.05
CA PHE D 210 -52.69 12.88 10.32
C PHE D 210 -51.38 13.11 11.07
N GLY D 211 -50.73 14.24 10.81
CA GLY D 211 -49.46 14.57 11.46
C GLY D 211 -49.67 15.59 12.57
N LYS D 212 -48.60 16.31 12.89
CA LYS D 212 -48.66 17.38 13.89
C LYS D 212 -49.05 18.67 13.20
N THR D 213 -48.57 18.85 11.96
CA THR D 213 -48.88 19.95 11.07
C THR D 213 -50.36 19.93 10.70
N PRO D 214 -51.04 21.09 10.59
CA PRO D 214 -52.37 21.17 9.96
C PRO D 214 -52.24 21.30 8.44
N LEU D 215 -53.37 21.15 7.73
CA LEU D 215 -53.33 21.17 6.28
C LEU D 215 -53.56 22.58 5.75
N TYR D 216 -52.58 23.08 4.99
CA TYR D 216 -52.70 24.33 4.26
C TYR D 216 -52.77 24.01 2.77
N THR D 217 -53.26 24.99 1.99
CA THR D 217 -53.32 24.80 0.55
C THR D 217 -51.98 25.14 -0.07
N ALA D 218 -51.76 24.60 -1.29
CA ALA D 218 -50.59 24.92 -2.09
C ALA D 218 -50.44 26.44 -2.19
N ALA D 219 -51.55 27.10 -2.56
CA ALA D 219 -51.60 28.55 -2.74
C ALA D 219 -51.16 29.26 -1.47
N GLN D 220 -51.71 28.84 -0.33
CA GLN D 220 -51.40 29.44 0.96
C GLN D 220 -49.91 29.35 1.23
N LEU D 221 -49.34 28.17 0.96
CA LEU D 221 -47.93 27.92 1.26
C LEU D 221 -47.03 28.70 0.31
N ALA D 222 -47.45 28.81 -0.96
CA ALA D 222 -46.69 29.60 -1.93
C ALA D 222 -46.65 31.06 -1.47
N ASP D 223 -47.79 31.55 -0.94
CA ASP D 223 -47.94 32.92 -0.47
C ASP D 223 -47.00 33.19 0.69
N HIS D 224 -46.62 32.12 1.42
CA HIS D 224 -45.74 32.27 2.56
C HIS D 224 -44.31 31.91 2.20
N GLY D 225 -44.02 31.81 0.90
CA GLY D 225 -42.67 31.75 0.37
C GLY D 225 -42.20 30.35 0.02
N VAL D 226 -43.10 29.38 0.08
CA VAL D 226 -42.76 27.98 -0.16
C VAL D 226 -42.74 27.68 -1.65
N LYS D 227 -41.74 26.89 -2.08
CA LYS D 227 -41.54 26.59 -3.49
C LYS D 227 -42.06 25.20 -3.86
N MET D 228 -42.04 24.27 -2.89
CA MET D 228 -42.50 22.90 -3.16
C MET D 228 -43.42 22.46 -2.03
N VAL D 229 -44.53 21.82 -2.41
CA VAL D 229 -45.40 21.16 -1.43
C VAL D 229 -45.44 19.66 -1.72
N LEU D 230 -45.17 18.88 -0.67
CA LEU D 230 -45.05 17.43 -0.76
C LEU D 230 -46.30 16.77 -0.17
N TYR D 231 -46.82 15.77 -0.90
CA TYR D 231 -47.95 14.97 -0.45
C TYR D 231 -47.49 13.53 -0.40
N PRO D 232 -46.72 13.15 0.65
CA PRO D 232 -45.89 11.94 0.61
C PRO D 232 -46.64 10.60 0.54
N ARG D 233 -47.80 10.52 1.21
CA ARG D 233 -48.47 9.23 1.38
C ARG D 233 -49.96 9.30 1.05
N SER D 234 -50.43 10.45 0.55
CA SER D 234 -51.84 10.70 0.34
C SER D 234 -52.50 9.58 -0.47
N ALA D 235 -51.99 9.32 -1.68
CA ALA D 235 -52.55 8.27 -2.53
C ALA D 235 -52.47 6.90 -1.84
N ASP D 236 -51.30 6.59 -1.26
CA ASP D 236 -51.06 5.29 -0.63
C ASP D 236 -52.15 5.00 0.40
N ARG D 237 -52.47 6.00 1.24
CA ARG D 237 -53.41 5.83 2.33
C ARG D 237 -54.80 5.50 1.80
N ALA D 238 -55.19 6.15 0.69
CA ALA D 238 -56.48 5.92 0.09
C ALA D 238 -56.52 4.53 -0.54
N MET D 239 -55.39 4.13 -1.14
CA MET D 239 -55.29 2.82 -1.78
C MET D 239 -55.49 1.74 -0.73
N SER D 240 -54.84 1.91 0.43
CA SER D 240 -54.87 0.90 1.46
C SER D 240 -56.30 0.68 1.96
N LYS D 241 -57.03 1.78 2.16
CA LYS D 241 -58.40 1.68 2.63
C LYS D 241 -59.26 0.97 1.58
N ALA D 242 -59.07 1.35 0.31
CA ALA D 242 -59.85 0.81 -0.80
C ALA D 242 -59.62 -0.70 -0.94
N ALA D 243 -58.36 -1.11 -0.79
CA ALA D 243 -57.97 -2.51 -0.87
C ALA D 243 -58.64 -3.29 0.24
N LEU D 244 -58.53 -2.76 1.47
CA LEU D 244 -59.09 -3.40 2.65
C LEU D 244 -60.59 -3.60 2.45
N ALA D 245 -61.26 -2.58 1.90
CA ALA D 245 -62.69 -2.62 1.64
C ALA D 245 -63.04 -3.75 0.67
N VAL D 246 -62.27 -3.89 -0.42
CA VAL D 246 -62.50 -4.96 -1.39
C VAL D 246 -62.35 -6.31 -0.69
N TYR D 247 -61.26 -6.47 0.07
CA TYR D 247 -61.00 -7.70 0.79
C TYR D 247 -62.17 -8.03 1.72
N GLU D 248 -62.67 -7.02 2.43
CA GLU D 248 -63.76 -7.21 3.37
C GLU D 248 -65.03 -7.61 2.62
N ASP D 249 -65.32 -6.92 1.50
CA ASP D 249 -66.47 -7.22 0.66
C ASP D 249 -66.44 -8.69 0.22
N ILE D 250 -65.33 -9.11 -0.37
CA ILE D 250 -65.18 -10.48 -0.87
C ILE D 250 -65.35 -11.47 0.28
N LYS D 251 -64.82 -11.12 1.46
CA LYS D 251 -64.85 -12.03 2.59
C LYS D 251 -66.29 -12.18 3.09
N LYS D 252 -66.99 -11.05 3.24
CA LYS D 252 -68.30 -11.02 3.87
C LYS D 252 -69.39 -11.57 2.92
N HIS D 253 -69.22 -11.34 1.62
CA HIS D 253 -70.31 -11.54 0.67
C HIS D 253 -70.04 -12.68 -0.31
N GLY D 254 -68.80 -13.17 -0.41
CA GLY D 254 -68.47 -14.29 -1.27
C GLY D 254 -68.33 -13.91 -2.74
N VAL D 255 -68.37 -12.60 -3.01
CA VAL D 255 -68.30 -12.04 -4.35
C VAL D 255 -68.03 -10.55 -4.22
N GLN D 256 -67.52 -9.93 -5.28
CA GLN D 256 -67.03 -8.57 -5.20
C GLN D 256 -68.01 -7.57 -5.84
N THR D 257 -69.26 -8.00 -6.05
CA THR D 257 -70.27 -7.21 -6.73
C THR D 257 -70.34 -5.79 -6.15
N ALA D 258 -70.31 -5.70 -4.81
CA ALA D 258 -70.49 -4.44 -4.12
C ALA D 258 -69.31 -3.49 -4.34
N SER D 259 -68.15 -4.05 -4.72
CA SER D 259 -66.92 -3.28 -4.86
C SER D 259 -66.79 -2.73 -6.28
N LEU D 260 -67.57 -3.28 -7.21
CA LEU D 260 -67.44 -2.99 -8.63
C LEU D 260 -67.51 -1.50 -8.95
N PRO D 261 -68.41 -0.71 -8.33
CA PRO D 261 -68.48 0.73 -8.61
C PRO D 261 -67.22 1.49 -8.16
N PHE D 262 -66.41 0.86 -7.31
CA PHE D 262 -65.26 1.51 -6.70
C PHE D 262 -63.97 1.12 -7.42
N MET D 263 -64.11 0.33 -8.50
CA MET D 263 -62.97 -0.17 -9.25
C MET D 263 -62.74 0.68 -10.50
N GLN D 264 -61.47 0.85 -10.87
CA GLN D 264 -61.12 1.46 -12.13
C GLN D 264 -61.50 0.48 -13.26
N THR D 265 -62.11 1.03 -14.31
CA THR D 265 -62.57 0.25 -15.45
C THR D 265 -61.37 -0.32 -16.20
N ARG D 266 -61.59 -1.46 -16.87
CA ARG D 266 -60.56 -2.08 -17.68
C ARG D 266 -60.13 -1.10 -18.77
N GLU D 267 -61.08 -0.29 -19.24
CA GLU D 267 -60.85 0.68 -20.31
C GLU D 267 -59.84 1.74 -19.84
N ALA D 268 -60.02 2.25 -18.62
CA ALA D 268 -59.15 3.28 -18.08
C ALA D 268 -57.73 2.75 -17.90
N LEU D 269 -57.64 1.48 -17.47
CA LEU D 269 -56.37 0.80 -17.27
C LEU D 269 -55.58 0.80 -18.57
N TYR D 270 -56.24 0.40 -19.67
CA TYR D 270 -55.60 0.33 -20.98
C TYR D 270 -55.12 1.72 -21.40
N GLU D 271 -55.92 2.74 -21.07
CA GLU D 271 -55.58 4.10 -21.43
C GLU D 271 -54.26 4.49 -20.75
N VAL D 272 -54.16 4.19 -19.45
CA VAL D 272 -53.01 4.62 -18.65
C VAL D 272 -51.76 3.90 -19.13
N LEU D 273 -51.91 2.62 -19.51
CA LEU D 273 -50.80 1.80 -19.94
C LEU D 273 -50.41 2.14 -21.38
N ASN D 274 -51.20 3.00 -22.04
CA ASN D 274 -51.01 3.33 -23.45
C ASN D 274 -51.03 2.05 -24.29
N TYR D 275 -52.05 1.21 -24.05
CA TYR D 275 -52.09 -0.18 -24.50
C TYR D 275 -52.24 -0.26 -26.01
N HIS D 276 -52.93 0.72 -26.60
CA HIS D 276 -53.20 0.75 -28.04
C HIS D 276 -51.89 0.83 -28.83
N ALA D 277 -50.84 1.38 -28.22
CA ALA D 277 -49.53 1.51 -28.85
C ALA D 277 -48.86 0.14 -29.03
N TYR D 278 -49.29 -0.82 -28.20
CA TYR D 278 -48.74 -2.18 -28.22
C TYR D 278 -49.48 -3.03 -29.26
N GLU D 279 -50.78 -2.77 -29.44
CA GLU D 279 -51.58 -3.47 -30.43
C GLU D 279 -51.18 -3.02 -31.84
N ASP D 280 -50.61 -1.81 -31.94
CA ASP D 280 -50.09 -1.26 -33.18
C ASP D 280 -48.92 -2.09 -33.71
N LYS D 281 -48.02 -2.48 -32.81
CA LYS D 281 -46.85 -3.27 -33.19
C LYS D 281 -47.25 -4.75 -33.32
N LEU D 282 -48.35 -5.16 -32.68
CA LEU D 282 -48.84 -6.53 -32.69
C LEU D 282 -49.48 -6.87 -34.05
N ASN D 283 -49.84 -5.85 -34.83
CA ASN D 283 -50.42 -6.06 -36.15
C ASN D 283 -49.43 -5.72 -37.26
N GLN D 284 -48.45 -4.85 -36.94
CA GLN D 284 -47.44 -4.41 -37.88
C GLN D 284 -46.43 -5.53 -38.16
N LEU D 285 -46.31 -6.49 -37.23
CA LEU D 285 -45.34 -7.57 -37.35
C LEU D 285 -46.03 -8.80 -37.95
N PHE D 286 -47.36 -8.91 -37.73
CA PHE D 286 -48.12 -10.06 -38.23
C PHE D 286 -49.11 -9.61 -39.30
N GLN E 1 10.78 17.86 19.99
CA GLN E 1 10.05 19.16 19.92
C GLN E 1 10.59 20.11 21.00
N SER E 2 10.06 19.96 22.21
CA SER E 2 10.50 20.68 23.39
C SER E 2 11.73 19.99 24.02
N MET E 3 11.66 18.65 24.15
CA MET E 3 12.49 17.88 25.06
C MET E 3 13.69 17.27 24.32
N SER E 4 14.82 17.24 25.01
CA SER E 4 16.05 16.63 24.54
C SER E 4 15.97 15.11 24.63
N PRO E 5 16.77 14.35 23.86
CA PRO E 5 16.75 12.88 23.91
C PRO E 5 16.91 12.34 25.33
N GLY E 6 17.86 12.91 26.08
CA GLY E 6 18.07 12.53 27.47
C GLY E 6 16.81 12.70 28.31
N LYS E 7 16.13 13.83 28.12
CA LYS E 7 14.94 14.16 28.90
C LYS E 7 13.84 13.16 28.57
N LEU E 8 13.72 12.79 27.28
CA LEU E 8 12.71 11.86 26.81
C LEU E 8 12.93 10.48 27.46
N PHE E 9 14.19 10.05 27.51
CA PHE E 9 14.55 8.80 28.16
C PHE E 9 14.18 8.85 29.63
N ARG E 10 14.57 9.93 30.31
CA ARG E 10 14.32 10.10 31.72
C ARG E 10 12.81 10.00 31.98
N GLN E 11 12.03 10.60 31.08
CA GLN E 11 10.58 10.65 31.25
C GLN E 11 10.01 9.25 31.05
N ALA E 12 10.59 8.48 30.12
CA ALA E 12 10.14 7.14 29.82
C ALA E 12 10.41 6.22 31.01
N VAL E 13 11.55 6.43 31.68
CA VAL E 13 11.94 5.63 32.83
C VAL E 13 11.01 5.96 34.01
N ALA E 14 10.53 7.20 34.08
CA ALA E 14 9.71 7.64 35.20
C ALA E 14 8.29 7.10 35.06
N ASN E 15 7.77 7.07 33.82
CA ASN E 15 6.35 6.88 33.56
C ASN E 15 6.01 5.41 33.35
N GLU E 16 6.98 4.59 32.94
CA GLU E 16 6.72 3.19 32.66
C GLU E 16 7.10 2.35 33.88
N HIS E 17 6.38 1.23 34.06
CA HIS E 17 6.60 0.37 35.22
C HIS E 17 6.66 -1.09 34.80
N PRO E 18 7.81 -1.58 34.29
CA PRO E 18 9.01 -0.77 34.05
C PRO E 18 9.08 -0.32 32.59
N LEU E 19 10.15 0.42 32.25
CA LEU E 19 10.42 0.72 30.86
C LEU E 19 11.12 -0.48 30.22
N GLN E 20 10.45 -1.09 29.24
CA GLN E 20 11.10 -2.10 28.42
C GLN E 20 11.91 -1.40 27.34
N ILE E 21 13.20 -1.73 27.27
CA ILE E 21 14.07 -1.20 26.23
C ILE E 21 14.50 -2.37 25.35
N VAL E 22 14.10 -2.33 24.07
CA VAL E 22 14.39 -3.43 23.17
C VAL E 22 15.54 -3.08 22.24
N GLY E 23 16.40 -4.07 22.01
CA GLY E 23 17.51 -3.91 21.08
C GLY E 23 17.02 -3.89 19.65
N ALA E 24 17.60 -2.97 18.86
CA ALA E 24 17.41 -2.91 17.41
C ALA E 24 18.78 -2.73 16.78
N ILE E 25 19.10 -3.55 15.76
CA ILE E 25 20.45 -3.50 15.20
C ILE E 25 20.56 -2.41 14.13
N ASN E 26 19.42 -1.97 13.60
CA ASN E 26 19.45 -0.99 12.52
C ASN E 26 18.19 -0.12 12.59
N ALA E 27 18.14 0.89 11.72
CA ALA E 27 17.08 1.88 11.72
C ALA E 27 15.72 1.20 11.50
N TYR E 28 15.68 0.22 10.60
CA TYR E 28 14.43 -0.42 10.24
C TYR E 28 13.84 -1.15 11.45
N CYS E 29 14.71 -1.88 12.17
CA CYS E 29 14.29 -2.59 13.37
C CYS E 29 13.73 -1.60 14.38
N ALA E 30 14.37 -0.43 14.48
CA ALA E 30 13.94 0.60 15.40
C ALA E 30 12.51 1.01 15.05
N LEU E 31 12.24 1.12 13.74
CA LEU E 31 10.90 1.49 13.30
C LEU E 31 9.90 0.41 13.67
N LEU E 32 10.26 -0.86 13.47
CA LEU E 32 9.39 -1.96 13.85
C LEU E 32 9.08 -1.88 15.33
N ALA E 33 10.10 -1.65 16.16
CA ALA E 33 9.93 -1.56 17.61
C ALA E 33 8.99 -0.40 17.95
N GLU E 34 9.22 0.76 17.28
CA GLU E 34 8.40 1.94 17.49
C GLU E 34 6.95 1.60 17.17
N ASN E 35 6.76 0.84 16.09
CA ASN E 35 5.46 0.46 15.58
C ASN E 35 4.71 -0.37 16.62
N VAL E 36 5.42 -1.27 17.28
CA VAL E 36 4.84 -2.18 18.26
C VAL E 36 4.50 -1.40 19.53
N GLY E 37 5.12 -0.24 19.71
CA GLY E 37 4.72 0.69 20.75
C GLY E 37 5.72 0.82 21.90
N PHE E 38 6.98 0.42 21.69
CA PHE E 38 8.00 0.58 22.71
C PHE E 38 8.36 2.05 22.89
N LYS E 39 8.82 2.41 24.09
CA LYS E 39 9.04 3.80 24.46
C LYS E 39 10.52 4.13 24.39
N ALA E 40 11.38 3.11 24.26
CA ALA E 40 12.82 3.28 24.21
C ALA E 40 13.46 2.11 23.47
N ILE E 41 14.62 2.37 22.83
CA ILE E 41 15.30 1.35 22.05
C ILE E 41 16.77 1.32 22.44
N TYR E 42 17.45 0.27 22.01
CA TYR E 42 18.79 -0.04 22.49
C TYR E 42 19.69 -0.45 21.35
N LEU E 43 20.93 0.07 21.36
CA LEU E 43 21.96 -0.37 20.44
C LEU E 43 22.99 -1.22 21.16
N SER E 44 22.95 -2.53 20.87
CA SER E 44 23.80 -3.52 21.53
C SER E 44 25.21 -3.46 20.96
N GLY E 45 26.19 -3.35 21.86
CA GLY E 45 27.60 -3.39 21.50
C GLY E 45 27.97 -4.71 20.82
N GLY E 46 27.50 -5.81 21.41
CA GLY E 46 27.66 -7.13 20.82
C GLY E 46 27.00 -7.19 19.43
N GLY E 47 25.83 -6.55 19.31
CA GLY E 47 25.13 -6.45 18.04
C GLY E 47 25.97 -5.73 16.99
N VAL E 48 26.53 -4.59 17.37
CA VAL E 48 27.32 -3.79 16.45
C VAL E 48 28.47 -4.63 15.90
N ALA E 49 29.14 -5.36 16.81
CA ALA E 49 30.29 -6.17 16.49
C ALA E 49 29.88 -7.37 15.63
N ASN E 50 28.94 -8.18 16.14
CA ASN E 50 28.54 -9.42 15.48
C ASN E 50 28.02 -9.15 14.08
N THR E 51 27.33 -8.01 13.89
CA THR E 51 26.77 -7.67 12.59
C THR E 51 27.88 -7.43 11.57
N LEU E 52 29.02 -6.93 12.06
CA LEU E 52 30.21 -6.73 11.24
C LEU E 52 30.94 -8.06 11.04
N GLY E 53 30.53 -9.07 11.81
CA GLY E 53 31.19 -10.37 11.79
C GLY E 53 32.35 -10.43 12.77
N LEU E 54 32.34 -9.55 13.77
CA LEU E 54 33.38 -9.54 14.80
C LEU E 54 32.79 -10.06 16.10
N PRO E 55 33.61 -10.68 16.97
CA PRO E 55 33.17 -11.07 18.30
C PRO E 55 33.09 -9.86 19.25
N ASP E 56 32.29 -10.01 20.30
CA ASP E 56 32.06 -8.93 21.24
C ASP E 56 33.24 -8.81 22.22
N LEU E 57 34.42 -8.41 21.71
CA LEU E 57 35.63 -8.43 22.51
C LEU E 57 36.28 -7.06 22.63
N GLY E 58 35.48 -5.99 22.52
CA GLY E 58 35.98 -4.63 22.48
C GLY E 58 36.97 -4.41 21.32
N ILE E 59 36.69 -5.00 20.16
CA ILE E 59 37.48 -4.75 18.97
C ILE E 59 36.94 -3.48 18.28
N THR E 60 35.63 -3.28 18.38
CA THR E 60 34.96 -2.12 17.82
C THR E 60 35.42 -0.86 18.57
N ASP E 61 35.34 0.29 17.89
CA ASP E 61 35.73 1.57 18.45
C ASP E 61 34.53 2.53 18.41
N LEU E 62 34.76 3.77 18.83
CA LEU E 62 33.71 4.77 18.90
C LEU E 62 32.97 4.87 17.56
N HIS E 63 33.69 4.75 16.43
CA HIS E 63 33.12 5.00 15.12
C HIS E 63 32.18 3.87 14.68
N ASP E 64 32.55 2.62 15.00
CA ASP E 64 31.71 1.48 14.68
C ASP E 64 30.33 1.67 15.29
N VAL E 65 30.32 2.08 16.56
CA VAL E 65 29.09 2.20 17.32
C VAL E 65 28.38 3.48 16.91
N LEU E 66 29.15 4.57 16.79
CA LEU E 66 28.59 5.87 16.48
C LEU E 66 27.82 5.82 15.16
N GLU E 67 28.38 5.14 14.15
CA GLU E 67 27.75 5.05 12.85
C GLU E 67 26.39 4.37 12.97
N ASP E 68 26.35 3.24 13.70
CA ASP E 68 25.12 2.49 13.86
C ASP E 68 24.09 3.32 14.63
N ALA E 69 24.58 4.12 15.58
CA ALA E 69 23.70 4.92 16.41
C ALA E 69 23.09 6.04 15.58
N ARG E 70 23.91 6.68 14.76
CA ARG E 70 23.47 7.79 13.92
C ARG E 70 22.34 7.33 13.00
N ARG E 71 22.53 6.17 12.36
CA ARG E 71 21.55 5.61 11.44
C ARG E 71 20.19 5.50 12.13
N ILE E 72 20.19 5.01 13.37
CA ILE E 72 18.96 4.77 14.11
C ILE E 72 18.31 6.11 14.48
N THR E 73 19.08 7.02 15.09
CA THR E 73 18.49 8.26 15.59
C THR E 73 18.04 9.13 14.43
N ALA E 74 18.56 8.86 13.22
CA ALA E 74 18.15 9.60 12.04
C ALA E 74 16.71 9.24 11.67
N ALA E 75 16.25 8.06 12.10
CA ALA E 75 15.01 7.48 11.60
C ALA E 75 13.89 7.56 12.65
N THR E 76 14.23 7.78 13.92
CA THR E 76 13.23 7.83 14.96
C THR E 76 13.69 8.71 16.11
N HIS E 77 12.71 9.32 16.81
CA HIS E 77 12.97 10.15 17.96
C HIS E 77 12.85 9.34 19.25
N LEU E 78 12.49 8.05 19.12
CA LEU E 78 12.47 7.16 20.27
C LEU E 78 13.82 7.23 20.96
N PRO E 79 13.87 7.50 22.28
CA PRO E 79 15.17 7.61 22.98
C PRO E 79 15.95 6.31 22.87
N LEU E 80 17.21 6.44 22.43
CA LEU E 80 18.09 5.31 22.20
C LEU E 80 19.16 5.23 23.29
N LEU E 81 19.28 4.04 23.89
CA LEU E 81 20.38 3.72 24.80
C LEU E 81 21.46 3.01 24.00
N VAL E 82 22.71 3.50 24.14
CA VAL E 82 23.83 2.98 23.35
C VAL E 82 24.88 2.39 24.27
N ASP E 83 25.33 1.19 23.92
CA ASP E 83 26.37 0.46 24.63
C ASP E 83 27.73 0.98 24.18
N ILE E 84 28.49 1.58 25.12
CA ILE E 84 29.82 2.09 24.81
C ILE E 84 30.91 1.25 25.48
N ASP E 85 30.60 0.00 25.82
CA ASP E 85 31.58 -0.95 26.34
C ASP E 85 32.30 -0.32 27.53
N THR E 86 33.64 -0.18 27.44
CA THR E 86 34.41 0.37 28.55
C THR E 86 34.81 1.81 28.28
N GLY E 87 34.37 2.37 27.16
CA GLY E 87 34.63 3.76 26.85
C GLY E 87 35.70 3.93 25.77
N PHE E 88 36.16 2.81 25.21
CA PHE E 88 36.95 2.75 23.99
C PHE E 88 38.40 3.17 24.21
N GLY E 89 38.74 3.63 25.41
CA GLY E 89 40.10 3.99 25.76
C GLY E 89 40.20 4.69 27.10
N GLY E 90 41.12 5.65 27.20
CA GLY E 90 41.32 6.43 28.42
C GLY E 90 40.28 7.53 28.58
N ALA E 91 40.60 8.48 29.47
CA ALA E 91 39.65 9.51 29.89
C ALA E 91 39.25 10.40 28.71
N PHE E 92 40.17 10.62 27.76
CA PHE E 92 39.91 11.52 26.65
C PHE E 92 38.96 10.88 25.65
N THR E 93 39.13 9.57 25.44
CA THR E 93 38.30 8.79 24.54
C THR E 93 36.87 8.77 25.07
N ILE E 94 36.73 8.56 26.37
CA ILE E 94 35.42 8.53 27.02
C ILE E 94 34.73 9.87 26.81
N ALA E 95 35.45 10.96 27.05
CA ALA E 95 34.90 12.30 26.89
C ALA E 95 34.39 12.48 25.46
N ARG E 96 35.20 12.01 24.51
CA ARG E 96 34.87 12.12 23.10
C ARG E 96 33.60 11.33 22.82
N ALA E 97 33.54 10.11 23.38
CA ALA E 97 32.41 9.21 23.19
C ALA E 97 31.11 9.87 23.66
N ILE E 98 31.17 10.49 24.85
CA ILE E 98 29.99 11.13 25.41
C ILE E 98 29.55 12.26 24.49
N LYS E 99 30.50 13.10 24.10
CA LYS E 99 30.18 14.27 23.29
C LYS E 99 29.61 13.84 21.94
N GLU E 100 30.19 12.79 21.35
CA GLU E 100 29.80 12.34 20.01
C GLU E 100 28.40 11.72 20.03
N MET E 101 28.12 10.97 21.12
CA MET E 101 26.82 10.35 21.27
C MET E 101 25.75 11.43 21.48
N GLU E 102 26.09 12.48 22.23
CA GLU E 102 25.19 13.60 22.43
C GLU E 102 24.88 14.23 21.07
N ARG E 103 25.94 14.50 20.29
CA ARG E 103 25.82 15.11 18.98
C ARG E 103 24.96 14.23 18.07
N ALA E 104 25.04 12.90 18.28
CA ALA E 104 24.34 11.96 17.42
C ALA E 104 22.89 11.76 17.89
N GLN E 105 22.44 12.61 18.83
CA GLN E 105 21.05 12.63 19.28
C GLN E 105 20.69 11.37 20.07
N VAL E 106 21.70 10.74 20.68
CA VAL E 106 21.51 9.59 21.55
C VAL E 106 21.00 10.10 22.89
N ALA E 107 20.23 9.25 23.59
CA ALA E 107 19.60 9.64 24.84
C ALA E 107 20.47 9.21 26.02
N ALA E 108 21.10 8.03 25.91
CA ALA E 108 21.76 7.43 27.05
C ALA E 108 22.82 6.44 26.60
N VAL E 109 23.87 6.30 27.42
CA VAL E 109 24.89 5.29 27.19
C VAL E 109 25.06 4.44 28.46
N HIS E 110 25.55 3.21 28.28
CA HIS E 110 26.02 2.42 29.40
C HIS E 110 27.50 2.06 29.22
N MET E 111 28.27 2.24 30.30
CA MET E 111 29.69 1.96 30.36
C MET E 111 29.93 1.04 31.55
N GLU E 112 30.80 0.03 31.39
CA GLU E 112 30.95 -1.03 32.37
C GLU E 112 32.34 -1.05 33.01
N ASP E 113 32.50 -1.87 34.05
CA ASP E 113 33.68 -1.86 34.89
C ASP E 113 34.58 -3.07 34.62
N GLN E 114 34.51 -3.63 33.41
CA GLN E 114 35.44 -4.68 33.01
C GLN E 114 36.75 -4.03 32.58
N VAL E 115 37.82 -4.81 32.54
CA VAL E 115 39.07 -4.36 31.96
C VAL E 115 38.92 -4.40 30.44
N ALA E 116 39.65 -3.55 29.71
CA ALA E 116 39.93 -3.82 28.30
C ALA E 116 41.27 -4.55 28.25
N GLN E 117 41.25 -5.83 27.83
CA GLN E 117 42.40 -6.71 27.69
C GLN E 117 43.13 -6.99 29.01
N LYS E 118 44.21 -7.77 28.92
CA LYS E 118 45.24 -7.90 29.94
C LYS E 118 46.62 -7.90 29.25
N PRO E 124 42.61 -14.95 33.85
CA PRO E 124 42.21 -16.22 33.24
C PRO E 124 40.70 -16.31 33.01
N GLY E 125 39.95 -15.31 33.48
CA GLY E 125 38.48 -15.33 33.51
C GLY E 125 37.86 -14.03 33.01
N LYS E 126 36.80 -13.53 33.68
CA LYS E 126 36.34 -12.15 33.48
C LYS E 126 36.89 -11.25 34.59
N GLU E 127 37.57 -10.18 34.19
CA GLU E 127 38.32 -9.36 35.13
C GLU E 127 37.67 -7.98 35.17
N LEU E 128 37.57 -7.42 36.39
CA LEU E 128 37.03 -6.10 36.58
C LEU E 128 38.17 -5.13 36.91
N VAL E 129 37.93 -3.84 36.65
CA VAL E 129 38.81 -2.81 37.13
C VAL E 129 38.49 -2.55 38.59
N ASN E 130 39.48 -2.03 39.32
CA ASN E 130 39.30 -1.57 40.68
C ASN E 130 38.22 -0.49 40.66
N THR E 131 37.46 -0.42 41.75
CA THR E 131 36.40 0.56 41.93
C THR E 131 36.87 1.97 41.52
N ASN E 132 38.09 2.33 41.94
CA ASN E 132 38.59 3.68 41.72
C ASN E 132 38.73 3.96 40.23
N GLU E 133 39.19 2.96 39.48
CA GLU E 133 39.38 3.12 38.03
C GLU E 133 38.03 3.37 37.35
N MET E 134 36.98 2.67 37.80
CA MET E 134 35.66 2.86 37.23
C MET E 134 35.13 4.25 37.58
N VAL E 135 35.49 4.75 38.77
CA VAL E 135 35.11 6.10 39.17
C VAL E 135 35.78 7.08 38.20
N ASP E 136 37.04 6.80 37.85
CA ASP E 136 37.79 7.65 36.93
C ASP E 136 37.06 7.70 35.59
N ARG E 137 36.68 6.51 35.10
CA ARG E 137 35.92 6.40 33.86
C ARG E 137 34.66 7.26 33.96
N ILE E 138 33.95 7.14 35.08
CA ILE E 138 32.69 7.83 35.26
C ILE E 138 32.91 9.35 35.27
N LYS E 139 33.95 9.79 35.98
CA LYS E 139 34.23 11.21 36.11
C LYS E 139 34.51 11.81 34.74
N ALA E 140 35.35 11.13 33.95
CA ALA E 140 35.65 11.54 32.58
C ALA E 140 34.37 11.79 31.81
N ALA E 141 33.40 10.88 31.95
CA ALA E 141 32.13 10.97 31.26
C ALA E 141 31.28 12.12 31.80
N VAL E 142 31.22 12.24 33.13
CA VAL E 142 30.30 13.18 33.76
C VAL E 142 30.76 14.62 33.49
N ASP E 143 32.09 14.81 33.34
CA ASP E 143 32.68 16.14 33.26
C ASP E 143 32.26 16.87 31.98
N VAL E 144 31.85 16.10 30.96
CA VAL E 144 31.58 16.70 29.68
C VAL E 144 30.12 16.47 29.29
N LYS E 145 29.38 15.73 30.12
CA LYS E 145 28.03 15.40 29.71
C LYS E 145 27.09 16.55 30.07
N SER E 146 26.06 16.78 29.24
CA SER E 146 24.99 17.70 29.60
C SER E 146 24.16 17.10 30.73
N ASN E 147 23.26 17.92 31.29
CA ASN E 147 22.46 17.50 32.43
C ASN E 147 21.47 16.43 32.00
N ASP E 148 20.80 16.65 30.87
CA ASP E 148 19.70 15.81 30.42
C ASP E 148 20.20 14.42 30.05
N PHE E 149 21.38 14.35 29.43
CA PHE E 149 21.94 13.10 28.91
C PHE E 149 22.16 12.11 30.04
N VAL E 150 21.91 10.83 29.74
CA VAL E 150 21.87 9.83 30.79
C VAL E 150 23.09 8.91 30.68
N LEU E 151 23.87 8.87 31.77
CA LEU E 151 24.96 7.93 31.93
C LEU E 151 24.50 6.80 32.84
N ILE E 152 24.46 5.58 32.28
CA ILE E 152 24.21 4.38 33.05
C ILE E 152 25.54 3.69 33.32
N ALA E 153 25.90 3.58 34.60
CA ALA E 153 27.07 2.79 34.96
C ALA E 153 26.66 1.33 35.11
N ARG E 154 27.40 0.45 34.43
CA ARG E 154 27.13 -0.97 34.44
C ARG E 154 28.21 -1.68 35.25
N THR E 155 27.76 -2.54 36.17
CA THR E 155 28.71 -3.34 36.94
C THR E 155 28.57 -4.81 36.60
N ASP E 156 29.73 -5.45 36.37
CA ASP E 156 29.79 -6.85 35.99
C ASP E 156 30.27 -7.68 37.19
N ALA E 157 30.13 -7.10 38.38
CA ALA E 157 30.80 -7.58 39.57
C ALA E 157 30.07 -8.73 40.27
N TYR E 158 28.77 -8.90 39.98
CA TYR E 158 28.00 -9.90 40.70
C TYR E 158 28.64 -11.28 40.57
N ALA E 159 28.86 -11.74 39.34
CA ALA E 159 29.36 -13.08 39.10
C ALA E 159 30.72 -13.29 39.78
N VAL E 160 31.55 -12.24 39.81
CA VAL E 160 32.92 -12.36 40.26
C VAL E 160 32.99 -12.20 41.78
N GLU E 161 32.27 -11.21 42.33
CA GLU E 161 32.56 -10.70 43.66
C GLU E 161 31.36 -10.83 44.60
N GLY E 162 30.19 -11.18 44.08
CA GLY E 162 29.00 -11.37 44.89
C GLY E 162 28.25 -10.07 45.22
N LEU E 163 27.04 -10.22 45.74
CA LEU E 163 26.04 -9.16 45.74
C LEU E 163 26.51 -7.94 46.53
N LYS E 164 27.13 -8.16 47.69
CA LYS E 164 27.46 -7.05 48.56
C LYS E 164 28.51 -6.13 47.92
N ALA E 165 29.55 -6.75 47.34
CA ALA E 165 30.63 -6.02 46.70
C ALA E 165 30.11 -5.20 45.52
N THR E 166 29.12 -5.78 44.83
CA THR E 166 28.50 -5.20 43.64
C THR E 166 27.69 -3.97 44.04
N ILE E 167 26.94 -4.08 45.15
CA ILE E 167 26.15 -2.97 45.64
C ILE E 167 27.07 -1.83 46.04
N ASP E 168 28.19 -2.18 46.68
CA ASP E 168 29.18 -1.21 47.12
C ASP E 168 29.67 -0.39 45.93
N ARG E 169 30.09 -1.09 44.88
CA ARG E 169 30.55 -0.49 43.64
C ARG E 169 29.48 0.44 43.08
N ALA E 170 28.28 -0.10 42.85
CA ALA E 170 27.19 0.63 42.24
C ALA E 170 26.95 1.95 42.99
N CYS E 171 27.02 1.88 44.32
CA CYS E 171 26.75 3.04 45.16
C CYS E 171 27.82 4.10 44.94
N THR E 172 29.09 3.65 44.90
CA THR E 172 30.22 4.52 44.63
C THR E 172 30.08 5.13 43.23
N TYR E 173 29.60 4.34 42.26
CA TYR E 173 29.41 4.82 40.91
C TYR E 173 28.38 5.95 40.88
N VAL E 174 27.31 5.80 41.67
CA VAL E 174 26.27 6.81 41.73
C VAL E 174 26.86 8.09 42.32
N GLU E 175 27.70 7.93 43.35
CA GLU E 175 28.33 9.06 44.01
C GLU E 175 29.28 9.76 43.05
N ALA E 176 29.84 8.99 42.10
CA ALA E 176 30.81 9.53 41.14
C ALA E 176 30.11 10.29 40.01
N GLY E 177 28.78 10.18 39.93
CA GLY E 177 28.00 10.99 39.00
C GLY E 177 27.09 10.18 38.07
N ALA E 178 27.11 8.85 38.20
CA ALA E 178 26.28 7.98 37.37
C ALA E 178 24.80 8.26 37.61
N ASP E 179 24.01 8.31 36.53
CA ASP E 179 22.61 8.66 36.63
C ASP E 179 21.77 7.43 37.00
N MET E 180 22.17 6.26 36.47
CA MET E 180 21.40 5.04 36.62
C MET E 180 22.38 3.86 36.62
N ILE E 181 21.89 2.70 37.06
CA ILE E 181 22.74 1.53 37.25
C ILE E 181 22.22 0.33 36.45
N PHE E 182 23.16 -0.34 35.79
CA PHE E 182 22.93 -1.54 35.02
C PHE E 182 23.52 -2.70 35.82
N ALA E 183 22.63 -3.54 36.36
CA ALA E 183 23.01 -4.65 37.22
C ALA E 183 23.10 -5.93 36.40
N GLU E 184 24.31 -6.25 35.92
CA GLU E 184 24.49 -7.34 34.97
C GLU E 184 24.47 -8.68 35.69
N ALA E 185 23.51 -9.52 35.28
CA ALA E 185 23.50 -10.95 35.55
C ALA E 185 23.32 -11.25 37.05
N LEU E 186 22.40 -10.53 37.72
CA LEU E 186 21.93 -10.97 39.02
C LEU E 186 21.12 -12.25 38.80
N GLU E 187 21.40 -13.28 39.60
CA GLU E 187 20.93 -14.62 39.28
C GLU E 187 19.61 -14.92 39.97
N ASN E 188 19.29 -14.17 41.01
CA ASN E 188 18.15 -14.44 41.85
C ASN E 188 17.27 -13.19 41.93
N ILE E 189 15.98 -13.35 41.59
CA ILE E 189 15.04 -12.23 41.58
C ILE E 189 15.07 -11.48 42.92
N ASN E 190 15.34 -12.20 44.00
CA ASN E 190 15.25 -11.61 45.34
C ASN E 190 16.50 -10.81 45.68
N ASP E 191 17.44 -10.72 44.74
CA ASP E 191 18.59 -9.84 44.88
C ASP E 191 18.22 -8.40 44.56
N TYR E 192 17.23 -8.22 43.67
CA TYR E 192 16.95 -6.90 43.11
C TYR E 192 16.48 -5.94 44.18
N PRO E 193 15.50 -6.31 45.06
CA PRO E 193 14.94 -5.36 46.02
C PRO E 193 16.03 -4.78 46.93
N THR E 194 16.94 -5.64 47.37
CA THR E 194 18.08 -5.20 48.17
C THR E 194 18.90 -4.18 47.38
N PHE E 195 19.20 -4.55 46.12
CA PHE E 195 20.10 -3.80 45.26
C PHE E 195 19.51 -2.45 44.91
N CYS E 196 18.22 -2.45 44.56
CA CYS E 196 17.54 -1.25 44.10
C CYS E 196 17.40 -0.26 45.26
N LYS E 197 17.06 -0.77 46.45
CA LYS E 197 16.87 0.06 47.63
C LYS E 197 18.19 0.74 48.00
N ALA E 198 19.30 0.00 47.81
CA ALA E 198 20.61 0.48 48.18
C ALA E 198 21.08 1.61 47.27
N VAL E 199 20.92 1.44 45.94
CA VAL E 199 21.51 2.38 45.01
C VAL E 199 20.61 3.58 44.70
N LYS E 200 19.33 3.51 45.12
CA LYS E 200 18.43 4.65 45.06
C LYS E 200 18.04 5.07 43.62
N VAL E 201 18.98 5.05 42.67
CA VAL E 201 18.70 5.54 41.33
C VAL E 201 18.03 4.43 40.53
N PRO E 202 17.42 4.73 39.35
CA PRO E 202 16.83 3.69 38.52
C PRO E 202 17.82 2.58 38.15
N VAL E 203 17.32 1.35 38.17
CA VAL E 203 18.15 0.17 37.90
C VAL E 203 17.65 -0.52 36.64
N LEU E 204 18.58 -0.95 35.80
CA LEU E 204 18.27 -1.69 34.60
C LEU E 204 18.65 -3.15 34.82
N ALA E 205 17.76 -4.05 34.41
CA ALA E 205 18.00 -5.48 34.45
C ALA E 205 18.13 -6.00 33.02
N ASN E 206 19.12 -6.85 32.80
CA ASN E 206 19.41 -7.34 31.47
C ASN E 206 18.78 -8.73 31.28
N MET E 207 17.65 -8.76 30.57
CA MET E 207 16.91 -10.00 30.35
C MET E 207 17.32 -10.64 29.04
N THR E 208 18.63 -10.87 28.86
CA THR E 208 19.11 -11.55 27.68
C THR E 208 18.83 -13.05 27.80
N GLU E 209 18.61 -13.72 26.66
CA GLU E 209 18.37 -15.15 26.59
C GLU E 209 19.70 -15.90 26.51
N PHE E 210 19.67 -17.18 26.88
CA PHE E 210 20.80 -18.09 26.73
C PHE E 210 21.99 -17.63 27.56
N GLY E 211 21.72 -16.90 28.64
CA GLY E 211 22.75 -16.43 29.54
C GLY E 211 22.80 -17.27 30.81
N LYS E 212 23.33 -16.69 31.89
CA LYS E 212 23.36 -17.37 33.17
C LYS E 212 22.07 -17.05 33.93
N THR E 213 21.57 -15.82 33.74
CA THR E 213 20.31 -15.32 34.26
C THR E 213 19.14 -16.11 33.67
N PRO E 214 18.08 -16.42 34.46
CA PRO E 214 16.81 -16.92 33.91
C PRO E 214 15.92 -15.74 33.49
N LEU E 215 14.83 -16.04 32.76
CA LEU E 215 13.97 -14.99 32.24
C LEU E 215 12.85 -14.70 33.24
N TYR E 216 12.78 -13.45 33.69
CA TYR E 216 11.67 -12.96 34.48
C TYR E 216 10.84 -11.99 33.64
N THR E 217 9.60 -11.74 34.08
CA THR E 217 8.74 -10.84 33.33
C THR E 217 9.05 -9.40 33.74
N ALA E 218 8.69 -8.46 32.86
CA ALA E 218 8.79 -7.04 33.14
C ALA E 218 8.11 -6.73 34.48
N ALA E 219 6.88 -7.22 34.62
CA ALA E 219 6.06 -7.01 35.81
C ALA E 219 6.78 -7.51 37.05
N GLN E 220 7.32 -8.73 36.97
CA GLN E 220 8.01 -9.35 38.09
C GLN E 220 9.18 -8.48 38.50
N LEU E 221 9.94 -8.00 37.52
CA LEU E 221 11.15 -7.22 37.81
C LEU E 221 10.78 -5.85 38.38
N ALA E 222 9.69 -5.25 37.86
CA ALA E 222 9.22 -3.99 38.40
C ALA E 222 8.85 -4.16 39.88
N ASP E 223 8.21 -5.29 40.19
CA ASP E 223 7.76 -5.61 41.54
C ASP E 223 8.95 -5.74 42.49
N HIS E 224 10.12 -6.08 41.93
CA HIS E 224 11.31 -6.25 42.74
C HIS E 224 12.21 -4.99 42.67
N GLY E 225 11.64 -3.89 42.15
CA GLY E 225 12.23 -2.57 42.29
C GLY E 225 12.96 -2.08 41.04
N VAL E 226 12.87 -2.83 39.94
CA VAL E 226 13.60 -2.54 38.72
C VAL E 226 12.83 -1.52 37.88
N LYS E 227 13.55 -0.56 37.30
CA LYS E 227 12.96 0.53 36.53
C LYS E 227 13.03 0.30 35.03
N MET E 228 14.08 -0.42 34.58
CA MET E 228 14.25 -0.68 33.16
C MET E 228 14.57 -2.15 32.93
N VAL E 229 13.93 -2.74 31.90
CA VAL E 229 14.29 -4.08 31.47
C VAL E 229 14.79 -4.03 30.03
N LEU E 230 15.96 -4.63 29.81
CA LEU E 230 16.63 -4.63 28.53
C LEU E 230 16.50 -5.99 27.83
N TYR E 231 16.19 -5.95 26.54
CA TYR E 231 16.10 -7.13 25.70
C TYR E 231 17.10 -6.96 24.56
N PRO E 232 18.40 -7.16 24.84
CA PRO E 232 19.47 -6.66 23.98
C PRO E 232 19.58 -7.25 22.58
N ARG E 233 19.29 -8.55 22.45
CA ARG E 233 19.57 -9.26 21.20
C ARG E 233 18.40 -10.12 20.76
N SER E 234 17.25 -10.00 21.44
CA SER E 234 16.10 -10.86 21.19
C SER E 234 15.72 -10.90 19.70
N ALA E 235 15.42 -9.73 19.14
CA ALA E 235 15.06 -9.61 17.74
C ALA E 235 16.16 -10.15 16.84
N ASP E 236 17.42 -9.73 17.10
CA ASP E 236 18.56 -10.08 16.27
C ASP E 236 18.65 -11.61 16.12
N ARG E 237 18.49 -12.34 17.24
CA ARG E 237 18.63 -13.78 17.26
C ARG E 237 17.59 -14.44 16.36
N ALA E 238 16.35 -13.91 16.40
CA ALA E 238 15.28 -14.45 15.59
C ALA E 238 15.53 -14.13 14.11
N MET E 239 16.07 -12.94 13.85
CA MET E 239 16.36 -12.51 12.49
C MET E 239 17.39 -13.46 11.88
N SER E 240 18.42 -13.79 12.66
CA SER E 240 19.51 -14.60 12.15
C SER E 240 19.01 -15.99 11.74
N LYS E 241 18.14 -16.57 12.59
CA LYS E 241 17.59 -17.89 12.29
C LYS E 241 16.74 -17.81 11.02
N ALA E 242 15.91 -16.76 10.91
CA ALA E 242 14.99 -16.60 9.80
C ALA E 242 15.76 -16.45 8.49
N ALA E 243 16.85 -15.68 8.53
CA ALA E 243 17.70 -15.45 7.37
C ALA E 243 18.31 -16.77 6.92
N LEU E 244 18.89 -17.50 7.88
CA LEU E 244 19.54 -18.77 7.61
C LEU E 244 18.55 -19.72 6.93
N ALA E 245 17.30 -19.74 7.45
CA ALA E 245 16.25 -20.60 6.94
C ALA E 245 15.97 -20.27 5.47
N VAL E 246 15.85 -18.98 5.15
CA VAL E 246 15.58 -18.57 3.78
C VAL E 246 16.73 -19.02 2.88
N TYR E 247 17.97 -18.78 3.31
CA TYR E 247 19.15 -19.17 2.56
C TYR E 247 19.13 -20.67 2.31
N GLU E 248 18.80 -21.45 3.34
CA GLU E 248 18.78 -22.90 3.22
C GLU E 248 17.67 -23.34 2.25
N ASP E 249 16.49 -22.71 2.36
CA ASP E 249 15.36 -23.00 1.49
C ASP E 249 15.77 -22.79 0.03
N ILE E 250 16.30 -21.60 -0.29
CA ILE E 250 16.70 -21.26 -1.65
C ILE E 250 17.74 -22.26 -2.15
N LYS E 251 18.67 -22.64 -1.27
CA LYS E 251 19.76 -23.51 -1.65
C LYS E 251 19.23 -24.92 -1.97
N LYS E 252 18.37 -25.43 -1.08
CA LYS E 252 17.94 -26.83 -1.14
C LYS E 252 16.90 -27.02 -2.24
N HIS E 253 16.08 -25.99 -2.50
CA HIS E 253 14.88 -26.19 -3.31
C HIS E 253 14.94 -25.43 -4.64
N GLY E 254 15.88 -24.49 -4.80
CA GLY E 254 16.04 -23.79 -6.06
C GLY E 254 15.02 -22.67 -6.27
N VAL E 255 14.25 -22.38 -5.22
CA VAL E 255 13.23 -21.35 -5.21
C VAL E 255 12.82 -21.12 -3.75
N GLN E 256 12.20 -19.97 -3.48
CA GLN E 256 11.95 -19.54 -2.10
C GLN E 256 10.47 -19.73 -1.71
N THR E 257 9.74 -20.52 -2.50
CA THR E 257 8.31 -20.73 -2.29
C THR E 257 8.00 -21.06 -0.84
N ALA E 258 8.80 -21.94 -0.24
CA ALA E 258 8.55 -22.45 1.10
C ALA E 258 8.73 -21.37 2.15
N SER E 259 9.49 -20.31 1.81
CA SER E 259 9.82 -19.26 2.76
C SER E 259 8.77 -18.15 2.75
N LEU E 260 7.95 -18.12 1.70
CA LEU E 260 7.02 -17.03 1.44
C LEU E 260 6.09 -16.76 2.62
N PRO E 261 5.55 -17.78 3.33
CA PRO E 261 4.66 -17.51 4.48
C PRO E 261 5.39 -16.83 5.64
N PHE E 262 6.73 -16.87 5.62
CA PHE E 262 7.54 -16.38 6.73
C PHE E 262 8.09 -15.00 6.42
N MET E 263 7.68 -14.43 5.28
CA MET E 263 8.21 -13.14 4.83
C MET E 263 7.21 -12.03 5.14
N GLN E 264 7.74 -10.84 5.46
CA GLN E 264 6.92 -9.67 5.60
C GLN E 264 6.46 -9.24 4.21
N THR E 265 5.17 -8.91 4.10
CA THR E 265 4.56 -8.52 2.83
C THR E 265 5.14 -7.18 2.40
N ARG E 266 5.13 -6.94 1.08
CA ARG E 266 5.57 -5.68 0.51
C ARG E 266 4.70 -4.55 1.07
N GLU E 267 3.43 -4.86 1.33
CA GLU E 267 2.46 -3.89 1.83
C GLU E 267 2.89 -3.41 3.22
N ALA E 268 3.28 -4.36 4.09
CA ALA E 268 3.67 -4.02 5.45
C ALA E 268 4.94 -3.16 5.45
N LEU E 269 5.86 -3.47 4.52
CA LEU E 269 7.10 -2.73 4.36
C LEU E 269 6.81 -1.27 4.07
N TYR E 270 5.89 -1.01 3.12
CA TYR E 270 5.51 0.35 2.74
C TYR E 270 4.90 1.07 3.94
N GLU E 271 4.13 0.33 4.74
CA GLU E 271 3.49 0.91 5.90
C GLU E 271 4.56 1.42 6.86
N VAL E 272 5.58 0.58 7.13
CA VAL E 272 6.59 0.88 8.14
C VAL E 272 7.44 2.06 7.67
N LEU E 273 7.70 2.13 6.37
CA LEU E 273 8.51 3.18 5.77
C LEU E 273 7.72 4.47 5.64
N ASN E 274 6.42 4.42 5.92
CA ASN E 274 5.51 5.53 5.74
C ASN E 274 5.60 6.02 4.29
N TYR E 275 5.47 5.06 3.35
CA TYR E 275 5.77 5.26 1.94
C TYR E 275 4.78 6.22 1.28
N HIS E 276 3.53 6.21 1.77
CA HIS E 276 2.46 7.00 1.21
C HIS E 276 2.78 8.50 1.36
N ALA E 277 3.59 8.85 2.38
CA ALA E 277 3.97 10.23 2.65
C ALA E 277 4.94 10.74 1.58
N TYR E 278 5.61 9.82 0.87
CA TYR E 278 6.55 10.17 -0.18
C TYR E 278 5.81 10.36 -1.50
N GLU E 279 4.73 9.60 -1.72
CA GLU E 279 3.94 9.73 -2.94
C GLU E 279 3.12 11.01 -2.87
N ASP E 280 2.86 11.51 -1.65
CA ASP E 280 2.17 12.77 -1.38
C ASP E 280 2.98 13.95 -1.91
N LYS E 281 4.30 13.93 -1.69
CA LYS E 281 5.17 15.00 -2.15
C LYS E 281 5.48 14.83 -3.63
N LEU E 282 5.41 13.58 -4.13
CA LEU E 282 5.74 13.26 -5.52
C LEU E 282 4.62 13.70 -6.47
N ASN E 283 3.43 13.91 -5.90
CA ASN E 283 2.24 14.27 -6.69
C ASN E 283 1.89 15.74 -6.45
N GLN E 284 2.37 16.31 -5.33
CA GLN E 284 2.27 17.74 -5.05
C GLN E 284 3.21 18.54 -5.96
N LEU E 285 4.25 17.86 -6.51
CA LEU E 285 5.21 18.51 -7.39
C LEU E 285 4.78 18.31 -8.84
N PHE E 286 4.04 17.23 -9.13
CA PHE E 286 3.57 16.96 -10.48
C PHE E 286 3.23 18.30 -11.16
N SER F 2 22.71 26.48 25.55
CA SER F 2 21.40 27.17 25.72
C SER F 2 20.88 27.63 24.37
N MET F 3 21.75 28.30 23.58
CA MET F 3 21.37 28.79 22.26
C MET F 3 21.79 27.82 21.16
N SER F 4 20.92 27.64 20.18
CA SER F 4 21.12 26.67 19.10
C SER F 4 22.09 27.27 18.07
N PRO F 5 22.80 26.43 17.28
CA PRO F 5 23.71 26.91 16.24
C PRO F 5 23.07 27.94 15.31
N GLY F 6 21.85 27.64 14.85
CA GLY F 6 21.08 28.56 14.01
C GLY F 6 20.91 29.93 14.68
N LYS F 7 20.55 29.91 15.97
CA LYS F 7 20.28 31.12 16.70
C LYS F 7 21.57 31.94 16.83
N LEU F 8 22.69 31.25 17.06
CA LEU F 8 23.99 31.89 17.22
C LEU F 8 24.37 32.61 15.93
N PHE F 9 24.14 31.93 14.79
CA PHE F 9 24.41 32.51 13.49
C PHE F 9 23.55 33.76 13.28
N ARG F 10 22.24 33.63 13.56
CA ARG F 10 21.30 34.72 13.40
C ARG F 10 21.75 35.91 14.21
N GLN F 11 22.25 35.64 15.43
CA GLN F 11 22.63 36.70 16.34
C GLN F 11 23.90 37.39 15.82
N ALA F 12 24.80 36.60 15.22
CA ALA F 12 26.04 37.13 14.69
C ALA F 12 25.76 38.03 13.49
N VAL F 13 24.76 37.66 12.69
CA VAL F 13 24.38 38.42 11.52
C VAL F 13 23.73 39.74 11.95
N ALA F 14 23.04 39.72 13.08
CA ALA F 14 22.32 40.90 13.57
C ALA F 14 23.30 41.91 14.18
N ASN F 15 24.33 41.42 14.88
CA ASN F 15 25.16 42.24 15.75
C ASN F 15 26.37 42.81 15.02
N GLU F 16 26.82 42.13 13.96
CA GLU F 16 28.03 42.54 13.26
C GLU F 16 27.68 43.37 12.04
N HIS F 17 28.56 44.32 11.69
CA HIS F 17 28.30 45.23 10.59
C HIS F 17 29.55 45.35 9.73
N PRO F 18 29.81 44.41 8.79
CA PRO F 18 29.00 43.20 8.64
C PRO F 18 29.62 42.01 9.37
N LEU F 19 28.96 40.85 9.29
CA LEU F 19 29.54 39.62 9.79
C LEU F 19 30.50 39.08 8.73
N GLN F 20 31.79 39.03 9.08
CA GLN F 20 32.75 38.35 8.22
C GLN F 20 32.69 36.86 8.50
N ILE F 21 32.47 36.05 7.46
CA ILE F 21 32.45 34.61 7.58
C ILE F 21 33.63 34.06 6.80
N VAL F 22 34.58 33.43 7.49
CA VAL F 22 35.79 32.95 6.83
C VAL F 22 35.71 31.45 6.61
N GLY F 23 36.20 31.01 5.45
CA GLY F 23 36.28 29.60 5.13
C GLY F 23 37.39 28.92 5.94
N ALA F 24 37.08 27.73 6.44
CA ALA F 24 38.04 26.84 7.08
C ALA F 24 37.82 25.45 6.51
N ILE F 25 38.89 24.77 6.07
CA ILE F 25 38.70 23.49 5.40
C ILE F 25 38.63 22.35 6.41
N ASN F 26 39.13 22.58 7.62
CA ASN F 26 39.18 21.53 8.62
C ASN F 26 39.04 22.13 10.03
N ALA F 27 38.96 21.25 11.03
CA ALA F 27 38.70 21.66 12.39
C ALA F 27 39.78 22.61 12.89
N TYR F 28 41.03 22.33 12.53
CA TYR F 28 42.15 23.12 13.04
C TYR F 28 42.06 24.56 12.52
N CYS F 29 41.75 24.71 11.24
CA CYS F 29 41.60 26.02 10.65
C CYS F 29 40.49 26.78 11.36
N ALA F 30 39.40 26.05 11.71
CA ALA F 30 38.28 26.65 12.40
C ALA F 30 38.77 27.23 13.73
N LEU F 31 39.65 26.48 14.40
CA LEU F 31 40.18 26.93 15.68
C LEU F 31 41.02 28.19 15.49
N LEU F 32 41.87 28.20 14.44
CA LEU F 32 42.67 29.37 14.16
C LEU F 32 41.75 30.59 13.95
N ALA F 33 40.69 30.40 13.16
CA ALA F 33 39.75 31.49 12.88
C ALA F 33 39.09 31.96 14.18
N GLU F 34 38.68 31.00 15.02
CA GLU F 34 38.04 31.30 16.29
C GLU F 34 39.01 32.13 17.14
N ASN F 35 40.30 31.76 17.09
CA ASN F 35 41.35 32.36 17.86
C ASN F 35 41.51 33.83 17.48
N VAL F 36 41.42 34.12 16.17
CA VAL F 36 41.60 35.45 15.65
C VAL F 36 40.38 36.30 16.00
N GLY F 37 39.25 35.65 16.30
CA GLY F 37 38.09 36.33 16.84
C GLY F 37 36.92 36.46 15.87
N PHE F 38 36.87 35.65 14.81
CA PHE F 38 35.74 35.64 13.89
C PHE F 38 34.50 35.06 14.58
N LYS F 39 33.31 35.49 14.14
CA LYS F 39 32.08 35.14 14.85
C LYS F 39 31.34 34.02 14.11
N ALA F 40 31.76 33.72 12.87
CA ALA F 40 31.19 32.66 12.08
C ALA F 40 32.24 32.06 11.14
N ILE F 41 32.07 30.80 10.78
CA ILE F 41 32.99 30.12 9.87
C ILE F 41 32.21 29.42 8.77
N TYR F 42 32.94 28.99 7.74
CA TYR F 42 32.32 28.54 6.49
C TYR F 42 33.02 27.28 5.98
N LEU F 43 32.22 26.32 5.53
CA LEU F 43 32.72 25.13 4.85
C LEU F 43 32.42 25.23 3.36
N SER F 44 33.48 25.46 2.58
CA SER F 44 33.39 25.65 1.14
C SER F 44 33.19 24.32 0.41
N GLY F 45 32.16 24.26 -0.43
CA GLY F 45 31.90 23.11 -1.27
C GLY F 45 33.07 22.80 -2.20
N GLY F 46 33.61 23.85 -2.83
CA GLY F 46 34.81 23.73 -3.65
C GLY F 46 35.98 23.24 -2.81
N GLY F 47 36.07 23.72 -1.56
CA GLY F 47 37.08 23.27 -0.63
C GLY F 47 36.98 21.78 -0.34
N VAL F 48 35.75 21.32 -0.07
CA VAL F 48 35.52 19.93 0.27
C VAL F 48 36.00 19.05 -0.88
N ALA F 49 35.66 19.47 -2.10
CA ALA F 49 35.97 18.73 -3.31
C ALA F 49 37.47 18.75 -3.58
N ASN F 50 38.05 19.96 -3.67
CA ASN F 50 39.44 20.14 -4.04
C ASN F 50 40.35 19.42 -3.04
N THR F 51 39.97 19.39 -1.76
CA THR F 51 40.78 18.77 -0.74
C THR F 51 40.84 17.26 -0.97
N LEU F 52 39.78 16.70 -1.54
CA LEU F 52 39.71 15.30 -1.92
C LEU F 52 40.45 15.08 -3.23
N GLY F 53 40.81 16.18 -3.90
CA GLY F 53 41.45 16.14 -5.21
C GLY F 53 40.43 16.08 -6.34
N LEU F 54 39.19 16.51 -6.07
CA LEU F 54 38.14 16.55 -7.08
C LEU F 54 37.87 17.99 -7.46
N PRO F 55 37.43 18.25 -8.71
CA PRO F 55 36.99 19.59 -9.11
C PRO F 55 35.61 19.91 -8.54
N ASP F 56 35.33 21.22 -8.43
CA ASP F 56 34.08 21.70 -7.86
C ASP F 56 32.94 21.58 -8.88
N LEU F 57 32.57 20.34 -9.22
CA LEU F 57 31.62 20.10 -10.30
C LEU F 57 30.40 19.31 -9.81
N GLY F 58 30.08 19.41 -8.53
CA GLY F 58 29.00 18.65 -7.93
C GLY F 58 29.19 17.14 -8.07
N ILE F 59 30.44 16.68 -7.92
CA ILE F 59 30.73 15.25 -7.88
C ILE F 59 30.54 14.76 -6.45
N THR F 60 30.86 15.63 -5.48
CA THR F 60 30.72 15.32 -4.07
C THR F 60 29.23 15.19 -3.72
N ASP F 61 28.94 14.41 -2.67
CA ASP F 61 27.58 14.15 -2.22
C ASP F 61 27.42 14.59 -0.77
N LEU F 62 26.23 14.33 -0.21
CA LEU F 62 25.91 14.75 1.15
C LEU F 62 26.99 14.29 2.12
N HIS F 63 27.53 13.08 1.92
CA HIS F 63 28.44 12.49 2.89
C HIS F 63 29.82 13.13 2.88
N ASP F 64 30.30 13.49 1.68
CA ASP F 64 31.58 14.17 1.56
C ASP F 64 31.56 15.44 2.40
N VAL F 65 30.47 16.20 2.28
CA VAL F 65 30.35 17.49 2.93
C VAL F 65 30.05 17.28 4.41
N LEU F 66 29.11 16.36 4.68
CA LEU F 66 28.66 16.11 6.03
C LEU F 66 29.84 15.74 6.92
N GLU F 67 30.72 14.87 6.42
CA GLU F 67 31.86 14.41 7.20
C GLU F 67 32.74 15.60 7.58
N ASP F 68 33.05 16.47 6.61
CA ASP F 68 33.91 17.61 6.84
C ASP F 68 33.24 18.58 7.82
N ALA F 69 31.90 18.67 7.75
CA ALA F 69 31.17 19.58 8.60
C ALA F 69 31.19 19.08 10.05
N ARG F 70 30.99 17.76 10.21
CA ARG F 70 30.95 17.13 11.52
C ARG F 70 32.27 17.37 12.24
N ARG F 71 33.38 17.16 11.53
CA ARG F 71 34.72 17.35 12.09
C ARG F 71 34.85 18.74 12.68
N ILE F 72 34.38 19.75 11.95
CA ILE F 72 34.51 21.14 12.36
C ILE F 72 33.63 21.42 13.59
N THR F 73 32.35 21.05 13.51
CA THR F 73 31.43 21.39 14.59
C THR F 73 31.77 20.62 15.86
N ALA F 74 32.54 19.54 15.70
CA ALA F 74 32.98 18.77 16.85
C ALA F 74 33.99 19.57 17.68
N ALA F 75 34.67 20.52 17.02
CA ALA F 75 35.83 21.18 17.60
C ALA F 75 35.53 22.61 18.04
N THR F 76 34.42 23.19 17.58
CA THR F 76 34.08 24.56 17.94
C THR F 76 32.58 24.77 17.90
N HIS F 77 32.10 25.71 18.71
CA HIS F 77 30.69 26.08 18.76
C HIS F 77 30.43 27.29 17.86
N LEU F 78 31.50 27.84 17.26
CA LEU F 78 31.35 28.92 16.30
C LEU F 78 30.36 28.49 15.24
N PRO F 79 29.30 29.28 14.95
CA PRO F 79 28.32 28.90 13.94
C PRO F 79 28.97 28.70 12.59
N LEU F 80 28.70 27.53 11.98
CA LEU F 80 29.27 27.14 10.70
C LEU F 80 28.20 27.22 9.61
N LEU F 81 28.55 27.91 8.52
CA LEU F 81 27.76 27.92 7.30
C LEU F 81 28.35 26.87 6.36
N VAL F 82 27.48 26.00 5.82
CA VAL F 82 27.91 24.88 5.00
C VAL F 82 27.30 24.99 3.60
N ASP F 83 28.16 24.82 2.59
CA ASP F 83 27.78 24.86 1.20
C ASP F 83 27.21 23.50 0.81
N ILE F 84 25.93 23.46 0.41
CA ILE F 84 25.30 22.22 0.00
C ILE F 84 25.00 22.23 -1.50
N ASP F 85 25.71 23.05 -2.26
CA ASP F 85 25.62 23.05 -3.72
C ASP F 85 24.16 23.23 -4.14
N THR F 86 23.62 22.25 -4.88
CA THR F 86 22.26 22.33 -5.37
C THR F 86 21.35 21.40 -4.57
N GLY F 87 21.89 20.74 -3.54
CA GLY F 87 21.06 19.93 -2.65
C GLY F 87 21.24 18.43 -2.89
N PHE F 88 22.17 18.08 -3.78
CA PHE F 88 22.72 16.73 -3.93
C PHE F 88 21.77 15.79 -4.66
N GLY F 89 20.55 16.25 -4.94
CA GLY F 89 19.58 15.47 -5.69
C GLY F 89 18.21 16.14 -5.71
N GLY F 90 17.16 15.32 -5.69
CA GLY F 90 15.79 15.81 -5.69
C GLY F 90 15.33 16.24 -4.30
N ALA F 91 14.01 16.35 -4.12
CA ALA F 91 13.41 16.94 -2.94
C ALA F 91 13.74 16.12 -1.69
N PHE F 92 13.87 14.79 -1.86
CA PHE F 92 14.07 13.92 -0.71
C PHE F 92 15.50 14.04 -0.20
N THR F 93 16.44 14.18 -1.15
CA THR F 93 17.86 14.35 -0.84
C THR F 93 18.07 15.66 -0.09
N ILE F 94 17.41 16.72 -0.56
CA ILE F 94 17.49 18.03 0.07
C ILE F 94 17.02 17.92 1.52
N ALA F 95 15.86 17.28 1.72
CA ALA F 95 15.29 17.14 3.04
C ALA F 95 16.29 16.41 3.95
N ARG F 96 16.91 15.37 3.41
CA ARG F 96 17.89 14.58 4.13
C ARG F 96 19.08 15.47 4.52
N ALA F 97 19.52 16.27 3.55
CA ALA F 97 20.67 17.15 3.73
C ALA F 97 20.40 18.12 4.88
N ILE F 98 19.20 18.70 4.90
CA ILE F 98 18.85 19.68 5.92
C ILE F 98 18.87 18.99 7.27
N LYS F 99 18.21 17.83 7.36
CA LYS F 99 18.09 17.12 8.62
C LYS F 99 19.46 16.72 9.14
N GLU F 100 20.33 16.26 8.23
CA GLU F 100 21.64 15.74 8.61
C GLU F 100 22.56 16.87 9.08
N MET F 101 22.45 18.01 8.41
CA MET F 101 23.24 19.19 8.77
C MET F 101 22.80 19.71 10.14
N GLU F 102 21.50 19.67 10.41
CA GLU F 102 20.99 20.08 11.70
C GLU F 102 21.56 19.16 12.77
N ARG F 103 21.48 17.84 12.51
CA ARG F 103 21.97 16.84 13.44
C ARG F 103 23.47 17.04 13.67
N ALA F 104 24.17 17.52 12.64
CA ALA F 104 25.62 17.69 12.71
C ALA F 104 25.98 19.01 13.38
N GLN F 105 24.99 19.72 13.95
CA GLN F 105 25.20 20.92 14.73
C GLN F 105 25.64 22.09 13.85
N VAL F 106 25.30 22.02 12.55
CA VAL F 106 25.56 23.10 11.60
C VAL F 106 24.55 24.22 11.86
N ALA F 107 24.96 25.46 11.57
CA ALA F 107 24.13 26.63 11.84
C ALA F 107 23.32 27.01 10.61
N ALA F 108 23.93 26.88 9.42
CA ALA F 108 23.34 27.42 8.21
C ALA F 108 23.88 26.71 6.98
N VAL F 109 23.04 26.62 5.94
CA VAL F 109 23.48 26.12 4.65
C VAL F 109 23.16 27.15 3.56
N HIS F 110 23.91 27.08 2.45
CA HIS F 110 23.51 27.79 1.25
C HIS F 110 23.32 26.81 0.10
N MET F 111 22.20 26.99 -0.62
CA MET F 111 21.82 26.18 -1.76
C MET F 111 21.55 27.14 -2.93
N GLU F 112 22.00 26.76 -4.13
CA GLU F 112 22.00 27.69 -5.27
C GLU F 112 21.08 27.23 -6.40
N ASP F 113 20.87 28.11 -7.38
CA ASP F 113 19.87 27.92 -8.41
C ASP F 113 20.50 27.51 -9.75
N GLN F 114 21.69 26.91 -9.71
CA GLN F 114 22.30 26.34 -10.90
C GLN F 114 21.67 24.99 -11.17
N VAL F 115 21.84 24.51 -12.42
CA VAL F 115 21.46 23.15 -12.76
C VAL F 115 22.47 22.20 -12.15
N ALA F 116 22.06 20.95 -11.91
CA ALA F 116 22.84 19.94 -11.24
C ALA F 116 24.11 19.53 -12.01
N GLN F 117 23.98 19.23 -13.31
CA GLN F 117 25.10 19.34 -14.25
C GLN F 117 24.63 19.92 -15.60
N LYS F 118 25.48 20.73 -16.23
CA LYS F 118 25.14 21.53 -17.40
C LYS F 118 25.21 20.69 -18.67
N ARG F 119 24.38 21.05 -19.66
CA ARG F 119 24.13 20.26 -20.86
C ARG F 119 25.36 20.21 -21.77
N CYS F 120 25.19 19.55 -22.93
CA CYS F 120 26.22 19.39 -23.93
C CYS F 120 26.52 20.73 -24.62
N GLY F 121 27.41 20.70 -25.61
CA GLY F 121 27.75 21.92 -26.34
C GLY F 121 29.06 22.52 -25.81
N HIS F 122 29.11 22.73 -24.49
CA HIS F 122 30.34 23.02 -23.77
C HIS F 122 30.66 24.53 -23.78
N ARG F 123 29.67 25.37 -24.16
CA ARG F 123 29.83 26.83 -24.13
C ARG F 123 30.11 27.27 -22.70
N PRO F 124 31.15 28.09 -22.45
CA PRO F 124 31.46 28.61 -21.10
C PRO F 124 30.36 29.46 -20.44
N GLY F 125 30.09 29.18 -19.16
CA GLY F 125 29.12 29.94 -18.39
C GLY F 125 28.18 29.06 -17.57
N LYS F 126 27.30 29.72 -16.81
CA LYS F 126 26.43 29.11 -15.83
C LYS F 126 25.02 28.96 -16.42
N GLU F 127 24.44 27.77 -16.25
CA GLU F 127 23.03 27.55 -16.57
C GLU F 127 22.22 27.45 -15.27
N LEU F 128 21.09 28.17 -15.24
CA LEU F 128 20.28 28.23 -14.05
C LEU F 128 19.01 27.42 -14.25
N VAL F 129 18.43 26.97 -13.13
CA VAL F 129 17.11 26.37 -13.16
C VAL F 129 16.09 27.49 -13.22
N ASN F 130 14.90 27.15 -13.76
CA ASN F 130 13.81 28.10 -13.74
C ASN F 130 13.48 28.42 -12.28
N THR F 131 12.98 29.63 -12.07
CA THR F 131 12.62 30.12 -10.74
C THR F 131 11.81 29.08 -9.96
N ASN F 132 10.84 28.46 -10.64
CA ASN F 132 9.92 27.53 -9.98
C ASN F 132 10.69 26.34 -9.42
N GLU F 133 11.68 25.84 -10.17
CA GLU F 133 12.45 24.68 -9.72
C GLU F 133 13.24 25.03 -8.46
N MET F 134 13.78 26.25 -8.40
CA MET F 134 14.52 26.68 -7.21
C MET F 134 13.58 26.81 -6.02
N VAL F 135 12.32 27.24 -6.30
CA VAL F 135 11.32 27.33 -5.25
C VAL F 135 11.07 25.94 -4.71
N ASP F 136 11.01 24.95 -5.61
CA ASP F 136 10.78 23.56 -5.24
C ASP F 136 11.89 23.10 -4.30
N ARG F 137 13.14 23.39 -4.70
CA ARG F 137 14.29 23.06 -3.89
C ARG F 137 14.13 23.69 -2.51
N ILE F 138 13.75 24.98 -2.48
CA ILE F 138 13.65 25.73 -1.24
C ILE F 138 12.55 25.12 -0.36
N LYS F 139 11.39 24.79 -0.96
CA LYS F 139 10.27 24.27 -0.20
C LYS F 139 10.67 22.95 0.47
N ALA F 140 11.32 22.06 -0.30
CA ALA F 140 11.81 20.79 0.21
C ALA F 140 12.64 21.03 1.48
N ALA F 141 13.51 22.05 1.43
CA ALA F 141 14.39 22.36 2.55
C ALA F 141 13.60 22.94 3.72
N VAL F 142 12.68 23.86 3.41
CA VAL F 142 11.99 24.62 4.46
C VAL F 142 11.04 23.71 5.23
N ASP F 143 10.51 22.67 4.55
CA ASP F 143 9.46 21.82 5.10
C ASP F 143 9.98 20.96 6.26
N VAL F 144 11.30 20.78 6.33
CA VAL F 144 11.85 19.89 7.34
C VAL F 144 12.78 20.67 8.26
N LYS F 145 13.02 21.95 7.97
CA LYS F 145 14.00 22.67 8.76
C LYS F 145 13.37 23.19 10.03
N SER F 146 14.15 23.24 11.12
CA SER F 146 13.70 23.90 12.34
C SER F 146 13.67 25.41 12.11
N ASN F 147 13.10 26.13 13.08
CA ASN F 147 12.93 27.57 12.98
C ASN F 147 14.30 28.26 13.02
N ASP F 148 15.14 27.84 13.97
CA ASP F 148 16.40 28.51 14.26
C ASP F 148 17.37 28.37 13.08
N PHE F 149 17.37 27.18 12.47
CA PHE F 149 18.31 26.85 11.42
C PHE F 149 18.14 27.79 10.22
N VAL F 150 19.27 28.14 9.60
CA VAL F 150 19.28 29.19 8.60
C VAL F 150 19.50 28.59 7.21
N LEU F 151 18.53 28.84 6.33
CA LEU F 151 18.66 28.54 4.91
C LEU F 151 18.98 29.83 4.15
N ILE F 152 20.16 29.85 3.54
CA ILE F 152 20.54 30.92 2.65
C ILE F 152 20.34 30.45 1.21
N ALA F 153 19.44 31.12 0.49
CA ALA F 153 19.28 30.84 -0.93
C ALA F 153 20.30 31.67 -1.70
N ARG F 154 21.04 30.97 -2.57
CA ARG F 154 22.08 31.60 -3.37
C ARG F 154 21.61 31.68 -4.82
N THR F 155 21.72 32.88 -5.41
CA THR F 155 21.35 33.05 -6.79
C THR F 155 22.58 33.39 -7.62
N ASP F 156 22.72 32.68 -8.74
CA ASP F 156 23.85 32.83 -9.64
C ASP F 156 23.43 33.58 -10.88
N ALA F 157 22.32 34.33 -10.75
CA ALA F 157 21.58 34.86 -11.87
C ALA F 157 22.14 36.18 -12.37
N TYR F 158 22.92 36.89 -11.54
CA TYR F 158 23.38 38.21 -11.95
C TYR F 158 24.13 38.15 -13.29
N ALA F 159 25.17 37.31 -13.36
CA ALA F 159 26.01 37.23 -14.53
C ALA F 159 25.20 36.89 -15.78
N VAL F 160 24.19 36.01 -15.61
CA VAL F 160 23.46 35.45 -16.73
C VAL F 160 22.32 36.37 -17.14
N GLU F 161 21.58 36.92 -16.17
CA GLU F 161 20.25 37.47 -16.41
C GLU F 161 20.16 38.94 -16.03
N GLY F 162 21.17 39.48 -15.34
CA GLY F 162 21.19 40.89 -14.96
C GLY F 162 20.40 41.18 -13.68
N LEU F 163 20.60 42.39 -13.14
CA LEU F 163 20.28 42.71 -11.76
C LEU F 163 18.78 42.55 -11.49
N LYS F 164 17.92 43.00 -12.43
CA LYS F 164 16.50 43.03 -12.14
C LYS F 164 15.95 41.61 -12.00
N ALA F 165 16.36 40.71 -12.93
CA ALA F 165 15.91 39.34 -12.93
C ALA F 165 16.34 38.62 -11.66
N THR F 166 17.54 38.98 -11.18
CA THR F 166 18.16 38.40 -10.01
C THR F 166 17.39 38.81 -8.76
N ILE F 167 17.02 40.09 -8.68
CA ILE F 167 16.25 40.60 -7.56
C ILE F 167 14.90 39.90 -7.52
N ASP F 168 14.30 39.70 -8.70
CA ASP F 168 13.01 39.05 -8.81
C ASP F 168 13.08 37.65 -8.20
N ARG F 169 14.08 36.88 -8.64
CA ARG F 169 14.33 35.52 -8.15
C ARG F 169 14.50 35.55 -6.63
N ALA F 170 15.45 36.36 -6.15
CA ALA F 170 15.79 36.42 -4.74
C ALA F 170 14.53 36.65 -3.92
N CYS F 171 13.67 37.56 -4.40
CA CYS F 171 12.47 37.92 -3.68
C CYS F 171 11.52 36.73 -3.58
N THR F 172 11.37 36.03 -4.72
CA THR F 172 10.56 34.82 -4.77
C THR F 172 11.12 33.76 -3.83
N TYR F 173 12.46 33.66 -3.78
CA TYR F 173 13.12 32.70 -2.90
C TYR F 173 12.79 33.00 -1.44
N VAL F 174 12.76 34.30 -1.09
CA VAL F 174 12.46 34.71 0.27
C VAL F 174 11.02 34.32 0.59
N GLU F 175 10.12 34.53 -0.38
CA GLU F 175 8.72 34.20 -0.21
C GLU F 175 8.55 32.69 -0.06
N ALA F 176 9.46 31.92 -0.67
CA ALA F 176 9.38 30.47 -0.64
C ALA F 176 9.91 29.91 0.68
N GLY F 177 10.55 30.76 1.50
CA GLY F 177 10.93 30.38 2.85
C GLY F 177 12.41 30.59 3.17
N ALA F 178 13.18 31.10 2.20
CA ALA F 178 14.60 31.38 2.39
C ALA F 178 14.79 32.45 3.47
N ASP F 179 15.77 32.23 4.35
CA ASP F 179 16.01 33.10 5.49
C ASP F 179 16.88 34.29 5.06
N MET F 180 17.84 34.02 4.17
CA MET F 180 18.84 35.01 3.78
C MET F 180 19.23 34.74 2.33
N ILE F 181 19.90 35.72 1.71
CA ILE F 181 20.23 35.65 0.29
C ILE F 181 21.72 35.83 0.08
N PHE F 182 22.25 34.96 -0.78
CA PHE F 182 23.64 34.94 -1.21
C PHE F 182 23.65 35.47 -2.64
N ALA F 183 24.19 36.68 -2.83
CA ALA F 183 24.18 37.36 -4.10
C ALA F 183 25.54 37.17 -4.78
N GLU F 184 25.60 36.14 -5.63
CA GLU F 184 26.87 35.70 -6.21
C GLU F 184 27.25 36.62 -7.35
N ALA F 185 28.44 37.24 -7.20
CA ALA F 185 29.17 37.87 -8.29
C ALA F 185 28.44 39.12 -8.81
N LEU F 186 27.91 39.96 -7.91
CA LEU F 186 27.54 41.31 -8.28
C LEU F 186 28.82 42.07 -8.59
N GLU F 187 28.83 42.76 -9.76
CA GLU F 187 30.08 43.29 -10.28
C GLU F 187 30.31 44.72 -9.82
N ASN F 188 29.24 45.40 -9.42
CA ASN F 188 29.32 46.81 -9.10
C ASN F 188 28.77 47.03 -7.69
N ILE F 189 29.59 47.67 -6.84
CA ILE F 189 29.24 47.94 -5.46
C ILE F 189 27.87 48.63 -5.38
N ASN F 190 27.54 49.44 -6.41
CA ASN F 190 26.34 50.28 -6.30
C ASN F 190 25.09 49.49 -6.69
N ASP F 191 25.25 48.19 -6.96
CA ASP F 191 24.13 47.30 -7.16
C ASP F 191 23.55 46.86 -5.82
N TYR F 192 24.41 46.79 -4.78
CA TYR F 192 24.02 46.17 -3.52
C TYR F 192 22.88 46.93 -2.85
N PRO F 193 22.93 48.28 -2.72
CA PRO F 193 21.90 49.01 -1.97
C PRO F 193 20.51 48.75 -2.54
N THR F 194 20.40 48.75 -3.88
CA THR F 194 19.15 48.44 -4.55
C THR F 194 18.70 47.04 -4.17
N PHE F 195 19.65 46.09 -4.27
CA PHE F 195 19.39 44.66 -4.11
C PHE F 195 18.98 44.36 -2.67
N CYS F 196 19.70 44.95 -1.71
CA CYS F 196 19.47 44.68 -0.30
C CYS F 196 18.13 45.24 0.12
N LYS F 197 17.81 46.46 -0.34
CA LYS F 197 16.55 47.11 0.01
C LYS F 197 15.38 46.30 -0.52
N ALA F 198 15.56 45.71 -1.71
CA ALA F 198 14.51 44.97 -2.38
C ALA F 198 14.20 43.65 -1.66
N VAL F 199 15.22 42.89 -1.28
CA VAL F 199 15.01 41.55 -0.75
C VAL F 199 14.77 41.53 0.76
N LYS F 200 15.01 42.66 1.43
CA LYS F 200 14.66 42.87 2.83
C LYS F 200 15.51 42.04 3.78
N VAL F 201 15.78 40.77 3.46
CA VAL F 201 16.45 39.88 4.40
C VAL F 201 17.96 40.12 4.32
N PRO F 202 18.75 39.64 5.31
CA PRO F 202 20.21 39.76 5.23
C PRO F 202 20.79 39.19 3.94
N VAL F 203 21.78 39.91 3.40
CA VAL F 203 22.42 39.55 2.14
C VAL F 203 23.89 39.25 2.38
N LEU F 204 24.37 38.17 1.73
CA LEU F 204 25.77 37.78 1.82
C LEU F 204 26.44 38.15 0.50
N ALA F 205 27.64 38.73 0.61
CA ALA F 205 28.46 39.04 -0.55
C ALA F 205 29.69 38.14 -0.53
N ASN F 206 30.04 37.61 -1.71
CA ASN F 206 31.12 36.64 -1.81
C ASN F 206 32.40 37.35 -2.27
N MET F 207 33.30 37.59 -1.30
CA MET F 207 34.54 38.32 -1.59
C MET F 207 35.67 37.33 -1.87
N THR F 208 35.46 36.39 -2.80
CA THR F 208 36.50 35.46 -3.19
C THR F 208 37.55 36.17 -4.06
N GLU F 209 38.82 35.72 -3.98
CA GLU F 209 39.91 36.27 -4.76
C GLU F 209 40.01 35.59 -6.11
N PHE F 210 40.64 36.26 -7.07
CA PHE F 210 41.00 35.70 -8.37
C PHE F 210 39.75 35.26 -9.15
N GLY F 211 38.62 35.90 -8.85
CA GLY F 211 37.36 35.55 -9.49
C GLY F 211 36.99 36.61 -10.50
N LYS F 212 35.68 36.79 -10.71
CA LYS F 212 35.17 37.81 -11.61
C LYS F 212 34.98 39.09 -10.80
N THR F 213 34.54 38.91 -9.54
CA THR F 213 34.21 39.99 -8.61
C THR F 213 35.46 40.78 -8.25
N PRO F 214 35.37 42.13 -8.09
CA PRO F 214 36.48 42.89 -7.51
C PRO F 214 36.38 42.91 -5.99
N LEU F 215 37.48 43.24 -5.32
CA LEU F 215 37.55 43.16 -3.87
C LEU F 215 37.18 44.50 -3.25
N TYR F 216 36.12 44.48 -2.43
CA TYR F 216 35.75 45.62 -1.60
C TYR F 216 36.00 45.27 -0.14
N THR F 217 36.02 46.28 0.73
CA THR F 217 36.23 46.04 2.15
C THR F 217 34.89 45.67 2.81
N ALA F 218 34.99 45.00 3.96
CA ALA F 218 33.83 44.69 4.78
C ALA F 218 33.01 45.96 5.02
N ALA F 219 33.71 47.02 5.45
CA ALA F 219 33.11 48.31 5.76
C ALA F 219 32.34 48.86 4.55
N GLN F 220 33.00 48.82 3.39
CA GLN F 220 32.42 49.32 2.16
C GLN F 220 31.12 48.57 1.86
N LEU F 221 31.16 47.24 2.01
CA LEU F 221 30.02 46.40 1.68
C LEU F 221 28.89 46.62 2.68
N ALA F 222 29.24 46.79 3.96
CA ALA F 222 28.23 47.07 4.97
C ALA F 222 27.52 48.39 4.64
N ASP F 223 28.29 49.37 4.18
CA ASP F 223 27.80 50.70 3.83
C ASP F 223 26.80 50.61 2.68
N HIS F 224 26.94 49.57 1.86
CA HIS F 224 26.06 49.38 0.71
C HIS F 224 24.96 48.37 1.03
N GLY F 225 24.79 48.04 2.31
CA GLY F 225 23.62 47.33 2.81
C GLY F 225 23.84 45.84 3.02
N VAL F 226 25.09 45.38 2.91
CA VAL F 226 25.42 43.98 3.02
C VAL F 226 25.58 43.58 4.49
N LYS F 227 25.06 42.40 4.83
CA LYS F 227 25.03 41.92 6.20
C LYS F 227 26.12 40.89 6.47
N MET F 228 26.52 40.12 5.44
CA MET F 228 27.55 39.11 5.61
C MET F 228 28.55 39.20 4.47
N VAL F 229 29.84 39.08 4.81
CA VAL F 229 30.89 38.98 3.80
C VAL F 229 31.61 37.64 3.96
N LEU F 230 31.71 36.90 2.84
CA LEU F 230 32.26 35.55 2.83
C LEU F 230 33.66 35.57 2.20
N TYR F 231 34.58 34.86 2.85
CA TYR F 231 35.95 34.70 2.38
C TYR F 231 36.20 33.21 2.19
N PRO F 232 35.65 32.60 1.12
CA PRO F 232 35.48 31.15 1.03
C PRO F 232 36.73 30.29 1.01
N ARG F 233 37.80 30.80 0.36
CA ARG F 233 38.96 29.95 0.12
C ARG F 233 40.28 30.65 0.49
N SER F 234 40.19 31.83 1.12
CA SER F 234 41.35 32.67 1.37
C SER F 234 42.48 31.90 2.05
N ALA F 235 42.19 31.34 3.24
CA ALA F 235 43.17 30.58 3.99
C ALA F 235 43.68 29.39 3.18
N ASP F 236 42.76 28.64 2.56
CA ASP F 236 43.10 27.43 1.81
C ASP F 236 44.18 27.74 0.76
N ARG F 237 43.99 28.84 0.04
CA ARG F 237 44.90 29.21 -1.06
C ARG F 237 46.31 29.49 -0.52
N ALA F 238 46.37 30.15 0.64
CA ALA F 238 47.66 30.44 1.25
C ALA F 238 48.31 29.16 1.77
N MET F 239 47.48 28.25 2.30
CA MET F 239 47.97 26.99 2.82
C MET F 239 48.62 26.20 1.68
N SER F 240 47.95 26.18 0.52
CA SER F 240 48.41 25.39 -0.59
C SER F 240 49.78 25.87 -1.06
N LYS F 241 49.95 27.19 -1.15
CA LYS F 241 51.22 27.76 -1.57
C LYS F 241 52.31 27.41 -0.55
N ALA F 242 51.99 27.54 0.73
CA ALA F 242 52.93 27.30 1.82
C ALA F 242 53.41 25.86 1.82
N ALA F 243 52.46 24.93 1.59
CA ALA F 243 52.74 23.50 1.54
C ALA F 243 53.68 23.22 0.38
N LEU F 244 53.33 23.75 -0.80
CA LEU F 244 54.10 23.53 -2.01
C LEU F 244 55.54 24.00 -1.79
N ALA F 245 55.68 25.17 -1.13
CA ALA F 245 56.98 25.76 -0.85
C ALA F 245 57.83 24.82 0.00
N VAL F 246 57.22 24.26 1.07
CA VAL F 246 57.93 23.35 1.95
C VAL F 246 58.38 22.13 1.16
N TYR F 247 57.46 21.56 0.36
CA TYR F 247 57.76 20.40 -0.46
C TYR F 247 58.93 20.68 -1.38
N GLU F 248 58.91 21.86 -2.02
CA GLU F 248 59.95 22.23 -2.95
C GLU F 248 61.28 22.40 -2.23
N ASP F 249 61.25 23.06 -1.06
CA ASP F 249 62.44 23.27 -0.24
C ASP F 249 63.09 21.93 0.07
N ILE F 250 62.31 21.00 0.64
CA ILE F 250 62.80 19.69 1.04
C ILE F 250 63.38 18.97 -0.17
N LYS F 251 62.70 19.10 -1.32
CA LYS F 251 63.10 18.38 -2.52
C LYS F 251 64.44 18.92 -3.03
N LYS F 252 64.55 20.26 -3.09
CA LYS F 252 65.67 20.90 -3.74
C LYS F 252 66.91 20.86 -2.84
N HIS F 253 66.71 20.91 -1.52
CA HIS F 253 67.81 21.17 -0.61
C HIS F 253 68.13 19.98 0.29
N GLY F 254 67.25 18.98 0.37
CA GLY F 254 67.51 17.78 1.15
C GLY F 254 67.26 17.97 2.64
N VAL F 255 66.71 19.14 3.01
CA VAL F 255 66.41 19.49 4.38
C VAL F 255 65.50 20.72 4.36
N GLN F 256 64.78 20.96 5.46
CA GLN F 256 63.72 21.96 5.48
C GLN F 256 64.16 23.24 6.19
N THR F 257 65.48 23.40 6.39
CA THR F 257 66.03 24.53 7.13
C THR F 257 65.44 25.85 6.66
N ALA F 258 65.33 26.02 5.34
CA ALA F 258 64.90 27.27 4.74
C ALA F 258 63.42 27.56 5.03
N SER F 259 62.66 26.51 5.34
CA SER F 259 61.22 26.63 5.55
C SER F 259 60.88 26.96 7.00
N LEU F 260 61.86 26.75 7.90
CA LEU F 260 61.66 26.83 9.34
C LEU F 260 61.07 28.17 9.77
N PRO F 261 61.50 29.33 9.22
CA PRO F 261 60.94 30.62 9.62
C PRO F 261 59.47 30.77 9.24
N PHE F 262 58.99 29.92 8.33
CA PHE F 262 57.64 30.04 7.79
C PHE F 262 56.70 29.05 8.47
N MET F 263 57.20 28.33 9.48
CA MET F 263 56.42 27.31 10.17
C MET F 263 55.87 27.86 11.48
N GLN F 264 54.66 27.42 11.85
CA GLN F 264 54.11 27.73 13.15
C GLN F 264 54.89 26.93 14.19
N THR F 265 55.24 27.59 15.30
CA THR F 265 56.01 26.98 16.36
C THR F 265 55.18 25.90 17.04
N ARG F 266 55.87 24.90 17.61
CA ARG F 266 55.22 23.83 18.36
C ARG F 266 54.44 24.45 19.53
N GLU F 267 54.98 25.54 20.08
CA GLU F 267 54.37 26.23 21.21
C GLU F 267 53.00 26.79 20.82
N ALA F 268 52.91 27.42 19.65
CA ALA F 268 51.67 28.04 19.18
C ALA F 268 50.62 26.95 18.92
N LEU F 269 51.06 25.81 18.40
CA LEU F 269 50.21 24.67 18.12
C LEU F 269 49.52 24.23 19.42
N TYR F 270 50.31 24.07 20.49
CA TYR F 270 49.79 23.65 21.79
C TYR F 270 48.78 24.67 22.30
N GLU F 271 49.05 25.95 22.06
CA GLU F 271 48.17 27.01 22.50
C GLU F 271 46.80 26.85 21.84
N VAL F 272 46.81 26.61 20.52
CA VAL F 272 45.58 26.57 19.74
C VAL F 272 44.76 25.34 20.16
N LEU F 273 45.45 24.23 20.44
CA LEU F 273 44.82 22.98 20.82
C LEU F 273 44.35 23.03 22.26
N ASN F 274 44.70 24.11 22.99
CA ASN F 274 44.41 24.26 24.41
C ASN F 274 44.98 23.05 25.16
N TYR F 275 46.27 22.77 24.90
CA TYR F 275 46.92 21.52 25.29
C TYR F 275 47.10 21.44 26.80
N HIS F 276 47.27 22.58 27.44
CA HIS F 276 47.50 22.64 28.89
C HIS F 276 46.30 22.06 29.65
N ALA F 277 45.11 22.14 29.04
CA ALA F 277 43.87 21.66 29.64
C ALA F 277 43.84 20.12 29.67
N TYR F 278 44.65 19.50 28.80
CA TYR F 278 44.75 18.05 28.71
C TYR F 278 45.76 17.52 29.72
N GLU F 279 46.82 18.29 29.99
CA GLU F 279 47.82 17.92 30.99
C GLU F 279 47.24 18.04 32.39
N ASP F 280 46.21 18.88 32.54
CA ASP F 280 45.47 19.08 33.77
C ASP F 280 44.74 17.81 34.18
N LYS F 281 44.09 17.16 33.20
CA LYS F 281 43.34 15.93 33.43
C LYS F 281 44.29 14.74 33.51
N LEU F 282 45.49 14.86 32.93
CA LEU F 282 46.51 13.80 32.89
C LEU F 282 47.15 13.62 34.26
N ASN F 283 47.03 14.62 35.15
CA ASN F 283 47.60 14.48 36.48
C ASN F 283 46.51 14.43 37.55
N GLN F 284 45.29 14.84 37.19
CA GLN F 284 44.13 14.78 38.07
C GLN F 284 43.68 13.33 38.31
N LEU F 285 44.02 12.43 37.38
CA LEU F 285 43.73 11.00 37.55
C LEU F 285 44.98 10.29 38.04
N PHE F 286 46.16 10.82 37.70
CA PHE F 286 47.48 10.27 37.97
C PHE F 286 47.98 10.82 39.31
N LYS F 287 47.13 11.57 40.05
CA LYS F 287 47.50 12.18 41.33
C LYS F 287 47.06 11.28 42.49
N ARG F 288 46.15 10.35 42.19
CA ARG F 288 45.55 9.46 43.17
C ARG F 288 46.34 8.15 43.21
N SER G 2 49.97 -2.38 -11.99
CA SER G 2 50.74 -3.66 -12.15
C SER G 2 51.23 -4.14 -10.78
N MET G 3 51.85 -3.24 -10.04
CA MET G 3 52.50 -3.53 -8.77
C MET G 3 51.57 -3.11 -7.61
N SER G 4 51.66 -3.83 -6.49
CA SER G 4 50.87 -3.56 -5.30
C SER G 4 51.48 -2.36 -4.55
N PRO G 5 50.67 -1.62 -3.73
CA PRO G 5 51.19 -0.48 -2.99
C PRO G 5 52.42 -0.81 -2.15
N GLY G 6 52.38 -1.95 -1.46
CA GLY G 6 53.52 -2.44 -0.70
C GLY G 6 54.78 -2.57 -1.56
N LYS G 7 54.61 -3.16 -2.75
CA LYS G 7 55.72 -3.41 -3.64
C LYS G 7 56.31 -2.08 -4.12
N LEU G 8 55.43 -1.11 -4.40
CA LEU G 8 55.84 0.21 -4.87
C LEU G 8 56.68 0.91 -3.81
N PHE G 9 56.25 0.81 -2.55
CA PHE G 9 56.99 1.37 -1.43
C PHE G 9 58.35 0.71 -1.33
N ARG G 10 58.37 -0.62 -1.37
CA ARG G 10 59.62 -1.38 -1.26
C ARG G 10 60.58 -0.93 -2.35
N GLN G 11 60.05 -0.70 -3.56
CA GLN G 11 60.87 -0.35 -4.69
C GLN G 11 61.43 1.06 -4.51
N ALA G 12 60.63 1.95 -3.92
CA ALA G 12 61.02 3.33 -3.70
C ALA G 12 62.15 3.38 -2.66
N VAL G 13 62.07 2.50 -1.65
CA VAL G 13 63.06 2.43 -0.60
C VAL G 13 64.37 1.87 -1.16
N ALA G 14 64.27 0.99 -2.15
CA ALA G 14 65.44 0.34 -2.71
C ALA G 14 66.19 1.29 -3.64
N ASN G 15 65.46 2.12 -4.39
CA ASN G 15 66.01 2.86 -5.51
C ASN G 15 66.51 4.23 -5.09
N GLU G 16 65.95 4.79 -4.01
CA GLU G 16 66.29 6.14 -3.58
C GLU G 16 67.36 6.10 -2.49
N HIS G 17 68.22 7.12 -2.48
CA HIS G 17 69.32 7.16 -1.52
C HIS G 17 69.41 8.56 -0.90
N PRO G 18 68.59 8.88 0.12
CA PRO G 18 67.55 7.99 0.63
C PRO G 18 66.19 8.32 0.04
N LEU G 19 65.16 7.55 0.42
CA LEU G 19 63.79 7.91 0.08
C LEU G 19 63.31 8.97 1.06
N GLN G 20 63.03 10.17 0.53
CA GLN G 20 62.37 11.18 1.36
C GLN G 20 60.87 10.89 1.35
N ILE G 21 60.29 10.77 2.55
CA ILE G 21 58.85 10.59 2.70
C ILE G 21 58.28 11.83 3.37
N VAL G 22 57.42 12.55 2.64
CA VAL G 22 56.89 13.80 3.15
C VAL G 22 55.46 13.60 3.64
N GLY G 23 55.15 14.25 4.76
CA GLY G 23 53.81 14.22 5.31
C GLY G 23 52.87 15.07 4.46
N ALA G 24 51.66 14.56 4.26
CA ALA G 24 50.56 15.28 3.64
C ALA G 24 49.31 15.01 4.48
N ILE G 25 48.58 16.06 4.86
CA ILE G 25 47.46 15.88 5.77
C ILE G 25 46.19 15.50 5.00
N ASN G 26 46.17 15.78 3.69
CA ASN G 26 44.98 15.51 2.90
C ASN G 26 45.38 15.17 1.46
N ALA G 27 44.37 14.80 0.66
CA ALA G 27 44.60 14.33 -0.70
C ALA G 27 45.29 15.41 -1.53
N TYR G 28 44.89 16.68 -1.34
CA TYR G 28 45.41 17.75 -2.16
C TYR G 28 46.92 17.94 -1.90
N CYS G 29 47.30 17.89 -0.62
CA CYS G 29 48.71 18.00 -0.25
C CYS G 29 49.50 16.88 -0.90
N ALA G 30 48.90 15.69 -0.94
CA ALA G 30 49.54 14.52 -1.52
C ALA G 30 49.82 14.81 -3.00
N LEU G 31 48.87 15.46 -3.67
CA LEU G 31 49.03 15.80 -5.07
C LEU G 31 50.16 16.81 -5.23
N LEU G 32 50.22 17.82 -4.35
CA LEU G 32 51.29 18.80 -4.41
C LEU G 32 52.63 18.09 -4.28
N ALA G 33 52.74 17.17 -3.31
CA ALA G 33 53.97 16.43 -3.07
C ALA G 33 54.34 15.62 -4.32
N GLU G 34 53.33 14.94 -4.91
CA GLU G 34 53.52 14.14 -6.09
C GLU G 34 54.06 15.02 -7.21
N ASN G 35 53.51 16.24 -7.30
CA ASN G 35 53.83 17.20 -8.33
C ASN G 35 55.31 17.59 -8.25
N VAL G 36 55.79 17.78 -7.02
CA VAL G 36 57.15 18.21 -6.78
C VAL G 36 58.11 17.06 -7.07
N GLY G 37 57.59 15.82 -7.07
CA GLY G 37 58.34 14.67 -7.53
C GLY G 37 58.78 13.71 -6.42
N PHE G 38 58.13 13.77 -5.24
CA PHE G 38 58.41 12.80 -4.18
C PHE G 38 57.90 11.42 -4.59
N LYS G 39 58.54 10.38 -4.05
CA LYS G 39 58.27 9.01 -4.48
C LYS G 39 57.39 8.30 -3.44
N ALA G 40 57.22 8.91 -2.27
CA ALA G 40 56.41 8.34 -1.19
C ALA G 40 55.85 9.46 -0.32
N ILE G 41 54.69 9.19 0.29
CA ILE G 41 54.03 10.19 1.13
C ILE G 41 53.64 9.54 2.45
N TYR G 42 53.28 10.40 3.41
CA TYR G 42 53.13 9.98 4.80
C TYR G 42 51.88 10.60 5.40
N LEU G 43 51.13 9.78 6.14
CA LEU G 43 50.00 10.27 6.92
C LEU G 43 50.38 10.25 8.41
N SER G 44 50.56 11.45 8.96
CA SER G 44 50.99 11.65 10.34
C SER G 44 49.81 11.44 11.29
N GLY G 45 50.05 10.57 12.29
CA GLY G 45 49.08 10.34 13.35
C GLY G 45 48.77 11.61 14.13
N GLY G 46 49.83 12.37 14.46
CA GLY G 46 49.68 13.67 15.09
C GLY G 46 48.88 14.62 14.19
N GLY G 47 49.15 14.53 12.88
CA GLY G 47 48.42 15.32 11.89
C GLY G 47 46.93 14.99 11.91
N VAL G 48 46.61 13.69 11.92
CA VAL G 48 45.21 13.25 11.89
C VAL G 48 44.49 13.84 13.10
N ALA G 49 45.13 13.76 14.27
CA ALA G 49 44.57 14.21 15.52
C ALA G 49 44.43 15.73 15.53
N ASN G 50 45.55 16.43 15.31
CA ASN G 50 45.60 17.89 15.41
C ASN G 50 44.61 18.52 14.44
N THR G 51 44.44 17.92 13.27
CA THR G 51 43.56 18.47 12.25
C THR G 51 42.10 18.44 12.74
N LEU G 52 41.80 17.42 13.57
CA LEU G 52 40.49 17.28 14.19
C LEU G 52 40.39 18.21 15.40
N GLY G 53 41.53 18.80 15.79
CA GLY G 53 41.62 19.64 16.97
C GLY G 53 41.86 18.84 18.24
N LEU G 54 42.43 17.62 18.09
CA LEU G 54 42.76 16.78 19.24
C LEU G 54 44.27 16.74 19.39
N PRO G 55 44.78 16.55 20.63
CA PRO G 55 46.22 16.35 20.84
C PRO G 55 46.64 14.93 20.45
N ASP G 56 47.94 14.78 20.17
CA ASP G 56 48.49 13.52 19.69
C ASP G 56 48.69 12.55 20.86
N LEU G 57 47.58 12.10 21.48
CA LEU G 57 47.66 11.31 22.71
C LEU G 57 47.01 9.94 22.56
N GLY G 58 46.98 9.41 21.33
CA GLY G 58 46.29 8.15 21.06
C GLY G 58 44.80 8.20 21.38
N ILE G 59 44.15 9.35 21.13
CA ILE G 59 42.72 9.47 21.33
C ILE G 59 42.01 8.97 20.07
N THR G 60 42.64 9.21 18.91
CA THR G 60 42.12 8.78 17.62
C THR G 60 42.11 7.25 17.56
N ASP G 61 41.21 6.69 16.73
CA ASP G 61 41.07 5.26 16.56
C ASP G 61 41.28 4.89 15.10
N LEU G 62 41.10 3.60 14.78
CA LEU G 62 41.35 3.09 13.44
C LEU G 62 40.62 3.93 12.40
N HIS G 63 39.38 4.37 12.72
CA HIS G 63 38.52 5.02 11.74
C HIS G 63 38.98 6.44 11.43
N ASP G 64 39.46 7.16 12.45
CA ASP G 64 39.96 8.50 12.25
C ASP G 64 41.07 8.48 11.21
N VAL G 65 41.98 7.53 11.36
CA VAL G 65 43.16 7.45 10.52
C VAL G 65 42.75 6.85 9.18
N LEU G 66 41.95 5.78 9.22
CA LEU G 66 41.56 5.07 8.01
C LEU G 66 40.89 6.02 7.03
N GLU G 67 40.00 6.89 7.54
CA GLU G 67 39.28 7.82 6.69
C GLU G 67 40.26 8.73 5.96
N ASP G 68 41.21 9.29 6.71
CA ASP G 68 42.18 10.21 6.15
C ASP G 68 43.06 9.49 5.13
N ALA G 69 43.35 8.22 5.40
CA ALA G 69 44.20 7.43 4.52
C ALA G 69 43.48 7.14 3.21
N ARG G 70 42.20 6.77 3.31
CA ARG G 70 41.39 6.43 2.15
C ARG G 70 41.32 7.60 1.19
N ARG G 71 41.06 8.80 1.75
CA ARG G 71 40.97 10.01 0.95
C ARG G 71 42.22 10.20 0.10
N ILE G 72 43.40 9.99 0.72
CA ILE G 72 44.68 10.20 0.06
C ILE G 72 44.89 9.15 -1.04
N THR G 73 44.72 7.87 -0.69
CA THR G 73 45.03 6.81 -1.64
C THR G 73 44.02 6.83 -2.80
N ALA G 74 42.88 7.49 -2.59
CA ALA G 74 41.89 7.60 -3.65
C ALA G 74 42.40 8.52 -4.74
N ALA G 75 43.33 9.41 -4.39
CA ALA G 75 43.70 10.53 -5.25
C ALA G 75 45.08 10.32 -5.88
N THR G 76 45.88 9.39 -5.34
CA THR G 76 47.21 9.16 -5.89
C THR G 76 47.64 7.72 -5.63
N HIS G 77 48.48 7.20 -6.52
CA HIS G 77 49.04 5.86 -6.39
C HIS G 77 50.40 5.92 -5.71
N LEU G 78 50.88 7.13 -5.41
CA LEU G 78 52.12 7.28 -4.64
C LEU G 78 52.00 6.45 -3.36
N PRO G 79 52.96 5.55 -3.06
CA PRO G 79 52.87 4.71 -1.87
C PRO G 79 52.81 5.58 -0.61
N LEU G 80 51.80 5.29 0.22
CA LEU G 80 51.54 6.04 1.44
C LEU G 80 51.93 5.21 2.66
N LEU G 81 52.75 5.82 3.54
CA LEU G 81 53.04 5.28 4.86
C LEU G 81 52.07 5.92 5.86
N VAL G 82 51.42 5.06 6.66
CA VAL G 82 50.39 5.52 7.58
C VAL G 82 50.80 5.18 9.00
N ASP G 83 50.68 6.18 9.87
CA ASP G 83 50.99 6.08 11.29
C ASP G 83 49.79 5.46 11.99
N ILE G 84 49.98 4.26 12.59
CA ILE G 84 48.91 3.59 13.30
C ILE G 84 49.18 3.56 14.80
N ASP G 85 50.01 4.50 15.29
CA ASP G 85 50.24 4.67 16.72
C ASP G 85 50.66 3.33 17.33
N THR G 86 49.88 2.83 18.30
CA THR G 86 50.22 1.60 18.98
C THR G 86 49.35 0.43 18.49
N GLY G 87 48.48 0.69 17.52
CA GLY G 87 47.67 -0.37 16.95
C GLY G 87 46.22 -0.35 17.41
N PHE G 88 45.88 0.68 18.20
CA PHE G 88 44.50 1.08 18.49
C PHE G 88 43.83 0.17 19.52
N GLY G 89 44.51 -0.90 19.92
CA GLY G 89 44.02 -1.80 20.95
C GLY G 89 44.88 -3.05 21.06
N GLY G 90 44.25 -4.19 21.36
CA GLY G 90 44.95 -5.46 21.48
C GLY G 90 45.18 -6.11 20.12
N ALA G 91 45.46 -7.41 20.14
CA ALA G 91 45.92 -8.16 18.99
C ALA G 91 44.89 -8.15 17.87
N PHE G 92 43.61 -8.16 18.23
CA PHE G 92 42.55 -8.29 17.23
C PHE G 92 42.35 -6.96 16.52
N THR G 93 42.49 -5.86 17.27
CA THR G 93 42.40 -4.51 16.72
C THR G 93 43.52 -4.28 15.72
N ILE G 94 44.74 -4.70 16.09
CA ILE G 94 45.91 -4.57 15.23
C ILE G 94 45.65 -5.32 13.93
N ALA G 95 45.16 -6.56 14.03
CA ALA G 95 44.90 -7.38 12.87
C ALA G 95 43.92 -6.65 11.95
N ARG G 96 42.89 -6.07 12.56
CA ARG G 96 41.86 -5.33 11.83
C ARG G 96 42.50 -4.15 11.11
N ALA G 97 43.36 -3.43 11.84
CA ALA G 97 44.03 -2.24 11.33
C ALA G 97 44.84 -2.60 10.09
N ILE G 98 45.59 -3.71 10.17
CA ILE G 98 46.44 -4.13 9.06
C ILE G 98 45.56 -4.42 7.86
N LYS G 99 44.51 -5.22 8.08
CA LYS G 99 43.64 -5.66 7.00
C LYS G 99 42.98 -4.44 6.35
N GLU G 100 42.53 -3.49 7.18
CA GLU G 100 41.79 -2.33 6.69
C GLU G 100 42.68 -1.40 5.90
N MET G 101 43.92 -1.25 6.36
CA MET G 101 44.90 -0.41 5.68
C MET G 101 45.26 -1.02 4.32
N GLU G 102 45.37 -2.35 4.29
CA GLU G 102 45.64 -3.04 3.04
C GLU G 102 44.49 -2.78 2.07
N ARG G 103 43.27 -2.96 2.57
CA ARG G 103 42.07 -2.76 1.76
C ARG G 103 42.01 -1.32 1.28
N ALA G 104 42.54 -0.38 2.08
CA ALA G 104 42.48 1.03 1.74
C ALA G 104 43.62 1.44 0.81
N GLN G 105 44.35 0.44 0.28
CA GLN G 105 45.38 0.63 -0.72
C GLN G 105 46.59 1.37 -0.14
N VAL G 106 46.79 1.25 1.18
CA VAL G 106 47.95 1.81 1.86
C VAL G 106 49.15 0.89 1.58
N ALA G 107 50.36 1.49 1.58
CA ALA G 107 51.56 0.75 1.25
C ALA G 107 52.25 0.23 2.51
N ALA G 108 52.23 1.02 3.58
CA ALA G 108 53.01 0.72 4.76
C ALA G 108 52.43 1.41 6.00
N VAL G 109 52.63 0.78 7.16
CA VAL G 109 52.26 1.38 8.43
C VAL G 109 53.47 1.39 9.36
N HIS G 110 53.47 2.32 10.32
CA HIS G 110 54.41 2.23 11.44
C HIS G 110 53.65 2.15 12.75
N MET G 111 54.08 1.20 13.59
CA MET G 111 53.52 0.94 14.90
C MET G 111 54.67 1.02 15.91
N GLU G 112 54.42 1.63 17.07
CA GLU G 112 55.48 1.95 18.02
C GLU G 112 55.31 1.19 19.35
N ASP G 113 56.33 1.27 20.20
CA ASP G 113 56.42 0.46 21.41
C ASP G 113 56.13 1.29 22.66
N GLN G 114 55.36 2.39 22.52
CA GLN G 114 54.88 3.14 23.68
C GLN G 114 53.69 2.41 24.27
N VAL G 115 53.36 2.73 25.53
CA VAL G 115 52.14 2.26 26.15
C VAL G 115 50.98 3.04 25.56
N ALA G 116 49.78 2.44 25.57
CA ALA G 116 48.57 3.11 25.11
C ALA G 116 47.98 3.90 26.28
N GLN G 117 47.90 5.23 26.10
CA GLN G 117 47.25 6.17 27.03
C GLN G 117 47.94 6.19 28.41
N GLY G 125 56.98 12.49 30.01
CA GLY G 125 57.92 11.64 29.27
C GLY G 125 57.24 10.42 28.66
N LYS G 126 58.05 9.53 28.10
CA LYS G 126 57.60 8.34 27.39
C LYS G 126 57.71 7.12 28.31
N GLU G 127 56.62 6.34 28.39
CA GLU G 127 56.70 4.99 28.94
C GLU G 127 56.59 3.99 27.79
N LEU G 128 57.46 2.97 27.81
CA LEU G 128 57.48 1.97 26.76
C LEU G 128 56.90 0.67 27.31
N VAL G 129 56.40 -0.15 26.38
CA VAL G 129 56.01 -1.51 26.73
C VAL G 129 57.27 -2.37 26.77
N ASN G 130 57.19 -3.46 27.53
CA ASN G 130 58.22 -4.49 27.54
C ASN G 130 58.41 -4.97 26.12
N THR G 131 59.65 -5.34 25.79
CA THR G 131 60.00 -5.89 24.47
C THR G 131 59.00 -6.95 24.04
N ASN G 132 58.63 -7.86 24.96
CA ASN G 132 57.76 -8.98 24.65
C ASN G 132 56.40 -8.50 24.15
N GLU G 133 55.88 -7.44 24.79
CA GLU G 133 54.57 -6.91 24.42
C GLU G 133 54.60 -6.35 23.01
N MET G 134 55.70 -5.67 22.65
CA MET G 134 55.85 -5.13 21.31
C MET G 134 55.95 -6.25 20.28
N VAL G 135 56.59 -7.36 20.68
CA VAL G 135 56.68 -8.53 19.81
C VAL G 135 55.27 -9.06 19.57
N ASP G 136 54.45 -9.06 20.62
CA ASP G 136 53.07 -9.52 20.52
C ASP G 136 52.33 -8.66 19.51
N ARG G 137 52.49 -7.34 19.65
CA ARG G 137 51.89 -6.40 18.72
C ARG G 137 52.32 -6.74 17.29
N ILE G 138 53.61 -6.97 17.12
CA ILE G 138 54.17 -7.21 15.79
C ILE G 138 53.62 -8.51 15.22
N LYS G 139 53.56 -9.56 16.06
CA LYS G 139 53.10 -10.86 15.59
C LYS G 139 51.65 -10.76 15.10
N ALA G 140 50.81 -10.09 15.90
CA ALA G 140 49.41 -9.85 15.54
C ALA G 140 49.33 -9.26 14.14
N ALA G 141 50.20 -8.28 13.86
CA ALA G 141 50.21 -7.59 12.58
C ALA G 141 50.72 -8.52 11.47
N VAL G 142 51.80 -9.25 11.75
CA VAL G 142 52.48 -10.01 10.72
C VAL G 142 51.61 -11.18 10.28
N ASP G 143 50.79 -11.71 11.21
CA ASP G 143 50.05 -12.94 10.99
C ASP G 143 48.95 -12.76 9.96
N VAL G 144 48.55 -11.50 9.70
CA VAL G 144 47.44 -11.26 8.79
C VAL G 144 47.92 -10.42 7.61
N LYS G 145 49.18 -10.00 7.62
CA LYS G 145 49.61 -9.07 6.57
C LYS G 145 50.02 -9.87 5.34
N SER G 146 49.77 -9.30 4.16
CA SER G 146 50.30 -9.87 2.93
C SER G 146 51.82 -9.69 2.90
N ASN G 147 52.47 -10.32 1.93
CA ASN G 147 53.92 -10.29 1.83
C ASN G 147 54.38 -8.90 1.43
N ASP G 148 53.71 -8.32 0.43
CA ASP G 148 54.11 -7.05 -0.16
C ASP G 148 54.01 -5.90 0.83
N PHE G 149 52.97 -5.93 1.66
CA PHE G 149 52.66 -4.84 2.59
C PHE G 149 53.79 -4.68 3.60
N VAL G 150 54.07 -3.43 3.96
CA VAL G 150 55.25 -3.12 4.74
C VAL G 150 54.85 -2.72 6.16
N LEU G 151 55.35 -3.47 7.13
CA LEU G 151 55.26 -3.13 8.54
C LEU G 151 56.59 -2.52 9.00
N ILE G 152 56.54 -1.24 9.40
CA ILE G 152 57.66 -0.59 10.02
C ILE G 152 57.45 -0.58 11.53
N ALA G 153 58.35 -1.26 12.27
CA ALA G 153 58.32 -1.17 13.71
C ALA G 153 59.09 0.06 14.16
N ARG G 154 58.44 0.86 15.01
CA ARG G 154 59.04 2.09 15.52
C ARG G 154 59.38 1.88 16.99
N THR G 155 60.62 2.26 17.35
CA THR G 155 61.02 2.22 18.75
C THR G 155 61.25 3.63 19.29
N ASP G 156 60.72 3.88 20.48
CA ASP G 156 60.83 5.17 21.14
C ASP G 156 61.84 5.07 22.29
N ALA G 157 62.70 4.06 22.21
CA ALA G 157 63.50 3.62 23.35
C ALA G 157 64.79 4.44 23.52
N TYR G 158 65.25 5.13 22.47
CA TYR G 158 66.54 5.79 22.54
C TYR G 158 66.62 6.74 23.73
N ALA G 159 65.68 7.70 23.79
CA ALA G 159 65.75 8.75 24.81
C ALA G 159 65.68 8.13 26.21
N VAL G 160 64.90 7.05 26.36
CA VAL G 160 64.61 6.49 27.66
C VAL G 160 65.72 5.52 28.08
N GLU G 161 66.18 4.67 27.16
CA GLU G 161 66.92 3.47 27.52
C GLU G 161 68.32 3.45 26.91
N GLY G 162 68.61 4.37 25.97
CA GLY G 162 69.94 4.48 25.38
C GLY G 162 70.15 3.51 24.21
N LEU G 163 71.24 3.73 23.47
CA LEU G 163 71.41 3.18 22.14
C LEU G 163 71.40 1.64 22.13
N LYS G 164 72.07 1.03 23.12
CA LYS G 164 72.24 -0.41 23.10
C LYS G 164 70.89 -1.11 23.26
N ALA G 165 70.08 -0.64 24.23
CA ALA G 165 68.79 -1.22 24.54
C ALA G 165 67.85 -1.08 23.33
N THR G 166 68.00 0.04 22.62
CA THR G 166 67.19 0.38 21.45
C THR G 166 67.50 -0.57 20.31
N ILE G 167 68.80 -0.82 20.10
CA ILE G 167 69.25 -1.72 19.05
C ILE G 167 68.73 -3.13 19.34
N ASP G 168 68.79 -3.52 20.62
CA ASP G 168 68.33 -4.83 21.06
C ASP G 168 66.87 -5.01 20.68
N ARG G 169 66.03 -4.03 21.06
CA ARG G 169 64.60 -4.04 20.75
C ARG G 169 64.41 -4.16 19.25
N ALA G 170 65.00 -3.22 18.49
CA ALA G 170 64.80 -3.15 17.05
C ALA G 170 65.09 -4.52 16.43
N CYS G 171 66.16 -5.16 16.90
CA CYS G 171 66.61 -6.43 16.34
C CYS G 171 65.56 -7.51 16.61
N THR G 172 65.05 -7.53 17.85
CA THR G 172 64.00 -8.45 18.25
C THR G 172 62.75 -8.20 17.41
N TYR G 173 62.45 -6.93 17.15
CA TYR G 173 61.29 -6.57 16.34
C TYR G 173 61.42 -7.14 14.94
N VAL G 174 62.64 -7.07 14.38
CA VAL G 174 62.89 -7.57 13.04
C VAL G 174 62.68 -9.09 13.04
N GLU G 175 63.16 -9.74 14.10
CA GLU G 175 63.04 -11.19 14.22
C GLU G 175 61.57 -11.58 14.35
N ALA G 176 60.75 -10.67 14.92
CA ALA G 176 59.34 -10.93 15.15
C ALA G 176 58.52 -10.74 13.86
N GLY G 177 59.15 -10.17 12.82
CA GLY G 177 58.54 -10.10 11.50
C GLY G 177 58.48 -8.70 10.90
N ALA G 178 58.99 -7.69 11.63
CA ALA G 178 59.00 -6.32 11.17
C ALA G 178 59.84 -6.19 9.90
N ASP G 179 59.34 -5.43 8.92
CA ASP G 179 60.00 -5.31 7.63
C ASP G 179 61.08 -4.23 7.68
N MET G 180 60.83 -3.16 8.43
CA MET G 180 61.70 -2.00 8.46
C MET G 180 61.63 -1.36 9.85
N ILE G 181 62.58 -0.48 10.16
CA ILE G 181 62.69 0.08 11.50
C ILE G 181 62.69 1.61 11.46
N PHE G 182 61.90 2.18 12.37
CA PHE G 182 61.76 3.60 12.58
C PHE G 182 62.49 3.93 13.87
N ALA G 183 63.62 4.63 13.75
CA ALA G 183 64.48 4.96 14.87
C ALA G 183 64.18 6.38 15.34
N GLU G 184 63.32 6.49 16.35
CA GLU G 184 62.84 7.79 16.80
C GLU G 184 63.90 8.51 17.62
N ALA G 185 64.32 9.69 17.15
CA ALA G 185 65.05 10.69 17.92
C ALA G 185 66.44 10.22 18.38
N LEU G 186 67.20 9.61 17.46
CA LEU G 186 68.65 9.50 17.68
C LEU G 186 69.26 10.89 17.69
N GLU G 187 70.12 11.15 18.68
CA GLU G 187 70.63 12.49 18.91
C GLU G 187 71.94 12.72 18.15
N ASN G 188 72.64 11.62 17.82
CA ASN G 188 73.96 11.78 17.23
C ASN G 188 74.00 11.01 15.90
N ILE G 189 74.33 11.76 14.82
CA ILE G 189 74.38 11.20 13.48
C ILE G 189 75.25 9.94 13.47
N ASN G 190 76.29 9.88 14.31
CA ASN G 190 77.26 8.80 14.18
C ASN G 190 76.77 7.53 14.88
N ASP G 191 75.56 7.59 15.46
CA ASP G 191 74.91 6.41 15.99
C ASP G 191 74.26 5.60 14.89
N TYR G 192 73.87 6.23 13.78
CA TYR G 192 73.09 5.58 12.74
C TYR G 192 73.85 4.41 12.11
N PRO G 193 75.14 4.56 11.72
CA PRO G 193 75.84 3.47 11.01
C PRO G 193 75.87 2.20 11.85
N THR G 194 76.11 2.34 13.16
CA THR G 194 76.07 1.21 14.09
C THR G 194 74.67 0.59 14.06
N PHE G 195 73.65 1.45 14.17
CA PHE G 195 72.25 1.04 14.32
C PHE G 195 71.77 0.33 13.06
N CYS G 196 72.10 0.92 11.90
CA CYS G 196 71.65 0.39 10.62
C CYS G 196 72.29 -0.97 10.36
N LYS G 197 73.59 -1.08 10.64
CA LYS G 197 74.35 -2.30 10.42
C LYS G 197 73.78 -3.42 11.29
N ALA G 198 73.35 -3.06 12.51
CA ALA G 198 72.85 -4.01 13.48
C ALA G 198 71.52 -4.61 13.06
N VAL G 199 70.58 -3.76 12.63
CA VAL G 199 69.22 -4.21 12.38
C VAL G 199 69.01 -4.76 10.96
N LYS G 200 69.99 -4.55 10.08
CA LYS G 200 70.03 -5.13 8.75
C LYS G 200 68.96 -4.57 7.81
N VAL G 201 67.74 -4.35 8.29
CA VAL G 201 66.64 -3.94 7.41
C VAL G 201 66.71 -2.43 7.19
N PRO G 202 66.00 -1.88 6.18
CA PRO G 202 65.95 -0.42 5.98
C PRO G 202 65.50 0.33 7.23
N VAL G 203 66.15 1.47 7.47
CA VAL G 203 65.90 2.29 8.66
C VAL G 203 65.35 3.65 8.23
N LEU G 204 64.35 4.11 8.97
CA LEU G 204 63.77 5.42 8.73
C LEU G 204 64.22 6.35 9.85
N ALA G 205 64.61 7.57 9.47
CA ALA G 205 64.99 8.61 10.41
C ALA G 205 63.95 9.72 10.36
N ASN G 206 63.57 10.22 11.54
CA ASN G 206 62.52 11.20 11.64
C ASN G 206 63.11 12.60 11.75
N MET G 207 63.09 13.34 10.64
CA MET G 207 63.65 14.68 10.59
C MET G 207 62.59 15.74 10.87
N THR G 208 61.87 15.60 11.97
CA THR G 208 60.90 16.59 12.37
C THR G 208 61.61 17.83 12.92
N GLU G 209 60.98 19.01 12.74
CA GLU G 209 61.49 20.27 13.26
C GLU G 209 61.04 20.47 14.70
N PHE G 210 61.77 21.36 15.41
CA PHE G 210 61.40 21.83 16.73
C PHE G 210 61.38 20.68 17.73
N GLY G 211 62.17 19.64 17.46
CA GLY G 211 62.26 18.49 18.33
C GLY G 211 63.52 18.54 19.18
N LYS G 212 63.93 17.38 19.70
CA LYS G 212 65.16 17.25 20.44
C LYS G 212 66.30 16.97 19.46
N THR G 213 65.98 16.22 18.39
CA THR G 213 66.87 15.92 17.28
C THR G 213 67.29 17.21 16.55
N PRO G 214 68.56 17.34 16.10
CA PRO G 214 68.93 18.42 15.18
C PRO G 214 68.66 18.02 13.73
N LEU G 215 68.70 18.98 12.81
CA LEU G 215 68.37 18.72 11.42
C LEU G 215 69.62 18.33 10.64
N TYR G 216 69.58 17.14 10.06
CA TYR G 216 70.58 16.68 9.11
C TYR G 216 69.97 16.63 7.72
N THR G 217 70.82 16.60 6.70
CA THR G 217 70.33 16.52 5.33
C THR G 217 70.06 15.06 4.97
N ALA G 218 69.21 14.89 3.95
CA ALA G 218 68.93 13.57 3.39
C ALA G 218 70.25 12.86 3.06
N ALA G 219 71.12 13.59 2.35
CA ALA G 219 72.42 13.09 1.91
C ALA G 219 73.24 12.62 3.12
N GLN G 220 73.30 13.45 4.16
CA GLN G 220 74.06 13.15 5.36
C GLN G 220 73.54 11.84 5.98
N LEU G 221 72.21 11.72 6.05
CA LEU G 221 71.60 10.56 6.70
C LEU G 221 71.82 9.30 5.86
N ALA G 222 71.75 9.44 4.54
CA ALA G 222 72.00 8.32 3.65
C ALA G 222 73.43 7.83 3.86
N ASP G 223 74.37 8.79 4.01
CA ASP G 223 75.79 8.50 4.19
C ASP G 223 76.01 7.72 5.47
N HIS G 224 75.10 7.87 6.43
CA HIS G 224 75.22 7.18 7.71
C HIS G 224 74.33 5.94 7.75
N GLY G 225 73.85 5.51 6.58
CA GLY G 225 73.25 4.19 6.41
C GLY G 225 71.71 4.20 6.43
N VAL G 226 71.12 5.39 6.43
CA VAL G 226 69.68 5.55 6.55
C VAL G 226 69.04 5.40 5.16
N LYS G 227 67.90 4.70 5.12
CA LYS G 227 67.23 4.38 3.87
C LYS G 227 66.05 5.31 3.62
N MET G 228 65.40 5.80 4.68
CA MET G 228 64.24 6.66 4.55
C MET G 228 64.38 7.84 5.49
N VAL G 229 64.03 9.03 4.98
CA VAL G 229 63.93 10.21 5.83
C VAL G 229 62.50 10.74 5.79
N LEU G 230 61.94 10.95 6.99
CA LEU G 230 60.56 11.38 7.16
C LEU G 230 60.50 12.85 7.54
N TYR G 231 59.57 13.57 6.89
CA TYR G 231 59.30 14.96 7.17
C TYR G 231 57.81 15.06 7.56
N PRO G 232 57.47 14.66 8.80
CA PRO G 232 56.09 14.33 9.14
C PRO G 232 55.08 15.48 9.13
N ARG G 233 55.52 16.69 9.49
CA ARG G 233 54.59 17.79 9.75
C ARG G 233 55.05 19.08 9.07
N SER G 234 56.14 19.01 8.28
CA SER G 234 56.78 20.20 7.73
C SER G 234 55.78 21.11 7.01
N ALA G 235 55.10 20.56 5.99
CA ALA G 235 54.12 21.31 5.22
C ALA G 235 53.00 21.81 6.14
N ASP G 236 52.46 20.93 7.00
CA ASP G 236 51.35 21.26 7.87
C ASP G 236 51.66 22.53 8.68
N ARG G 237 52.88 22.61 9.24
CA ARG G 237 53.26 23.72 10.09
C ARG G 237 53.26 25.03 9.31
N ALA G 238 53.72 24.98 8.06
CA ALA G 238 53.74 26.16 7.22
C ALA G 238 52.33 26.57 6.83
N MET G 239 51.46 25.56 6.59
CA MET G 239 50.08 25.80 6.23
C MET G 239 49.39 26.54 7.37
N SER G 240 49.64 26.09 8.60
CA SER G 240 48.96 26.65 9.76
C SER G 240 49.33 28.12 9.93
N LYS G 241 50.61 28.45 9.75
CA LYS G 241 51.06 29.82 9.89
C LYS G 241 50.40 30.69 8.81
N ALA G 242 50.37 30.17 7.57
CA ALA G 242 49.86 30.90 6.42
C ALA G 242 48.37 31.19 6.61
N ALA G 243 47.63 30.19 7.12
CA ALA G 243 46.21 30.32 7.37
C ALA G 243 45.96 31.39 8.43
N LEU G 244 46.72 31.31 9.53
CA LEU G 244 46.60 32.26 10.63
C LEU G 244 46.80 33.68 10.11
N ALA G 245 47.81 33.85 9.25
CA ALA G 245 48.17 35.13 8.68
C ALA G 245 46.99 35.70 7.87
N VAL G 246 46.38 34.86 7.04
CA VAL G 246 45.24 35.26 6.24
C VAL G 246 44.10 35.71 7.16
N TYR G 247 43.80 34.88 8.16
CA TYR G 247 42.75 35.19 9.11
C TYR G 247 43.01 36.55 9.77
N GLU G 248 44.26 36.78 10.19
CA GLU G 248 44.61 38.00 10.88
C GLU G 248 44.46 39.20 9.92
N ASP G 249 44.92 39.04 8.67
CA ASP G 249 44.83 40.07 7.66
C ASP G 249 43.37 40.49 7.47
N ILE G 250 42.50 39.50 7.21
CA ILE G 250 41.09 39.75 6.96
C ILE G 250 40.47 40.44 8.17
N LYS G 251 40.88 40.02 9.37
CA LYS G 251 40.29 40.54 10.60
C LYS G 251 40.70 42.00 10.78
N LYS G 252 42.00 42.28 10.60
CA LYS G 252 42.56 43.58 10.93
C LYS G 252 42.20 44.62 9.87
N HIS G 253 42.07 44.20 8.61
CA HIS G 253 42.03 45.12 7.50
C HIS G 253 40.67 45.15 6.79
N GLY G 254 39.81 44.14 7.03
CA GLY G 254 38.49 44.11 6.43
C GLY G 254 38.48 43.63 4.98
N VAL G 255 39.65 43.16 4.52
CA VAL G 255 39.84 42.67 3.16
C VAL G 255 41.17 41.91 3.13
N GLN G 256 41.35 41.06 2.11
CA GLN G 256 42.47 40.13 2.10
C GLN G 256 43.56 40.57 1.13
N THR G 257 43.52 41.84 0.71
CA THR G 257 44.45 42.38 -0.28
C THR G 257 45.89 42.01 0.04
N ALA G 258 46.28 42.15 1.31
CA ALA G 258 47.65 41.96 1.74
C ALA G 258 48.08 40.50 1.64
N SER G 259 47.11 39.58 1.63
CA SER G 259 47.37 38.15 1.64
C SER G 259 47.50 37.58 0.22
N LEU G 260 47.05 38.38 -0.76
CA LEU G 260 46.93 37.94 -2.14
C LEU G 260 48.25 37.39 -2.71
N PRO G 261 49.41 38.03 -2.44
CA PRO G 261 50.68 37.54 -2.97
C PRO G 261 51.08 36.17 -2.40
N PHE G 262 50.44 35.77 -1.29
CA PHE G 262 50.82 34.57 -0.57
C PHE G 262 49.88 33.42 -0.92
N MET G 263 48.96 33.66 -1.86
CA MET G 263 47.97 32.66 -2.23
C MET G 263 48.37 31.97 -3.53
N GLN G 264 48.05 30.68 -3.64
CA GLN G 264 48.20 29.94 -4.86
C GLN G 264 47.13 30.43 -5.84
N THR G 265 47.52 30.65 -7.09
CA THR G 265 46.62 31.14 -8.13
C THR G 265 45.57 30.09 -8.45
N ARG G 266 44.41 30.57 -8.91
CA ARG G 266 43.33 29.69 -9.33
C ARG G 266 43.82 28.79 -10.47
N GLU G 267 44.71 29.34 -11.29
CA GLU G 267 45.26 28.64 -12.44
C GLU G 267 46.07 27.42 -11.99
N ALA G 268 46.91 27.60 -10.96
CA ALA G 268 47.76 26.54 -10.45
C ALA G 268 46.91 25.43 -9.85
N LEU G 269 45.82 25.83 -9.17
CA LEU G 269 44.88 24.91 -8.55
C LEU G 269 44.31 23.96 -9.62
N TYR G 270 43.85 24.53 -10.74
CA TYR G 270 43.26 23.75 -11.83
C TYR G 270 44.31 22.78 -12.38
N GLU G 271 45.56 23.25 -12.44
CA GLU G 271 46.65 22.42 -12.96
C GLU G 271 46.80 21.18 -12.08
N VAL G 272 46.82 21.38 -10.75
CA VAL G 272 47.10 20.30 -9.83
C VAL G 272 45.95 19.29 -9.85
N LEU G 273 44.73 19.80 -9.99
CA LEU G 273 43.53 18.97 -10.02
C LEU G 273 43.36 18.27 -11.36
N ASN G 274 44.22 18.62 -12.33
CA ASN G 274 44.16 18.10 -13.69
C ASN G 274 42.77 18.38 -14.26
N TYR G 275 42.36 19.65 -14.17
CA TYR G 275 40.99 20.09 -14.46
C TYR G 275 40.66 19.90 -15.94
N HIS G 276 41.68 20.05 -16.81
CA HIS G 276 41.46 20.01 -18.24
C HIS G 276 40.97 18.63 -18.68
N ALA G 277 41.31 17.60 -17.89
CA ALA G 277 40.92 16.22 -18.16
C ALA G 277 39.42 16.01 -17.94
N TYR G 278 38.79 16.92 -17.17
CA TYR G 278 37.37 16.86 -16.89
C TYR G 278 36.57 17.55 -17.99
N GLU G 279 37.14 18.61 -18.57
CA GLU G 279 36.48 19.32 -19.68
C GLU G 279 36.54 18.47 -20.94
N ASP G 280 37.53 17.55 -21.00
CA ASP G 280 37.71 16.60 -22.10
C ASP G 280 36.54 15.63 -22.16
N LYS G 281 36.12 15.12 -21.00
CA LYS G 281 35.03 14.16 -20.91
C LYS G 281 33.68 14.88 -21.03
N LEU G 282 33.66 16.20 -20.72
CA LEU G 282 32.45 17.01 -20.73
C LEU G 282 32.01 17.32 -22.17
N ASN G 283 32.92 17.15 -23.14
CA ASN G 283 32.53 17.37 -24.54
C ASN G 283 32.55 16.05 -25.31
N GLN G 284 33.31 15.06 -24.81
CA GLN G 284 33.45 13.78 -25.50
C GLN G 284 32.22 12.91 -25.34
N LEU G 285 31.35 13.22 -24.38
CA LEU G 285 30.09 12.51 -24.19
C LEU G 285 29.03 12.77 -25.29
N SER H 2 44.29 -14.89 -4.04
CA SER H 2 45.09 -15.23 -5.25
C SER H 2 44.44 -14.63 -6.51
N MET H 3 43.13 -14.83 -6.62
CA MET H 3 42.31 -14.32 -7.72
C MET H 3 41.59 -13.04 -7.28
N SER H 4 41.31 -12.16 -8.25
CA SER H 4 40.67 -10.88 -7.97
C SER H 4 39.16 -11.07 -7.78
N PRO H 5 38.46 -10.16 -7.05
CA PRO H 5 37.02 -10.34 -6.82
C PRO H 5 36.23 -10.52 -8.11
N GLY H 6 36.54 -9.68 -9.11
CA GLY H 6 35.91 -9.79 -10.41
C GLY H 6 36.11 -11.18 -11.03
N LYS H 7 37.34 -11.71 -10.94
CA LYS H 7 37.66 -12.99 -11.53
C LYS H 7 36.86 -14.09 -10.83
N LEU H 8 36.73 -13.99 -9.50
CA LEU H 8 36.02 -14.97 -8.71
C LEU H 8 34.54 -15.01 -9.12
N PHE H 9 33.96 -13.82 -9.31
CA PHE H 9 32.58 -13.70 -9.76
C PHE H 9 32.42 -14.34 -11.14
N ARG H 10 33.34 -13.99 -12.06
CA ARG H 10 33.29 -14.50 -13.42
C ARG H 10 33.34 -16.03 -13.39
N GLN H 11 34.16 -16.58 -12.49
CA GLN H 11 34.35 -18.01 -12.42
C GLN H 11 33.09 -18.66 -11.88
N ALA H 12 32.43 -17.99 -10.93
CA ALA H 12 31.21 -18.52 -10.32
C ALA H 12 30.08 -18.55 -11.36
N VAL H 13 30.05 -17.54 -12.23
CA VAL H 13 29.04 -17.44 -13.27
C VAL H 13 29.27 -18.53 -14.31
N ALA H 14 30.53 -18.89 -14.53
CA ALA H 14 30.87 -19.87 -15.55
C ALA H 14 30.54 -21.28 -15.09
N ASN H 15 30.77 -21.57 -13.80
CA ASN H 15 30.80 -22.92 -13.29
C ASN H 15 29.42 -23.36 -12.78
N GLU H 16 28.57 -22.41 -12.38
CA GLU H 16 27.27 -22.74 -11.81
C GLU H 16 26.20 -22.68 -12.88
N HIS H 17 25.17 -23.54 -12.74
CA HIS H 17 24.11 -23.61 -13.73
C HIS H 17 22.75 -23.64 -13.03
N PRO H 18 22.19 -22.48 -12.61
CA PRO H 18 22.87 -21.18 -12.72
C PRO H 18 23.55 -20.80 -11.41
N LEU H 19 24.20 -19.63 -11.40
CA LEU H 19 24.71 -19.08 -10.16
C LEU H 19 23.56 -18.38 -9.44
N GLN H 20 23.23 -18.91 -8.25
CA GLN H 20 22.29 -18.21 -7.38
C GLN H 20 23.05 -17.14 -6.61
N ILE H 21 22.58 -15.90 -6.70
CA ILE H 21 23.15 -14.79 -5.96
C ILE H 21 22.11 -14.31 -4.95
N VAL H 22 22.44 -14.47 -3.65
CA VAL H 22 21.48 -14.13 -2.61
C VAL H 22 21.84 -12.79 -1.98
N GLY H 23 20.80 -11.99 -1.71
CA GLY H 23 20.98 -10.72 -1.03
C GLY H 23 21.31 -10.94 0.44
N ALA H 24 22.25 -10.12 0.93
CA ALA H 24 22.58 -10.03 2.34
C ALA H 24 22.67 -8.56 2.69
N ILE H 25 22.01 -8.14 3.78
CA ILE H 25 21.98 -6.72 4.08
C ILE H 25 23.21 -6.29 4.89
N ASN H 26 23.88 -7.25 5.53
CA ASN H 26 25.02 -6.94 6.37
C ASN H 26 26.02 -8.09 6.36
N ALA H 27 27.16 -7.88 7.01
CA ALA H 27 28.27 -8.82 6.98
C ALA H 27 27.83 -10.17 7.55
N TYR H 28 27.03 -10.14 8.62
CA TYR H 28 26.65 -11.38 9.29
C TYR H 28 25.79 -12.25 8.35
N CYS H 29 24.85 -11.60 7.65
CA CYS H 29 24.01 -12.32 6.71
C CYS H 29 24.87 -12.95 5.63
N ALA H 30 25.91 -12.21 5.21
CA ALA H 30 26.83 -12.69 4.19
C ALA H 30 27.47 -13.99 4.69
N LEU H 31 27.83 -14.01 5.96
CA LEU H 31 28.46 -15.19 6.54
C LEU H 31 27.48 -16.36 6.56
N LEU H 32 26.22 -16.08 6.94
CA LEU H 32 25.20 -17.12 6.92
C LEU H 32 25.07 -17.71 5.52
N ALA H 33 25.01 -16.83 4.50
CA ALA H 33 24.89 -17.27 3.12
C ALA H 33 26.09 -18.12 2.74
N GLU H 34 27.30 -17.65 3.10
CA GLU H 34 28.53 -18.36 2.81
C GLU H 34 28.47 -19.75 3.43
N ASN H 35 27.93 -19.81 4.65
CA ASN H 35 27.85 -21.02 5.44
C ASN H 35 26.98 -22.05 4.73
N VAL H 36 25.88 -21.59 4.15
CA VAL H 36 24.92 -22.46 3.48
C VAL H 36 25.51 -22.95 2.16
N GLY H 37 26.52 -22.23 1.65
CA GLY H 37 27.29 -22.71 0.52
C GLY H 37 27.07 -21.93 -0.78
N PHE H 38 26.52 -20.70 -0.70
CA PHE H 38 26.35 -19.88 -1.89
C PHE H 38 27.71 -19.41 -2.41
N LYS H 39 27.78 -19.16 -3.72
CA LYS H 39 29.05 -18.88 -4.38
C LYS H 39 29.19 -17.39 -4.65
N ALA H 40 28.09 -16.64 -4.49
CA ALA H 40 28.09 -15.19 -4.69
C ALA H 40 26.98 -14.55 -3.84
N ILE H 41 27.19 -13.28 -3.46
CA ILE H 41 26.24 -12.57 -2.63
C ILE H 41 25.96 -11.19 -3.23
N TYR H 42 24.91 -10.55 -2.72
CA TYR H 42 24.36 -9.37 -3.35
C TYR H 42 24.02 -8.30 -2.30
N LEU H 43 24.36 -7.05 -2.63
CA LEU H 43 23.97 -5.91 -1.81
C LEU H 43 22.87 -5.14 -2.55
N SER H 44 21.64 -5.24 -2.01
CA SER H 44 20.45 -4.64 -2.60
C SER H 44 20.41 -3.15 -2.29
N GLY H 45 20.25 -2.35 -3.35
CA GLY H 45 20.07 -0.91 -3.23
C GLY H 45 18.84 -0.56 -2.38
N GLY H 46 17.73 -1.25 -2.65
CA GLY H 46 16.53 -1.12 -1.85
C GLY H 46 16.79 -1.51 -0.40
N GLY H 47 17.60 -2.56 -0.21
CA GLY H 47 18.01 -3.00 1.11
C GLY H 47 18.78 -1.90 1.85
N VAL H 48 19.75 -1.29 1.17
CA VAL H 48 20.58 -0.26 1.77
C VAL H 48 19.68 0.87 2.27
N ALA H 49 18.73 1.27 1.42
CA ALA H 49 17.83 2.36 1.71
C ALA H 49 16.87 1.99 2.85
N ASN H 50 16.13 0.90 2.68
CA ASN H 50 15.10 0.48 3.62
C ASN H 50 15.69 0.28 5.01
N THR H 51 16.92 -0.24 5.08
CA THR H 51 17.56 -0.51 6.35
C THR H 51 17.81 0.80 7.11
N LEU H 52 18.05 1.88 6.36
CA LEU H 52 18.22 3.21 6.92
C LEU H 52 16.86 3.82 7.23
N GLY H 53 15.79 3.16 6.76
CA GLY H 53 14.43 3.65 6.92
C GLY H 53 14.02 4.59 5.79
N LEU H 54 14.71 4.50 4.65
CA LEU H 54 14.39 5.32 3.49
C LEU H 54 13.76 4.43 2.42
N PRO H 55 12.87 4.99 1.56
CA PRO H 55 12.32 4.25 0.43
C PRO H 55 13.34 4.14 -0.70
N ASP H 56 13.13 3.13 -1.56
CA ASP H 56 14.06 2.85 -2.65
C ASP H 56 13.85 3.82 -3.81
N LEU H 57 14.15 5.10 -3.59
CA LEU H 57 13.82 6.15 -4.55
C LEU H 57 15.07 6.92 -4.99
N GLY H 58 16.24 6.27 -4.93
CA GLY H 58 17.50 6.91 -5.27
C GLY H 58 17.79 8.11 -4.38
N ILE H 59 17.47 8.01 -3.09
CA ILE H 59 17.81 9.02 -2.11
C ILE H 59 19.23 8.77 -1.61
N THR H 60 19.59 7.49 -1.52
CA THR H 60 20.92 7.06 -1.14
C THR H 60 21.97 7.52 -2.16
N ASP H 61 23.21 7.69 -1.70
CA ASP H 61 24.32 8.11 -2.54
C ASP H 61 25.43 7.06 -2.48
N LEU H 62 26.55 7.35 -3.15
CA LEU H 62 27.66 6.41 -3.21
C LEU H 62 28.08 5.95 -1.81
N HIS H 63 28.03 6.86 -0.83
CA HIS H 63 28.57 6.56 0.50
C HIS H 63 27.68 5.61 1.29
N ASP H 64 26.35 5.78 1.14
CA ASP H 64 25.41 4.91 1.81
C ASP H 64 25.69 3.46 1.40
N VAL H 65 25.89 3.25 0.10
CA VAL H 65 26.04 1.92 -0.45
C VAL H 65 27.46 1.44 -0.16
N LEU H 66 28.44 2.33 -0.39
CA LEU H 66 29.84 1.96 -0.24
C LEU H 66 30.11 1.46 1.17
N GLU H 67 29.54 2.12 2.18
CA GLU H 67 29.77 1.74 3.56
C GLU H 67 29.26 0.32 3.80
N ASP H 68 28.04 0.04 3.33
CA ASP H 68 27.44 -1.27 3.51
C ASP H 68 28.24 -2.33 2.77
N ALA H 69 28.81 -1.95 1.61
CA ALA H 69 29.57 -2.88 0.78
C ALA H 69 30.89 -3.23 1.49
N ARG H 70 31.55 -2.20 2.02
CA ARG H 70 32.82 -2.36 2.70
C ARG H 70 32.68 -3.34 3.86
N ARG H 71 31.62 -3.15 4.67
CA ARG H 71 31.36 -4.00 5.81
C ARG H 71 31.32 -5.47 5.40
N ILE H 72 30.63 -5.75 4.28
CA ILE H 72 30.45 -7.12 3.81
C ILE H 72 31.77 -7.69 3.31
N THR H 73 32.46 -6.95 2.43
CA THR H 73 33.67 -7.49 1.83
C THR H 73 34.77 -7.64 2.86
N ALA H 74 34.63 -6.93 3.99
CA ALA H 74 35.60 -7.05 5.07
C ALA H 74 35.50 -8.42 5.73
N ALA H 75 34.33 -9.07 5.60
CA ALA H 75 34.00 -10.23 6.40
C ALA H 75 34.05 -11.52 5.56
N THR H 76 34.03 -11.39 4.22
CA THR H 76 34.03 -12.57 3.37
C THR H 76 34.65 -12.24 2.03
N HIS H 77 35.26 -13.27 1.41
CA HIS H 77 35.85 -13.14 0.10
C HIS H 77 34.86 -13.58 -0.98
N LEU H 78 33.68 -14.06 -0.55
CA LEU H 78 32.62 -14.38 -1.50
C LEU H 78 32.38 -13.19 -2.41
N PRO H 79 32.41 -13.37 -3.75
CA PRO H 79 32.21 -12.24 -4.66
C PRO H 79 30.86 -11.57 -4.43
N LEU H 80 30.90 -10.25 -4.26
CA LEU H 80 29.73 -9.46 -3.95
C LEU H 80 29.33 -8.62 -5.17
N LEU H 81 28.05 -8.73 -5.55
CA LEU H 81 27.45 -7.86 -6.54
C LEU H 81 26.75 -6.72 -5.81
N VAL H 82 27.03 -5.48 -6.24
CA VAL H 82 26.52 -4.30 -5.56
C VAL H 82 25.67 -3.48 -6.52
N ASP H 83 24.49 -3.09 -6.02
CA ASP H 83 23.53 -2.29 -6.75
C ASP H 83 23.94 -0.83 -6.65
N ILE H 84 24.26 -0.21 -7.79
CA ILE H 84 24.64 1.20 -7.81
C ILE H 84 23.57 2.05 -8.48
N ASP H 85 22.33 1.56 -8.54
CA ASP H 85 21.20 2.34 -9.04
C ASP H 85 21.55 2.86 -10.44
N THR H 86 21.53 4.20 -10.60
CA THR H 86 21.78 4.80 -11.91
C THR H 86 23.19 5.39 -11.97
N GLY H 87 23.96 5.23 -10.88
CA GLY H 87 25.34 5.69 -10.88
C GLY H 87 25.52 6.96 -10.05
N PHE H 88 24.45 7.41 -9.39
CA PHE H 88 24.49 8.41 -8.33
C PHE H 88 24.68 9.82 -8.86
N GLY H 89 24.89 9.97 -10.17
CA GLY H 89 25.00 11.28 -10.79
C GLY H 89 25.45 11.18 -12.25
N GLY H 90 26.25 12.16 -12.69
CA GLY H 90 26.78 12.18 -14.04
C GLY H 90 27.98 11.25 -14.22
N ALA H 91 28.74 11.49 -15.29
CA ALA H 91 29.79 10.59 -15.73
C ALA H 91 30.91 10.50 -14.69
N PHE H 92 31.16 11.60 -13.97
CA PHE H 92 32.25 11.66 -13.02
C PHE H 92 31.91 10.85 -11.77
N THR H 93 30.65 10.94 -11.36
CA THR H 93 30.14 10.22 -10.20
C THR H 93 30.22 8.71 -10.46
N ILE H 94 29.82 8.30 -11.66
CA ILE H 94 29.85 6.90 -12.07
C ILE H 94 31.29 6.40 -11.98
N ALA H 95 32.23 7.17 -12.55
CA ALA H 95 33.63 6.78 -12.55
C ALA H 95 34.11 6.58 -11.11
N ARG H 96 33.70 7.52 -10.23
CA ARG H 96 34.07 7.47 -8.83
C ARG H 96 33.51 6.20 -8.19
N ALA H 97 32.24 5.90 -8.51
CA ALA H 97 31.55 4.76 -7.97
C ALA H 97 32.29 3.47 -8.34
N ILE H 98 32.69 3.37 -9.61
CA ILE H 98 33.38 2.18 -10.08
C ILE H 98 34.70 2.03 -9.33
N LYS H 99 35.47 3.12 -9.26
CA LYS H 99 36.78 3.10 -8.63
C LYS H 99 36.64 2.73 -7.16
N GLU H 100 35.63 3.29 -6.48
CA GLU H 100 35.47 3.10 -5.05
C GLU H 100 35.04 1.67 -4.73
N MET H 101 34.19 1.12 -5.59
CA MET H 101 33.71 -0.25 -5.43
C MET H 101 34.86 -1.22 -5.63
N GLU H 102 35.73 -0.93 -6.62
CA GLU H 102 36.90 -1.75 -6.86
C GLU H 102 37.77 -1.73 -5.62
N ARG H 103 38.03 -0.51 -5.10
CA ARG H 103 38.87 -0.33 -3.92
C ARG H 103 38.26 -1.07 -2.74
N ALA H 104 36.92 -1.16 -2.71
CA ALA H 104 36.23 -1.78 -1.59
C ALA H 104 36.15 -3.29 -1.76
N GLN H 105 36.88 -3.84 -2.74
CA GLN H 105 37.02 -5.28 -2.95
C GLN H 105 35.71 -5.89 -3.45
N VAL H 106 34.85 -5.09 -4.08
CA VAL H 106 33.60 -5.55 -4.68
C VAL H 106 33.93 -6.26 -5.98
N ALA H 107 33.09 -7.23 -6.36
CA ALA H 107 33.33 -8.05 -7.55
C ALA H 107 32.60 -7.48 -8.75
N ALA H 108 31.38 -6.97 -8.54
CA ALA H 108 30.52 -6.58 -9.65
C ALA H 108 29.49 -5.55 -9.20
N VAL H 109 29.08 -4.69 -10.14
CA VAL H 109 28.00 -3.75 -9.90
C VAL H 109 26.93 -3.92 -10.98
N HIS H 110 25.70 -3.53 -10.67
CA HIS H 110 24.69 -3.34 -11.70
C HIS H 110 24.19 -1.90 -11.70
N MET H 111 24.09 -1.35 -12.90
CA MET H 111 23.64 0.01 -13.15
C MET H 111 22.52 -0.06 -14.18
N GLU H 112 21.45 0.73 -13.99
CA GLU H 112 20.23 0.59 -14.77
C GLU H 112 19.92 1.83 -15.61
N ASP H 113 18.92 1.71 -16.50
CA ASP H 113 18.65 2.71 -17.51
C ASP H 113 17.40 3.54 -17.17
N GLN H 114 17.06 3.62 -15.88
CA GLN H 114 15.99 4.51 -15.45
C GLN H 114 16.53 5.94 -15.34
N VAL H 115 15.62 6.92 -15.34
CA VAL H 115 15.99 8.29 -15.03
C VAL H 115 16.19 8.37 -13.51
N ALA H 116 16.93 9.36 -13.03
CA ALA H 116 16.91 9.77 -11.63
C ALA H 116 15.60 10.47 -11.19
N GLN H 117 14.89 9.84 -10.25
CA GLN H 117 13.43 9.86 -10.15
C GLN H 117 12.86 11.22 -9.77
N LYS H 126 7.88 3.38 -14.39
CA LYS H 126 9.33 3.59 -14.71
C LYS H 126 9.41 4.47 -15.96
N GLU H 127 10.20 5.54 -15.89
CA GLU H 127 10.65 6.27 -17.07
C GLU H 127 12.13 5.95 -17.31
N LEU H 128 12.47 5.71 -18.59
CA LEU H 128 13.81 5.27 -18.94
C LEU H 128 14.55 6.42 -19.62
N VAL H 129 15.88 6.36 -19.56
CA VAL H 129 16.71 7.25 -20.35
C VAL H 129 16.77 6.70 -21.77
N ASN H 130 17.04 7.59 -22.73
CA ASN H 130 17.31 7.22 -24.11
C ASN H 130 18.48 6.25 -24.11
N THR H 131 18.47 5.31 -25.07
CA THR H 131 19.55 4.35 -25.22
C THR H 131 20.92 5.01 -25.16
N ASN H 132 21.05 6.16 -25.82
CA ASN H 132 22.33 6.86 -25.95
C ASN H 132 22.83 7.26 -24.57
N GLU H 133 21.92 7.74 -23.71
CA GLU H 133 22.28 8.20 -22.38
C GLU H 133 22.82 7.04 -21.55
N MET H 134 22.18 5.86 -21.69
CA MET H 134 22.64 4.68 -20.97
C MET H 134 24.02 4.25 -21.47
N VAL H 135 24.26 4.43 -22.77
CA VAL H 135 25.56 4.12 -23.34
C VAL H 135 26.60 5.04 -22.70
N ASP H 136 26.22 6.32 -22.51
CA ASP H 136 27.10 7.30 -21.90
C ASP H 136 27.46 6.84 -20.49
N ARG H 137 26.43 6.44 -19.73
CA ARG H 137 26.63 5.91 -18.39
C ARG H 137 27.60 4.74 -18.44
N ILE H 138 27.39 3.83 -19.39
CA ILE H 138 28.19 2.62 -19.48
C ILE H 138 29.64 2.99 -19.80
N LYS H 139 29.83 3.92 -20.75
CA LYS H 139 31.17 4.29 -21.18
C LYS H 139 31.95 4.88 -20.00
N ALA H 140 31.30 5.79 -19.26
CA ALA H 140 31.89 6.39 -18.07
C ALA H 140 32.43 5.29 -17.15
N ALA H 141 31.63 4.24 -16.95
CA ALA H 141 32.00 3.14 -16.07
C ALA H 141 33.14 2.32 -16.67
N VAL H 142 33.04 2.02 -17.97
CA VAL H 142 33.96 1.10 -18.61
C VAL H 142 35.36 1.72 -18.69
N ASP H 143 35.41 3.06 -18.80
CA ASP H 143 36.65 3.79 -19.07
C ASP H 143 37.62 3.70 -17.88
N VAL H 144 37.10 3.40 -16.69
CA VAL H 144 37.93 3.43 -15.51
C VAL H 144 37.94 2.05 -14.86
N LYS H 145 37.17 1.10 -15.40
CA LYS H 145 37.07 -0.18 -14.72
C LYS H 145 38.24 -1.07 -15.14
N SER H 146 38.72 -1.91 -14.21
CA SER H 146 39.69 -2.92 -14.55
C SER H 146 39.04 -4.00 -15.41
N ASN H 147 39.86 -4.89 -15.97
CA ASN H 147 39.38 -5.94 -16.85
C ASN H 147 38.52 -6.94 -16.07
N ASP H 148 39.02 -7.36 -14.90
CA ASP H 148 38.41 -8.43 -14.13
C ASP H 148 37.05 -8.00 -13.58
N PHE H 149 36.94 -6.74 -13.18
CA PHE H 149 35.75 -6.22 -12.53
C PHE H 149 34.55 -6.32 -13.48
N VAL H 150 33.38 -6.62 -12.92
CA VAL H 150 32.22 -6.95 -13.72
C VAL H 150 31.19 -5.82 -13.65
N LEU H 151 30.88 -5.26 -14.83
CA LEU H 151 29.77 -4.33 -14.99
C LEU H 151 28.58 -5.07 -15.59
N ILE H 152 27.50 -5.13 -14.80
CA ILE H 152 26.23 -5.64 -15.29
C ILE H 152 25.33 -4.44 -15.64
N ALA H 153 24.97 -4.34 -16.92
CA ALA H 153 24.01 -3.33 -17.33
C ALA H 153 22.59 -3.90 -17.14
N ARG H 154 21.76 -3.13 -16.44
CA ARG H 154 20.40 -3.54 -16.13
C ARG H 154 19.44 -2.70 -16.97
N THR H 155 18.50 -3.38 -17.63
CA THR H 155 17.49 -2.67 -18.40
C THR H 155 16.11 -2.88 -17.78
N ASP H 156 15.37 -1.78 -17.64
CA ASP H 156 14.05 -1.77 -17.03
C ASP H 156 13.00 -1.61 -18.14
N ALA H 157 13.39 -1.93 -19.37
CA ALA H 157 12.66 -1.52 -20.56
C ALA H 157 11.52 -2.47 -20.92
N TYR H 158 11.55 -3.70 -20.39
CA TYR H 158 10.56 -4.68 -20.78
C TYR H 158 9.14 -4.16 -20.55
N ALA H 159 8.85 -3.74 -19.31
CA ALA H 159 7.50 -3.33 -18.94
C ALA H 159 7.03 -2.17 -19.81
N VAL H 160 7.94 -1.26 -20.15
CA VAL H 160 7.59 -0.01 -20.81
C VAL H 160 7.52 -0.21 -22.32
N GLU H 161 8.50 -0.92 -22.88
CA GLU H 161 8.78 -0.85 -24.31
C GLU H 161 8.66 -2.20 -25.01
N GLY H 162 8.52 -3.29 -24.22
CA GLY H 162 8.34 -4.62 -24.79
C GLY H 162 9.65 -5.29 -25.18
N LEU H 163 9.57 -6.60 -25.45
CA LEU H 163 10.73 -7.48 -25.51
C LEU H 163 11.73 -7.05 -26.57
N LYS H 164 11.26 -6.66 -27.75
CA LYS H 164 12.16 -6.39 -28.86
C LYS H 164 13.04 -5.18 -28.56
N ALA H 165 12.41 -4.10 -28.06
CA ALA H 165 13.10 -2.86 -27.73
C ALA H 165 14.13 -3.10 -26.64
N THR H 166 13.80 -4.00 -25.69
CA THR H 166 14.62 -4.35 -24.56
C THR H 166 15.87 -5.09 -25.03
N ILE H 167 15.68 -6.04 -25.96
CA ILE H 167 16.78 -6.80 -26.50
C ILE H 167 17.73 -5.85 -27.24
N ASP H 168 17.14 -4.91 -27.98
CA ASP H 168 17.91 -3.93 -28.75
C ASP H 168 18.83 -3.16 -27.81
N ARG H 169 18.26 -2.61 -26.73
CA ARG H 169 18.98 -1.86 -25.72
C ARG H 169 20.12 -2.72 -25.16
N ALA H 170 19.76 -3.91 -24.64
CA ALA H 170 20.72 -4.79 -23.99
C ALA H 170 21.92 -5.02 -24.91
N CYS H 171 21.63 -5.23 -26.21
CA CYS H 171 22.67 -5.54 -27.17
C CYS H 171 23.60 -4.34 -27.33
N THR H 172 23.01 -3.14 -27.43
CA THR H 172 23.75 -1.89 -27.51
C THR H 172 24.60 -1.72 -26.26
N TYR H 173 24.04 -2.07 -25.10
CA TYR H 173 24.75 -1.95 -23.84
C TYR H 173 25.99 -2.85 -23.85
N VAL H 174 25.85 -4.06 -24.41
CA VAL H 174 26.96 -4.99 -24.47
C VAL H 174 28.04 -4.41 -25.38
N GLU H 175 27.62 -3.81 -26.49
CA GLU H 175 28.54 -3.20 -27.44
C GLU H 175 29.26 -2.02 -26.80
N ALA H 176 28.59 -1.37 -25.84
CA ALA H 176 29.14 -0.18 -25.18
C ALA H 176 30.14 -0.57 -24.09
N GLY H 177 30.22 -1.87 -23.76
CA GLY H 177 31.26 -2.37 -22.88
C GLY H 177 30.73 -3.17 -21.67
N ALA H 178 29.40 -3.31 -21.57
CA ALA H 178 28.79 -4.05 -20.47
C ALA H 178 29.20 -5.52 -20.52
N ASP H 179 29.51 -6.09 -19.35
CA ASP H 179 30.01 -7.45 -19.27
C ASP H 179 28.86 -8.45 -19.26
N MET H 180 27.76 -8.07 -18.61
CA MET H 180 26.64 -8.97 -18.39
C MET H 180 25.36 -8.14 -18.35
N ILE H 181 24.20 -8.82 -18.47
CA ILE H 181 22.93 -8.14 -18.57
C ILE H 181 21.95 -8.61 -17.49
N PHE H 182 21.29 -7.62 -16.89
CA PHE H 182 20.28 -7.81 -15.87
C PHE H 182 18.94 -7.49 -16.53
N ALA H 183 18.13 -8.53 -16.76
CA ALA H 183 16.86 -8.41 -17.45
C ALA H 183 15.73 -8.29 -16.42
N GLU H 184 15.35 -7.06 -16.10
CA GLU H 184 14.41 -6.80 -15.03
C GLU H 184 12.98 -7.08 -15.50
N ALA H 185 12.33 -8.02 -14.79
CA ALA H 185 10.89 -8.21 -14.81
C ALA H 185 10.37 -8.68 -16.18
N LEU H 186 11.07 -9.64 -16.80
CA LEU H 186 10.49 -10.41 -17.88
C LEU H 186 9.36 -11.24 -17.28
N GLU H 187 8.20 -11.20 -17.95
CA GLU H 187 6.98 -11.75 -17.36
C GLU H 187 6.77 -13.20 -17.76
N ASN H 188 7.42 -13.62 -18.85
CA ASN H 188 7.19 -14.94 -19.40
C ASN H 188 8.51 -15.68 -19.52
N ILE H 189 8.59 -16.88 -18.93
CA ILE H 189 9.78 -17.71 -18.95
C ILE H 189 10.29 -17.88 -20.38
N ASN H 190 9.37 -17.90 -21.36
CA ASN H 190 9.75 -18.25 -22.72
C ASN H 190 10.31 -17.03 -23.45
N ASP H 191 10.44 -15.91 -22.74
CA ASP H 191 11.12 -14.74 -23.28
C ASP H 191 12.65 -14.92 -23.16
N TYR H 192 13.09 -15.66 -22.14
CA TYR H 192 14.49 -15.71 -21.78
C TYR H 192 15.33 -16.31 -22.90
N PRO H 193 14.96 -17.46 -23.50
CA PRO H 193 15.82 -18.12 -24.49
C PRO H 193 16.12 -17.19 -25.67
N THR H 194 15.10 -16.46 -26.13
CA THR H 194 15.27 -15.48 -27.19
C THR H 194 16.27 -14.41 -26.73
N PHE H 195 16.07 -13.90 -25.51
CA PHE H 195 16.80 -12.78 -24.96
C PHE H 195 18.26 -13.16 -24.75
N CYS H 196 18.48 -14.35 -24.18
CA CYS H 196 19.82 -14.80 -23.84
C CYS H 196 20.62 -15.05 -25.10
N LYS H 197 19.98 -15.67 -26.11
CA LYS H 197 20.65 -15.98 -27.37
C LYS H 197 21.07 -14.69 -28.06
N ALA H 198 20.23 -13.65 -27.93
CA ALA H 198 20.45 -12.39 -28.61
C ALA H 198 21.64 -11.63 -28.01
N VAL H 199 21.70 -11.55 -26.68
CA VAL H 199 22.70 -10.69 -26.04
C VAL H 199 24.04 -11.40 -25.82
N LYS H 200 24.09 -12.72 -26.00
CA LYS H 200 25.31 -13.51 -25.99
C LYS H 200 25.98 -13.58 -24.61
N VAL H 201 26.00 -12.48 -23.84
CA VAL H 201 26.71 -12.46 -22.57
C VAL H 201 25.83 -13.08 -21.48
N PRO H 202 26.39 -13.44 -20.31
CA PRO H 202 25.58 -13.96 -19.20
C PRO H 202 24.43 -13.02 -18.81
N VAL H 203 23.28 -13.61 -18.51
CA VAL H 203 22.08 -12.87 -18.18
C VAL H 203 21.66 -13.20 -16.74
N LEU H 204 21.25 -12.15 -16.01
CA LEU H 204 20.76 -12.32 -14.66
C LEU H 204 19.24 -12.12 -14.68
N ALA H 205 18.54 -13.01 -13.95
CA ALA H 205 17.10 -12.91 -13.78
C ALA H 205 16.81 -12.58 -12.32
N ASN H 206 15.88 -11.63 -12.11
CA ASN H 206 15.57 -11.16 -10.78
C ASN H 206 14.35 -11.88 -10.22
N MET H 207 14.58 -12.86 -9.34
CA MET H 207 13.51 -13.67 -8.79
C MET H 207 13.03 -13.12 -7.45
N THR H 208 12.70 -11.81 -7.42
CA THR H 208 12.17 -11.21 -6.21
C THR H 208 10.72 -11.67 -6.00
N GLU H 209 10.28 -11.76 -4.74
CA GLU H 209 8.92 -12.16 -4.37
C GLU H 209 8.02 -10.93 -4.34
N PHE H 210 6.70 -11.19 -4.44
CA PHE H 210 5.67 -10.18 -4.28
C PHE H 210 5.80 -9.10 -5.34
N GLY H 211 6.40 -9.45 -6.50
CA GLY H 211 6.59 -8.51 -7.58
C GLY H 211 5.56 -8.72 -8.68
N LYS H 212 5.90 -8.27 -9.91
CA LYS H 212 5.04 -8.50 -11.06
C LYS H 212 5.40 -9.84 -11.69
N THR H 213 6.70 -10.16 -11.65
CA THR H 213 7.26 -11.43 -12.10
C THR H 213 6.71 -12.58 -11.26
N PRO H 214 6.42 -13.77 -11.85
CA PRO H 214 6.14 -14.97 -11.06
C PRO H 214 7.44 -15.68 -10.70
N LEU H 215 7.36 -16.64 -9.76
CA LEU H 215 8.55 -17.30 -9.27
C LEU H 215 8.81 -18.57 -10.08
N TYR H 216 9.99 -18.62 -10.71
CA TYR H 216 10.49 -19.81 -11.35
C TYR H 216 11.66 -20.37 -10.56
N THR H 217 12.00 -21.63 -10.79
CA THR H 217 13.13 -22.25 -10.11
C THR H 217 14.43 -21.89 -10.82
N ALA H 218 15.53 -21.98 -10.08
CA ALA H 218 16.87 -21.80 -10.63
C ALA H 218 17.03 -22.70 -11.87
N ALA H 219 16.65 -23.99 -11.70
CA ALA H 219 16.77 -24.99 -12.73
C ALA H 219 16.00 -24.57 -13.98
N GLN H 220 14.75 -24.12 -13.77
CA GLN H 220 13.88 -23.71 -14.85
C GLN H 220 14.54 -22.57 -15.63
N LEU H 221 15.09 -21.60 -14.90
CA LEU H 221 15.66 -20.41 -15.51
C LEU H 221 16.96 -20.77 -16.24
N ALA H 222 17.75 -21.67 -15.67
CA ALA H 222 18.97 -22.13 -16.33
C ALA H 222 18.61 -22.78 -17.66
N ASP H 223 17.52 -23.57 -17.66
CA ASP H 223 17.05 -24.30 -18.82
C ASP H 223 16.63 -23.33 -19.93
N HIS H 224 16.26 -22.10 -19.54
CA HIS H 224 15.84 -21.10 -20.50
C HIS H 224 16.96 -20.12 -20.81
N GLY H 225 18.20 -20.48 -20.40
CA GLY H 225 19.41 -19.82 -20.86
C GLY H 225 19.97 -18.80 -19.88
N VAL H 226 19.42 -18.76 -18.67
CA VAL H 226 19.82 -17.77 -17.66
C VAL H 226 21.07 -18.26 -16.92
N LYS H 227 21.99 -17.34 -16.66
CA LYS H 227 23.27 -17.66 -16.03
C LYS H 227 23.28 -17.33 -14.55
N MET H 228 22.54 -16.29 -14.14
CA MET H 228 22.50 -15.87 -12.75
C MET H 228 21.04 -15.66 -12.32
N VAL H 229 20.72 -16.15 -11.11
CA VAL H 229 19.42 -15.87 -10.51
C VAL H 229 19.64 -15.10 -9.21
N LEU H 230 18.94 -13.97 -9.08
CA LEU H 230 19.09 -13.06 -7.97
C LEU H 230 17.90 -13.18 -7.01
N TYR H 231 18.21 -13.23 -5.71
CA TYR H 231 17.21 -13.28 -4.65
C TYR H 231 17.45 -12.07 -3.76
N PRO H 232 17.04 -10.86 -4.21
CA PRO H 232 17.54 -9.61 -3.64
C PRO H 232 17.17 -9.32 -2.19
N ARG H 233 15.96 -9.73 -1.76
CA ARG H 233 15.44 -9.28 -0.49
C ARG H 233 14.87 -10.43 0.36
N SER H 234 15.02 -11.66 -0.13
CA SER H 234 14.33 -12.82 0.42
C SER H 234 14.58 -12.95 1.93
N ALA H 235 15.86 -13.05 2.32
CA ALA H 235 16.23 -13.15 3.72
C ALA H 235 15.75 -11.94 4.51
N ASP H 236 15.96 -10.73 3.97
CA ASP H 236 15.60 -9.49 4.64
C ASP H 236 14.13 -9.52 5.07
N ARG H 237 13.26 -9.96 4.15
CA ARG H 237 11.82 -9.96 4.39
C ARG H 237 11.47 -10.88 5.55
N ALA H 238 12.14 -12.04 5.60
CA ALA H 238 11.90 -13.00 6.67
C ALA H 238 12.42 -12.45 8.00
N MET H 239 13.56 -11.75 7.94
CA MET H 239 14.17 -11.15 9.12
C MET H 239 13.19 -10.14 9.73
N SER H 240 12.60 -9.32 8.87
CA SER H 240 11.75 -8.24 9.33
C SER H 240 10.53 -8.81 10.08
N LYS H 241 9.94 -9.87 9.51
CA LYS H 241 8.79 -10.49 10.13
C LYS H 241 9.18 -11.08 11.50
N ALA H 242 10.33 -11.75 11.53
CA ALA H 242 10.80 -12.45 12.73
C ALA H 242 11.07 -11.44 13.85
N ALA H 243 11.66 -10.30 13.48
CA ALA H 243 11.97 -9.23 14.42
C ALA H 243 10.67 -8.69 15.01
N LEU H 244 9.71 -8.38 14.12
CA LEU H 244 8.44 -7.83 14.53
C LEU H 244 7.76 -8.78 15.52
N ALA H 245 7.82 -10.08 15.24
CA ALA H 245 7.23 -11.11 16.07
C ALA H 245 7.83 -11.07 17.48
N VAL H 246 9.16 -10.98 17.56
CA VAL H 246 9.83 -10.93 18.85
C VAL H 246 9.38 -9.68 19.62
N TYR H 247 9.37 -8.53 18.93
CA TYR H 247 8.94 -7.27 19.52
C TYR H 247 7.52 -7.41 20.08
N GLU H 248 6.64 -8.02 19.28
CA GLU H 248 5.25 -8.17 19.68
C GLU H 248 5.15 -9.10 20.89
N ASP H 249 5.89 -10.21 20.88
CA ASP H 249 5.93 -11.16 21.97
C ASP H 249 6.31 -10.45 23.27
N ILE H 250 7.45 -9.74 23.25
CA ILE H 250 7.94 -9.05 24.42
C ILE H 250 6.92 -8.03 24.91
N LYS H 251 6.27 -7.35 23.96
CA LYS H 251 5.33 -6.29 24.30
C LYS H 251 4.10 -6.88 24.97
N LYS H 252 3.55 -7.96 24.39
CA LYS H 252 2.28 -8.51 24.80
C LYS H 252 2.42 -9.32 26.09
N HIS H 253 3.59 -9.96 26.29
CA HIS H 253 3.72 -10.98 27.30
C HIS H 253 4.67 -10.58 28.43
N GLY H 254 5.48 -9.53 28.23
CA GLY H 254 6.38 -9.03 29.27
C GLY H 254 7.66 -9.87 29.42
N VAL H 255 7.86 -10.80 28.48
CA VAL H 255 9.01 -11.69 28.45
C VAL H 255 9.03 -12.37 27.08
N GLN H 256 10.20 -12.90 26.71
CA GLN H 256 10.40 -13.38 25.34
C GLN H 256 10.37 -14.91 25.27
N THR H 257 9.85 -15.55 26.32
CA THR H 257 9.83 -17.01 26.42
C THR H 257 9.30 -17.65 25.13
N ALA H 258 8.23 -17.09 24.58
CA ALA H 258 7.53 -17.67 23.45
C ALA H 258 8.37 -17.57 22.18
N SER H 259 9.34 -16.64 22.15
CA SER H 259 10.14 -16.38 20.97
C SER H 259 11.40 -17.27 20.94
N LEU H 260 11.72 -17.86 22.10
CA LEU H 260 12.97 -18.57 22.30
C LEU H 260 13.19 -19.68 21.26
N PRO H 261 12.16 -20.47 20.88
CA PRO H 261 12.37 -21.53 19.88
C PRO H 261 12.69 -20.98 18.49
N PHE H 262 12.45 -19.69 18.28
CA PHE H 262 12.61 -19.07 16.97
C PHE H 262 13.92 -18.30 16.88
N MET H 263 14.73 -18.40 17.94
CA MET H 263 16.00 -17.68 18.01
C MET H 263 17.16 -18.62 17.67
N GLN H 264 18.18 -18.07 17.02
CA GLN H 264 19.41 -18.81 16.79
C GLN H 264 20.13 -18.95 18.12
N THR H 265 20.65 -20.16 18.39
CA THR H 265 21.33 -20.45 19.64
C THR H 265 22.64 -19.66 19.72
N ARG H 266 23.07 -19.37 20.95
CA ARG H 266 24.33 -18.68 21.18
C ARG H 266 25.48 -19.50 20.57
N GLU H 267 25.33 -20.83 20.62
CA GLU H 267 26.34 -21.75 20.12
C GLU H 267 26.51 -21.60 18.61
N ALA H 268 25.39 -21.50 17.88
CA ALA H 268 25.42 -21.38 16.43
C ALA H 268 26.07 -20.04 16.03
N LEU H 269 25.78 -18.99 16.82
CA LEU H 269 26.33 -17.67 16.60
C LEU H 269 27.86 -17.74 16.64
N TYR H 270 28.41 -18.39 17.67
CA TYR H 270 29.86 -18.53 17.84
C TYR H 270 30.44 -19.30 16.66
N GLU H 271 29.71 -20.29 16.18
CA GLU H 271 30.16 -21.09 15.06
C GLU H 271 30.33 -20.20 13.83
N VAL H 272 29.32 -19.35 13.55
CA VAL H 272 29.30 -18.54 12.35
C VAL H 272 30.42 -17.50 12.41
N LEU H 273 30.66 -16.97 13.61
CA LEU H 273 31.67 -15.94 13.82
C LEU H 273 33.07 -16.55 13.85
N ASN H 274 33.15 -17.89 13.81
CA ASN H 274 34.40 -18.62 13.91
C ASN H 274 35.11 -18.22 15.20
N TYR H 275 34.39 -18.26 16.32
CA TYR H 275 34.79 -17.68 17.59
C TYR H 275 35.98 -18.43 18.19
N HIS H 276 36.05 -19.73 17.93
CA HIS H 276 37.08 -20.58 18.52
C HIS H 276 38.46 -20.15 17.99
N ALA H 277 38.52 -19.51 16.82
CA ALA H 277 39.76 -19.04 16.22
C ALA H 277 40.30 -17.83 16.97
N TYR H 278 39.43 -17.16 17.74
CA TYR H 278 39.82 -15.99 18.53
C TYR H 278 40.34 -16.42 19.90
N GLU H 279 39.80 -17.52 20.43
CA GLU H 279 40.28 -18.05 21.72
C GLU H 279 41.65 -18.70 21.53
N ASP H 280 41.94 -19.13 20.28
CA ASP H 280 43.22 -19.69 19.88
C ASP H 280 44.33 -18.66 20.00
N LYS H 281 44.08 -17.43 19.54
CA LYS H 281 45.05 -16.35 19.59
C LYS H 281 45.11 -15.76 21.01
N LEU H 282 44.04 -15.93 21.80
CA LEU H 282 43.93 -15.40 23.15
C LEU H 282 44.83 -16.18 24.12
N ASN H 283 45.27 -17.39 23.73
CA ASN H 283 46.17 -18.15 24.59
C ASN H 283 47.55 -18.28 23.95
N GLN H 284 47.61 -18.12 22.63
CA GLN H 284 48.82 -18.45 21.84
C GLN H 284 49.90 -17.40 22.03
N LEU H 285 49.53 -16.19 22.48
CA LEU H 285 50.51 -15.13 22.69
C LEU H 285 51.12 -15.18 24.09
N PHE H 286 50.42 -15.84 25.03
CA PHE H 286 50.93 -16.08 26.37
C PHE H 286 51.75 -17.36 26.43
N LYS H 287 51.94 -18.04 25.29
CA LYS H 287 52.64 -19.32 25.25
C LYS H 287 54.16 -19.10 25.45
#